data_5F2V
#
_entry.id   5F2V
#
_cell.length_a   116.671
_cell.length_b   103.631
_cell.length_c   138.290
_cell.angle_alpha   90.00
_cell.angle_beta   104.84
_cell.angle_gamma   90.00
#
_symmetry.space_group_name_H-M   'P 1 21 1'
#
loop_
_entity.id
_entity.type
_entity.pdbx_description
1 polymer 'GTP pyrophosphokinase YjbM'
2 non-polymer 'DIPHOSPHOMETHYLPHOSPHONIC ACID ADENOSYL ESTER'
3 non-polymer 'MAGNESIUM ION'
4 water water
#
_entity_poly.entity_id   1
_entity_poly.type   'polypeptide(L)'
_entity_poly.pdbx_seq_one_letter_code
;DKQWERFLVPYRQAVEELKVKLKGIRTLYEYEDDHSPIEFVTGRVKPVASILEKARRKSIPLHEIETMQDIAGLRIMCQF
VDDIQIVKEMLFARKDFTVVDQRDYIAEHKESGYRSYHLVVLYPLQTVSGEKHVLVEIQIRTLAMNFWATIEHSLNYKYS
GNIPEKVKLRLQRASEAASRLDEEMSEIRGEVQEAQAAFSRKKKGSEQQ
;
_entity_poly.pdbx_strand_id   V,X,T,S,Y,O,Z,W,U,P,R,Q
#
loop_
_chem_comp.id
_chem_comp.type
_chem_comp.name
_chem_comp.formula
APC non-polymer 'DIPHOSPHOMETHYLPHOSPHONIC ACID ADENOSYL ESTER' 'C11 H18 N5 O12 P3'
MG non-polymer 'MAGNESIUM ION' 'Mg 2'
#
# COMPACT_ATOMS: atom_id res chain seq x y z
N ASP A 1 25.04 6.50 -5.70
CA ASP A 1 24.81 5.33 -6.54
C ASP A 1 25.55 4.07 -6.05
N LYS A 2 26.51 4.27 -5.14
CA LYS A 2 27.04 3.14 -4.38
C LYS A 2 25.99 2.78 -3.33
N GLN A 3 25.05 3.68 -3.14
CA GLN A 3 23.90 3.44 -2.31
C GLN A 3 23.08 2.30 -2.89
N TRP A 4 23.04 2.22 -4.21
CA TRP A 4 22.27 1.19 -4.89
C TRP A 4 22.73 -0.19 -4.44
N GLU A 5 24.02 -0.46 -4.55
CA GLU A 5 24.53 -1.74 -4.08
C GLU A 5 24.15 -1.96 -2.63
N ARG A 6 24.36 -0.96 -1.80
CA ARG A 6 24.01 -1.09 -0.39
C ARG A 6 22.51 -1.26 -0.24
N PHE A 7 21.75 -0.59 -1.09
CA PHE A 7 20.30 -0.64 -1.01
C PHE A 7 19.74 -2.02 -1.37
N LEU A 8 20.28 -2.61 -2.43
CA LEU A 8 19.77 -3.86 -3.01
C LEU A 8 20.19 -5.11 -2.26
N VAL A 9 21.06 -4.96 -1.26
CA VAL A 9 21.51 -6.08 -0.47
C VAL A 9 20.34 -6.92 0.05
N PRO A 10 19.40 -6.29 0.80
CA PRO A 10 18.35 -7.17 1.30
C PRO A 10 17.56 -7.86 0.17
N TYR A 11 17.40 -7.23 -0.99
CA TYR A 11 16.65 -7.87 -2.09
C TYR A 11 17.37 -9.08 -2.64
N ARG A 12 18.67 -9.00 -2.92
CA ARG A 12 19.41 -10.18 -3.34
C ARG A 12 19.24 -11.32 -2.34
N GLN A 13 19.38 -11.00 -1.06
CA GLN A 13 19.31 -12.00 -0.02
C GLN A 13 17.95 -12.68 0.00
N ALA A 14 16.89 -11.88 -0.11
CA ALA A 14 15.53 -12.41 -0.09
C ALA A 14 15.31 -13.30 -1.31
N VAL A 15 15.75 -12.84 -2.47
CA VAL A 15 15.61 -13.65 -3.68
C VAL A 15 16.39 -14.95 -3.52
N GLU A 16 17.57 -14.85 -2.91
CA GLU A 16 18.43 -16.03 -2.73
C GLU A 16 17.75 -17.05 -1.83
N GLU A 17 17.06 -16.57 -0.80
CA GLU A 17 16.42 -17.43 0.18
C GLU A 17 15.17 -18.07 -0.37
N LEU A 18 14.36 -17.27 -1.06
CA LEU A 18 13.12 -17.76 -1.67
C LEU A 18 13.50 -18.79 -2.72
N LYS A 19 14.57 -18.49 -3.46
CA LYS A 19 15.06 -19.37 -4.52
C LYS A 19 15.29 -20.77 -4.00
N VAL A 20 16.08 -20.89 -2.93
CA VAL A 20 16.36 -22.20 -2.30
C VAL A 20 15.11 -22.86 -1.71
N LYS A 21 14.16 -22.05 -1.24
CA LYS A 21 12.95 -22.58 -0.63
C LYS A 21 11.98 -23.10 -1.67
N LEU A 22 11.78 -22.36 -2.75
CA LEU A 22 10.85 -22.78 -3.81
C LEU A 22 11.39 -23.98 -4.59
N LYS A 23 12.72 -24.07 -4.71
CA LYS A 23 13.34 -25.18 -5.42
C LYS A 23 13.25 -26.44 -4.57
N GLY A 24 12.79 -26.27 -3.34
CA GLY A 24 12.67 -27.39 -2.42
C GLY A 24 11.39 -28.14 -2.66
N ILE A 25 10.41 -27.45 -3.24
CA ILE A 25 9.16 -28.08 -3.60
C ILE A 25 9.41 -29.19 -4.60
N ARG A 26 10.12 -28.88 -5.69
CA ARG A 26 10.38 -29.90 -6.70
C ARG A 26 11.13 -31.07 -6.06
N THR A 27 12.11 -30.77 -5.20
CA THR A 27 12.83 -31.84 -4.49
C THR A 27 11.89 -32.72 -3.66
N LEU A 28 10.96 -32.12 -2.94
CA LEU A 28 10.05 -32.86 -2.07
C LEU A 28 9.25 -33.90 -2.84
N TYR A 29 8.81 -33.52 -4.03
CA TYR A 29 8.06 -34.43 -4.89
C TYR A 29 8.95 -35.52 -5.43
N GLU A 30 9.85 -35.18 -6.37
CA GLU A 30 10.78 -36.14 -6.96
C GLU A 30 11.56 -36.92 -5.89
N TYR A 31 10.78 -37.49 -4.96
CA TYR A 31 11.19 -38.48 -3.98
C TYR A 31 9.91 -39.19 -3.52
N GLU A 32 8.83 -38.43 -3.45
CA GLU A 32 7.53 -38.96 -3.04
C GLU A 32 6.66 -39.29 -4.27
N ASP A 34 5.85 -38.74 -7.33
CA ASP A 34 4.72 -38.03 -7.91
C ASP A 34 5.18 -36.93 -8.87
N HIS A 35 4.22 -36.27 -9.51
CA HIS A 35 4.53 -35.22 -10.47
C HIS A 35 4.71 -33.90 -9.74
N SER A 36 5.87 -33.28 -9.92
CA SER A 36 6.11 -31.96 -9.36
C SER A 36 5.39 -30.91 -10.18
N PRO A 37 4.65 -30.02 -9.50
CA PRO A 37 3.99 -28.93 -10.21
C PRO A 37 4.98 -27.85 -10.60
N ILE A 38 6.23 -28.00 -10.15
CA ILE A 38 7.29 -27.06 -10.48
C ILE A 38 8.39 -27.72 -11.30
N GLU A 39 8.75 -27.07 -12.42
CA GLU A 39 9.83 -27.55 -13.27
C GLU A 39 11.13 -26.90 -12.86
N PHE A 40 11.19 -25.58 -12.94
CA PHE A 40 12.36 -24.92 -12.44
C PHE A 40 12.02 -23.52 -11.98
N VAL A 41 12.96 -22.90 -11.28
CA VAL A 41 12.74 -21.62 -10.66
C VAL A 41 13.86 -20.67 -10.98
N THR A 42 13.50 -19.42 -11.22
CA THR A 42 14.52 -18.41 -11.37
C THR A 42 14.14 -17.20 -10.53
N GLY A 43 15.10 -16.31 -10.36
CA GLY A 43 14.90 -15.12 -9.57
C GLY A 43 15.86 -14.05 -10.05
N ARG A 44 15.49 -12.81 -9.82
CA ARG A 44 16.36 -11.75 -10.27
C ARG A 44 16.15 -10.49 -9.42
N VAL A 45 17.24 -9.76 -9.21
CA VAL A 45 17.08 -8.47 -8.59
C VAL A 45 16.95 -7.47 -9.71
N LYS A 46 15.82 -6.77 -9.73
CA LYS A 46 15.57 -5.78 -10.76
C LYS A 46 16.76 -4.83 -10.85
N PRO A 47 17.40 -4.77 -12.03
CA PRO A 47 18.63 -3.96 -12.19
C PRO A 47 18.35 -2.45 -12.08
N VAL A 48 19.40 -1.68 -11.75
CA VAL A 48 19.22 -0.30 -11.29
C VAL A 48 18.56 0.56 -12.36
N ALA A 49 18.93 0.31 -13.61
CA ALA A 49 18.34 1.05 -14.72
C ALA A 49 16.81 0.88 -14.81
N SER A 50 16.31 -0.32 -14.55
CA SER A 50 14.87 -0.59 -14.70
C SER A 50 14.13 0.08 -13.57
N ILE A 51 14.70 -0.02 -12.37
CA ILE A 51 14.13 0.59 -11.18
C ILE A 51 13.85 2.06 -11.45
N LEU A 52 14.88 2.75 -11.91
CA LEU A 52 14.78 4.15 -12.27
C LEU A 52 13.74 4.43 -13.39
N GLU A 53 13.80 3.68 -14.49
CA GLU A 53 12.83 3.88 -15.58
C GLU A 53 11.40 3.58 -15.18
N LYS A 54 11.21 2.51 -14.42
CA LYS A 54 9.86 2.16 -13.94
C LYS A 54 9.35 3.26 -13.04
N ALA A 55 10.26 3.82 -12.25
CA ALA A 55 9.94 4.82 -11.26
C ALA A 55 9.45 6.09 -11.94
N ARG A 56 10.18 6.53 -12.96
CA ARG A 56 9.69 7.61 -13.81
C ARG A 56 8.30 7.28 -14.33
N ARG A 57 8.19 6.18 -15.09
CA ARG A 57 6.91 5.77 -15.66
C ARG A 57 5.78 5.94 -14.65
N LYS A 58 5.87 5.18 -13.56
CA LYS A 58 4.82 5.16 -12.55
C LYS A 58 4.88 6.40 -11.64
N SER A 59 5.81 7.30 -11.95
CA SER A 59 6.02 8.56 -11.22
C SER A 59 6.18 8.31 -9.71
N ILE A 60 7.20 7.53 -9.37
CA ILE A 60 7.54 7.25 -7.99
C ILE A 60 8.85 7.95 -7.62
N PRO A 61 8.85 8.68 -6.50
CA PRO A 61 10.03 9.42 -6.05
C PRO A 61 11.02 8.51 -5.32
N LEU A 62 12.30 8.85 -5.31
CA LEU A 62 13.30 7.95 -4.72
C LEU A 62 13.04 7.50 -3.27
N HIS A 63 12.29 8.28 -2.50
CA HIS A 63 12.04 7.93 -1.12
C HIS A 63 10.85 6.98 -0.99
N GLU A 64 10.40 6.44 -2.11
CA GLU A 64 9.33 5.45 -2.07
C GLU A 64 9.62 4.22 -2.92
N ILE A 65 10.78 4.15 -3.58
CA ILE A 65 10.99 3.05 -4.51
C ILE A 65 10.93 1.74 -3.76
N GLU A 66 10.87 1.77 -2.44
CA GLU A 66 10.64 0.56 -1.66
C GLU A 66 9.20 0.09 -1.87
N THR A 67 8.41 0.86 -2.60
CA THR A 67 7.02 0.47 -2.86
C THR A 67 6.88 -0.31 -4.16
N MET A 68 7.90 -0.24 -5.00
CA MET A 68 7.97 -1.01 -6.22
C MET A 68 7.94 -2.50 -5.89
N GLN A 69 6.96 -3.20 -6.45
CA GLN A 69 6.69 -4.59 -6.09
C GLN A 69 7.71 -5.58 -6.59
N ASP A 70 8.45 -5.23 -7.62
CA ASP A 70 9.31 -6.25 -8.23
C ASP A 70 10.80 -5.97 -8.18
N ILE A 71 11.28 -5.30 -7.14
CA ILE A 71 12.72 -5.10 -7.00
C ILE A 71 13.38 -6.44 -6.71
N ALA A 72 12.68 -7.29 -5.96
CA ALA A 72 12.98 -8.72 -5.95
C ALA A 72 11.92 -9.41 -6.81
N GLY A 73 12.35 -10.35 -7.64
CA GLY A 73 11.40 -11.13 -8.41
C GLY A 73 11.84 -12.57 -8.46
N LEU A 74 10.88 -13.47 -8.24
CA LEU A 74 11.10 -14.87 -8.54
C LEU A 74 10.09 -15.31 -9.57
N ARG A 75 10.48 -16.28 -10.36
CA ARG A 75 9.60 -16.79 -11.39
C ARG A 75 9.60 -18.30 -11.34
N ILE A 76 8.43 -18.88 -11.09
CA ILE A 76 8.24 -20.33 -11.05
C ILE A 76 7.62 -20.84 -12.34
N MET A 77 8.23 -21.87 -12.95
CA MET A 77 7.75 -22.41 -14.23
C MET A 77 7.10 -23.78 -14.14
N CYS A 78 5.95 -23.92 -14.79
CA CYS A 78 5.17 -25.14 -14.71
C CYS A 78 5.04 -25.86 -16.06
N GLN A 79 4.60 -27.13 -16.01
CA GLN A 79 4.35 -27.89 -17.24
C GLN A 79 2.92 -27.68 -17.71
N PHE A 80 2.02 -27.74 -16.75
CA PHE A 80 0.60 -27.85 -16.99
C PHE A 80 -0.12 -26.67 -16.41
N VAL A 81 -1.04 -26.09 -17.16
CA VAL A 81 -1.84 -24.98 -16.66
C VAL A 81 -2.37 -25.27 -15.27
N ASP A 82 -2.88 -26.48 -15.07
CA ASP A 82 -3.48 -26.84 -13.80
C ASP A 82 -2.46 -26.76 -12.67
N ASP A 83 -1.20 -27.07 -12.99
CA ASP A 83 -0.09 -27.01 -12.05
C ASP A 83 0.01 -25.65 -11.33
N ILE A 84 -0.11 -24.59 -12.11
CA ILE A 84 -0.08 -23.22 -11.59
C ILE A 84 -1.02 -23.00 -10.42
N GLN A 85 -2.26 -23.46 -10.55
CA GLN A 85 -3.23 -23.37 -9.47
C GLN A 85 -2.68 -24.00 -8.18
N ILE A 86 -2.06 -25.17 -8.31
CA ILE A 86 -1.51 -25.89 -7.19
C ILE A 86 -0.44 -25.07 -6.46
N VAL A 87 0.46 -24.50 -7.25
CA VAL A 87 1.53 -23.68 -6.71
C VAL A 87 0.94 -22.45 -6.03
N LYS A 88 -0.06 -21.86 -6.67
CA LYS A 88 -0.78 -20.71 -6.13
C LYS A 88 -1.19 -21.00 -4.70
N GLU A 89 -1.76 -22.18 -4.48
CA GLU A 89 -2.26 -22.52 -3.15
C GLU A 89 -1.15 -22.84 -2.16
N MET A 90 -0.13 -23.58 -2.59
CA MET A 90 1.08 -23.78 -1.80
C MET A 90 1.59 -22.45 -1.25
N LEU A 91 1.83 -21.51 -2.16
CA LEU A 91 2.31 -20.18 -1.81
C LEU A 91 1.43 -19.50 -0.75
N PHE A 92 0.12 -19.58 -0.96
CA PHE A 92 -0.83 -18.95 -0.04
C PHE A 92 -0.87 -19.67 1.31
N ALA A 93 -0.36 -20.90 1.38
CA ALA A 93 -0.42 -21.68 2.62
C ALA A 93 0.86 -21.60 3.50
N ARG A 94 1.90 -21.01 2.94
CA ARG A 94 3.19 -20.92 3.60
C ARG A 94 3.16 -19.82 4.65
N LYS A 95 3.94 -20.01 5.70
CA LYS A 95 3.93 -19.04 6.78
C LYS A 95 5.22 -18.24 6.89
N ASP A 96 6.28 -18.65 6.20
CA ASP A 96 7.54 -17.90 6.24
C ASP A 96 7.42 -16.58 5.45
N PHE A 97 6.21 -16.27 5.00
CA PHE A 97 5.89 -14.92 4.51
C PHE A 97 4.39 -14.69 4.38
N THR A 98 4.05 -13.54 3.80
CA THR A 98 2.65 -13.16 3.71
C THR A 98 2.36 -12.63 2.33
N VAL A 99 1.21 -13.00 1.79
CA VAL A 99 0.74 -12.47 0.52
C VAL A 99 0.04 -11.12 0.70
N VAL A 100 0.43 -10.11 -0.06
CA VAL A 100 -0.18 -8.78 0.10
C VAL A 100 -0.86 -8.17 -1.14
N ARG A 115 -2.33 -19.45 -17.70
CA ARG A 115 -0.99 -19.78 -18.19
C ARG A 115 0.06 -18.81 -17.65
N SER A 116 -0.41 -17.79 -16.94
CA SER A 116 0.44 -16.80 -16.28
C SER A 116 -0.29 -16.30 -15.05
N TYR A 117 0.46 -15.70 -14.12
CA TYR A 117 -0.05 -15.29 -12.82
C TYR A 117 1.08 -14.71 -11.97
N HIS A 118 0.75 -13.75 -11.12
CA HIS A 118 1.76 -13.27 -10.19
C HIS A 118 1.16 -12.75 -8.88
N LEU A 119 1.83 -13.09 -7.79
CA LEU A 119 1.48 -12.56 -6.49
C LEU A 119 2.68 -11.81 -5.89
N VAL A 120 2.41 -11.00 -4.88
CA VAL A 120 3.47 -10.34 -4.16
C VAL A 120 3.49 -10.84 -2.73
N VAL A 121 4.69 -11.13 -2.23
CA VAL A 121 4.82 -11.46 -0.81
C VAL A 121 5.61 -10.40 -0.11
N LEU A 122 5.32 -10.25 1.17
CA LEU A 122 6.17 -9.49 2.08
C LEU A 122 7.06 -10.50 2.81
N TYR A 123 8.31 -10.61 2.39
CA TYR A 123 9.27 -11.51 3.02
C TYR A 123 10.00 -10.85 4.18
N PRO A 124 9.91 -11.46 5.37
CA PRO A 124 10.59 -11.00 6.59
C PRO A 124 12.03 -11.47 6.61
N LEU A 125 12.91 -10.59 6.17
CA LEU A 125 14.33 -10.87 6.11
C LEU A 125 14.97 -10.56 7.46
N GLN A 126 15.71 -11.50 8.03
CA GLN A 126 16.47 -11.20 9.25
C GLN A 126 17.74 -10.48 8.87
N THR A 127 17.79 -9.17 9.10
CA THR A 127 18.99 -8.41 8.75
C THR A 127 19.93 -8.37 9.92
N VAL A 128 21.07 -7.73 9.71
CA VAL A 128 22.13 -7.60 10.72
C VAL A 128 21.71 -6.73 11.90
N SER A 129 20.76 -5.83 11.67
CA SER A 129 20.37 -4.88 12.72
C SER A 129 18.97 -5.13 13.26
N GLY A 130 18.32 -6.19 12.78
CA GLY A 130 16.93 -6.48 13.09
C GLY A 130 16.19 -7.04 11.89
N GLU A 131 14.86 -7.07 11.95
CA GLU A 131 14.07 -7.54 10.82
C GLU A 131 13.96 -6.49 9.72
N LYS A 132 13.44 -6.89 8.58
CA LYS A 132 13.23 -5.97 7.47
C LYS A 132 12.37 -6.66 6.44
N HIS A 133 11.12 -6.25 6.33
CA HIS A 133 10.18 -6.87 5.39
C HIS A 133 10.35 -6.24 4.02
N VAL A 134 10.74 -7.04 3.03
CA VAL A 134 10.83 -6.51 1.68
C VAL A 134 9.80 -7.16 0.76
N LEU A 135 9.31 -6.39 -0.20
CA LEU A 135 8.32 -6.92 -1.11
C LEU A 135 8.99 -7.87 -2.06
N VAL A 136 8.30 -8.94 -2.43
CA VAL A 136 8.83 -9.86 -3.43
C VAL A 136 7.76 -10.34 -4.36
N GLU A 137 8.04 -10.22 -5.65
CA GLU A 137 7.09 -10.61 -6.67
C GLU A 137 7.38 -12.02 -7.14
N ILE A 138 6.37 -12.86 -7.09
CA ILE A 138 6.52 -14.22 -7.56
C ILE A 138 5.61 -14.47 -8.76
N GLN A 139 6.24 -14.72 -9.91
CA GLN A 139 5.50 -15.02 -11.12
C GLN A 139 5.32 -16.52 -11.32
N ILE A 140 4.12 -16.96 -11.66
CA ILE A 140 3.93 -18.35 -12.07
C ILE A 140 3.50 -18.47 -13.54
N ARG A 141 4.14 -19.38 -14.25
CA ARG A 141 4.02 -19.48 -15.68
C ARG A 141 4.14 -20.93 -16.13
N THR A 142 3.45 -21.28 -17.22
CA THR A 142 3.74 -22.54 -17.92
C THR A 142 5.05 -22.39 -18.69
N LEU A 143 5.73 -23.49 -18.96
CA LEU A 143 6.97 -23.48 -19.74
C LEU A 143 6.79 -22.83 -21.11
N ALA A 144 5.66 -23.10 -21.75
CA ALA A 144 5.34 -22.55 -23.06
C ALA A 144 5.15 -21.05 -23.02
N MET A 145 4.34 -20.57 -22.08
CA MET A 145 4.05 -19.15 -21.96
C MET A 145 5.33 -18.37 -21.76
N ASN A 146 6.22 -18.92 -20.93
CA ASN A 146 7.47 -18.26 -20.57
C ASN A 146 8.38 -18.11 -21.76
N PHE A 147 8.48 -19.16 -22.57
CA PHE A 147 9.31 -19.12 -23.77
C PHE A 147 8.89 -17.95 -24.67
N TRP A 148 7.59 -17.82 -24.93
CA TRP A 148 7.10 -16.67 -25.70
C TRP A 148 7.43 -15.35 -25.01
N ALA A 149 7.04 -15.24 -23.75
CA ALA A 149 7.30 -14.05 -22.95
C ALA A 149 8.76 -13.61 -23.04
N THR A 150 9.68 -14.58 -23.01
CA THR A 150 11.11 -14.27 -23.12
C THR A 150 11.35 -13.42 -24.35
N ILE A 151 11.06 -14.00 -25.53
CA ILE A 151 11.09 -13.32 -26.81
C ILE A 151 10.39 -11.96 -26.84
N GLU A 152 9.15 -11.89 -26.34
CA GLU A 152 8.45 -10.61 -26.31
C GLU A 152 9.29 -9.58 -25.55
N HIS A 153 9.86 -10.00 -24.41
CA HIS A 153 10.71 -9.11 -23.64
C HIS A 153 11.94 -8.71 -24.45
N SER A 154 12.71 -9.70 -24.90
CA SER A 154 13.91 -9.43 -25.70
C SER A 154 13.67 -8.47 -26.87
N LEU A 155 12.62 -8.72 -27.65
CA LEU A 155 12.35 -7.88 -28.80
C LEU A 155 11.89 -6.50 -28.35
N ASN A 156 11.04 -6.45 -27.33
CA ASN A 156 10.55 -5.17 -26.81
C ASN A 156 11.70 -4.34 -26.24
N TYR A 157 12.79 -5.03 -25.94
CA TYR A 157 14.04 -4.40 -25.56
C TYR A 157 14.76 -3.92 -26.82
N LYS A 158 15.38 -4.85 -27.54
CA LYS A 158 16.06 -4.59 -28.81
C LYS A 158 15.40 -3.53 -29.72
N TYR A 159 14.08 -3.36 -29.60
CA TYR A 159 13.37 -2.39 -30.43
C TYR A 159 12.90 -1.17 -29.63
N SER A 160 13.28 -1.13 -28.36
CA SER A 160 13.09 0.06 -27.54
C SER A 160 11.61 0.42 -27.28
N GLY A 161 10.74 -0.58 -27.28
CA GLY A 161 9.34 -0.35 -26.93
C GLY A 161 8.45 0.05 -28.10
N ASN A 162 9.05 0.21 -29.27
CA ASN A 162 8.26 0.24 -30.48
C ASN A 162 8.67 -0.92 -31.38
N ILE A 163 7.96 -2.03 -31.24
CA ILE A 163 8.19 -3.18 -32.12
C ILE A 163 7.42 -2.95 -33.42
N PRO A 164 8.12 -3.06 -34.55
CA PRO A 164 7.55 -2.85 -35.88
C PRO A 164 6.56 -3.95 -36.24
N GLU A 165 5.43 -3.58 -36.84
CA GLU A 165 4.31 -4.49 -37.03
C GLU A 165 4.64 -5.82 -37.70
N LYS A 166 5.59 -5.82 -38.63
CA LYS A 166 5.95 -7.05 -39.33
C LYS A 166 6.51 -8.07 -38.33
N VAL A 167 6.87 -7.59 -37.15
CA VAL A 167 7.39 -8.42 -36.08
C VAL A 167 6.32 -8.67 -35.02
N LYS A 168 5.45 -7.68 -34.78
CA LYS A 168 4.46 -7.79 -33.72
C LYS A 168 3.43 -8.88 -34.05
N LEU A 169 3.10 -9.02 -35.32
CA LEU A 169 2.12 -10.01 -35.73
C LEU A 169 2.71 -11.41 -35.59
N ARG A 170 3.98 -11.57 -35.97
CA ARG A 170 4.70 -12.82 -35.76
C ARG A 170 4.76 -13.22 -34.29
N LEU A 171 4.97 -12.23 -33.42
CA LEU A 171 5.00 -12.48 -31.97
C LEU A 171 3.64 -12.95 -31.50
N GLN A 172 2.60 -12.33 -32.05
CA GLN A 172 1.23 -12.66 -31.70
C GLN A 172 0.93 -14.10 -32.16
N ARG A 173 1.57 -14.55 -33.23
CA ARG A 173 1.30 -15.90 -33.67
C ARG A 173 1.99 -16.87 -32.74
N ALA A 174 3.24 -16.58 -32.40
CA ALA A 174 3.96 -17.37 -31.40
C ALA A 174 3.19 -17.39 -30.08
N SER A 175 2.62 -16.25 -29.71
CA SER A 175 1.80 -16.22 -28.52
C SER A 175 0.67 -17.25 -28.67
N GLU A 176 0.05 -17.25 -29.84
CA GLU A 176 -1.07 -18.15 -30.09
C GLU A 176 -0.63 -19.59 -30.19
N ALA A 177 0.52 -19.81 -30.80
CA ALA A 177 1.05 -21.16 -30.92
C ALA A 177 1.25 -21.78 -29.56
N ALA A 178 1.80 -20.99 -28.65
CA ALA A 178 2.16 -21.49 -27.33
C ALA A 178 0.92 -21.77 -26.51
N SER A 179 -0.03 -20.83 -26.56
CA SER A 179 -1.30 -21.04 -25.91
C SER A 179 -1.90 -22.38 -26.33
N ARG A 180 -1.84 -22.67 -27.63
CA ARG A 180 -2.33 -23.92 -28.22
C ARG A 180 -1.70 -25.14 -27.57
N LEU A 181 -0.39 -25.22 -27.68
CA LEU A 181 0.38 -26.28 -27.05
C LEU A 181 0.01 -26.54 -25.56
N ASP A 182 -0.32 -25.50 -24.82
CA ASP A 182 -0.76 -25.75 -23.45
C ASP A 182 -2.14 -26.39 -23.49
N GLU A 183 -3.03 -25.92 -24.36
CA GLU A 183 -4.29 -26.61 -24.60
C GLU A 183 -4.05 -28.10 -24.90
N GLU A 184 -3.12 -28.39 -25.81
CA GLU A 184 -2.80 -29.80 -26.07
C GLU A 184 -2.31 -30.52 -24.83
N MET A 185 -1.44 -29.89 -24.05
CA MET A 185 -0.89 -30.56 -22.88
C MET A 185 -1.93 -30.73 -21.78
N SER A 186 -2.91 -29.84 -21.69
CA SER A 186 -3.97 -30.01 -20.69
C SER A 186 -4.73 -31.29 -20.97
N GLU A 187 -4.92 -31.58 -22.25
CA GLU A 187 -5.65 -32.75 -22.71
C GLU A 187 -4.90 -34.04 -22.40
N ILE A 188 -3.61 -34.12 -22.75
CA ILE A 188 -2.79 -35.26 -22.35
C ILE A 188 -2.92 -35.59 -20.87
N ARG A 189 -2.94 -34.55 -20.04
CA ARG A 189 -3.14 -34.73 -18.62
C ARG A 189 -4.55 -35.28 -18.35
N GLY A 190 -5.54 -34.75 -19.06
CA GLY A 190 -6.92 -35.20 -18.94
C GLY A 190 -7.16 -36.66 -19.28
N GLU A 191 -6.50 -37.15 -20.32
CA GLU A 191 -6.65 -38.54 -20.75
C GLU A 191 -5.84 -39.50 -19.87
N VAL A 192 -4.64 -39.08 -19.48
CA VAL A 192 -3.81 -39.89 -18.57
C VAL A 192 -4.53 -40.15 -17.26
N GLN A 193 -5.37 -39.19 -16.84
CA GLN A 193 -6.07 -39.26 -15.57
C GLN A 193 -7.31 -40.15 -15.62
N GLU A 194 -7.73 -40.51 -16.83
CA GLU A 194 -8.71 -41.57 -17.00
C GLU A 194 -8.03 -42.93 -16.83
N ALA A 195 -7.86 -43.36 -15.57
CA ALA A 195 -7.19 -44.62 -15.24
C ALA A 195 -8.09 -45.52 -14.39
N ASP B 1 41.81 32.80 5.12
CA ASP B 1 40.77 33.73 5.53
C ASP B 1 39.36 33.14 5.40
N LYS B 2 39.10 32.37 4.33
CA LYS B 2 37.83 31.64 4.19
C LYS B 2 38.01 30.18 4.58
N GLN B 3 39.25 29.70 4.54
CA GLN B 3 39.56 28.36 5.07
C GLN B 3 39.54 28.38 6.60
N TRP B 4 39.20 29.55 7.16
CA TRP B 4 38.91 29.71 8.59
C TRP B 4 37.43 29.58 8.85
N GLU B 5 36.64 30.34 8.12
CA GLU B 5 35.20 30.28 8.25
C GLU B 5 34.70 28.90 7.88
N ARG B 6 35.53 28.10 7.23
CA ARG B 6 35.15 26.72 6.93
C ARG B 6 35.54 25.83 8.09
N PHE B 7 36.63 26.20 8.75
CA PHE B 7 37.15 25.45 9.88
C PHE B 7 36.22 25.59 11.11
N LEU B 8 35.58 26.75 11.23
CA LEU B 8 34.81 27.11 12.42
C LEU B 8 33.39 26.63 12.37
N VAL B 9 32.95 26.19 11.20
CA VAL B 9 31.58 25.77 11.00
C VAL B 9 31.16 24.70 11.99
N PRO B 10 31.95 23.62 12.12
CA PRO B 10 31.55 22.61 13.10
C PRO B 10 31.51 23.18 14.51
N TYR B 11 32.43 24.09 14.84
CA TYR B 11 32.46 24.65 16.17
C TYR B 11 31.23 25.51 16.46
N ARG B 12 30.86 26.38 15.51
CA ARG B 12 29.68 27.23 15.73
C ARG B 12 28.49 26.34 16.04
N GLN B 13 28.34 25.25 15.29
CA GLN B 13 27.16 24.39 15.38
C GLN B 13 27.12 23.60 16.69
N ALA B 14 28.28 23.11 17.13
CA ALA B 14 28.39 22.50 18.45
C ALA B 14 27.94 23.48 19.56
N VAL B 15 28.39 24.73 19.48
CA VAL B 15 27.99 25.68 20.50
C VAL B 15 26.47 25.87 20.52
N GLU B 16 25.85 26.02 19.35
CA GLU B 16 24.39 26.20 19.29
C GLU B 16 23.62 25.01 19.86
N GLU B 17 24.12 23.81 19.58
CA GLU B 17 23.47 22.59 20.07
C GLU B 17 23.56 22.48 21.58
N LEU B 18 24.73 22.73 22.15
CA LEU B 18 24.90 22.59 23.58
C LEU B 18 24.21 23.75 24.29
N LYS B 19 24.18 24.90 23.63
CA LYS B 19 23.45 26.05 24.13
C LYS B 19 21.99 25.70 24.39
N VAL B 20 21.37 24.94 23.48
CA VAL B 20 19.97 24.55 23.65
C VAL B 20 19.80 23.53 24.74
N LYS B 21 20.70 22.55 24.77
CA LYS B 21 20.64 21.47 25.75
C LYS B 21 20.76 22.01 27.17
N LEU B 22 21.78 22.83 27.41
CA LEU B 22 22.00 23.37 28.74
C LEU B 22 20.85 24.24 29.19
N LYS B 23 20.30 25.02 28.26
CA LYS B 23 19.21 25.91 28.60
C LYS B 23 18.00 25.09 28.97
N GLY B 24 18.00 23.82 28.60
CA GLY B 24 16.88 22.96 28.92
C GLY B 24 16.85 22.72 30.41
N ILE B 25 18.04 22.73 31.02
CA ILE B 25 18.14 22.39 32.43
C ILE B 25 17.34 23.36 33.29
N ARG B 26 17.52 24.66 33.06
CA ARG B 26 16.79 25.64 33.85
C ARG B 26 15.30 25.49 33.57
N THR B 27 14.95 25.30 32.29
CA THR B 27 13.55 25.18 31.88
C THR B 27 12.84 24.08 32.66
N LEU B 28 13.53 22.97 32.83
CA LEU B 28 12.96 21.86 33.57
C LEU B 28 12.75 22.30 35.02
N TYR B 29 13.76 22.97 35.57
CA TYR B 29 13.73 23.33 36.98
C TYR B 29 12.58 24.27 37.28
N GLU B 30 12.58 25.47 36.69
CA GLU B 30 11.47 26.39 36.89
C GLU B 30 10.22 25.87 36.17
N TYR B 31 9.93 24.60 36.37
CA TYR B 31 8.64 24.06 36.05
C TYR B 31 8.09 23.46 37.33
N GLU B 32 8.87 22.59 37.96
CA GLU B 32 8.45 21.99 39.22
C GLU B 32 8.52 23.02 40.37
N ASP B 33 8.77 24.29 40.03
CA ASP B 33 8.88 25.41 40.99
C ASP B 33 10.03 25.22 42.01
N ASP B 34 11.14 24.64 41.57
CA ASP B 34 12.34 24.50 42.41
C ASP B 34 13.43 25.49 41.96
N HIS B 35 14.45 25.68 42.79
CA HIS B 35 15.54 26.60 42.44
C HIS B 35 16.41 25.99 41.34
N SER B 36 16.72 26.80 40.32
CA SER B 36 17.53 26.33 39.21
C SER B 36 18.98 26.69 39.48
N PRO B 37 19.86 25.68 39.48
CA PRO B 37 21.29 25.92 39.66
C PRO B 37 21.91 26.69 38.52
N ILE B 38 21.20 26.81 37.40
CA ILE B 38 21.69 27.60 36.27
C ILE B 38 20.86 28.85 36.11
N GLU B 39 21.52 29.98 35.85
CA GLU B 39 20.81 31.27 35.75
C GLU B 39 20.72 31.71 34.29
N PHE B 40 21.85 31.69 33.59
CA PHE B 40 21.80 31.75 32.15
C PHE B 40 23.04 31.10 31.58
N VAL B 41 23.02 30.84 30.28
CA VAL B 41 24.15 30.28 29.56
C VAL B 41 24.51 31.17 28.40
N THR B 42 25.80 31.32 28.14
CA THR B 42 26.25 31.94 26.92
C THR B 42 27.25 31.02 26.27
N GLY B 43 27.70 31.40 25.08
CA GLY B 43 28.63 30.57 24.35
C GLY B 43 29.24 31.46 23.31
N ARG B 44 30.39 31.05 22.79
CA ARG B 44 31.09 31.83 21.79
C ARG B 44 32.01 30.94 20.99
N VAL B 45 32.17 31.24 19.70
CA VAL B 45 33.25 30.62 18.98
C VAL B 45 34.41 31.58 19.02
N LYS B 46 35.57 31.06 19.40
CA LYS B 46 36.76 31.88 19.56
C LYS B 46 37.12 32.62 18.27
N PRO B 47 37.38 33.93 18.39
CA PRO B 47 37.83 34.74 17.24
C PRO B 47 39.15 34.23 16.65
N VAL B 48 39.24 34.34 15.33
CA VAL B 48 40.39 33.84 14.59
C VAL B 48 41.68 34.47 15.09
N ALA B 49 41.64 35.78 15.34
CA ALA B 49 42.77 36.52 15.90
C ALA B 49 43.25 35.92 17.21
N SER B 50 42.30 35.46 18.04
CA SER B 50 42.64 34.85 19.32
C SER B 50 43.13 33.44 19.18
N ILE B 51 42.64 32.73 18.16
CA ILE B 51 43.02 31.33 17.97
C ILE B 51 44.50 31.22 17.62
N LEU B 52 44.98 32.16 16.81
CA LEU B 52 46.40 32.18 16.43
C LEU B 52 47.32 32.71 17.52
N GLU B 53 46.87 33.77 18.21
CA GLU B 53 47.55 34.25 19.42
C GLU B 53 47.77 33.12 20.44
N LYS B 54 46.69 32.45 20.83
CA LYS B 54 46.81 31.34 21.77
C LYS B 54 47.61 30.18 21.16
N ALA B 55 47.75 30.20 19.84
CA ALA B 55 48.39 29.11 19.10
C ALA B 55 49.92 29.15 19.22
N ARG B 56 50.48 30.32 18.99
CA ARG B 56 51.93 30.51 19.05
C ARG B 56 52.39 30.51 20.51
N ARG B 57 51.54 31.09 21.37
CA ARG B 57 51.82 31.21 22.80
C ARG B 57 51.90 29.86 23.51
N LYS B 58 51.10 28.89 23.10
CA LYS B 58 51.16 27.57 23.74
C LYS B 58 51.93 26.62 22.84
N SER B 59 52.70 27.19 21.92
CA SER B 59 53.51 26.42 20.98
C SER B 59 52.67 25.40 20.22
N ILE B 60 51.55 25.84 19.66
CA ILE B 60 50.69 24.92 18.92
C ILE B 60 50.87 25.05 17.40
N PRO B 61 51.08 23.91 16.74
CA PRO B 61 51.32 23.87 15.29
C PRO B 61 50.00 23.79 14.53
N LEU B 62 49.74 24.74 13.63
CA LEU B 62 48.47 24.79 12.89
C LEU B 62 47.88 23.46 12.44
N HIS B 63 48.71 22.45 12.21
CA HIS B 63 48.16 21.18 11.75
C HIS B 63 47.60 20.37 12.92
N GLU B 64 47.55 20.99 14.09
CA GLU B 64 47.03 20.33 15.29
C GLU B 64 46.17 21.25 16.18
N ILE B 65 45.73 22.39 15.66
CA ILE B 65 44.92 23.31 16.45
C ILE B 65 43.60 22.74 16.95
N GLU B 66 43.27 21.51 16.56
CA GLU B 66 42.03 20.92 17.01
C GLU B 66 42.19 20.37 18.40
N THR B 67 43.41 20.43 18.93
CA THR B 67 43.65 19.96 20.30
C THR B 67 43.50 21.08 21.32
N MET B 68 43.50 22.32 20.84
CA MET B 68 43.09 23.48 21.61
C MET B 68 41.64 23.31 22.07
N GLN B 69 41.34 23.64 23.32
CA GLN B 69 40.11 23.15 23.92
C GLN B 69 38.96 24.15 23.96
N ASP B 70 39.26 25.41 23.71
CA ASP B 70 38.24 26.45 23.90
C ASP B 70 37.86 27.17 22.61
N ILE B 71 37.98 26.48 21.49
CA ILE B 71 37.57 27.05 20.22
C ILE B 71 36.05 27.18 20.23
N ALA B 72 35.40 26.13 20.69
CA ALA B 72 34.01 26.20 21.07
C ALA B 72 33.95 26.41 22.57
N GLY B 73 33.22 27.41 23.01
CA GLY B 73 33.13 27.64 24.43
C GLY B 73 31.71 27.90 24.88
N LEU B 74 31.41 27.35 26.04
CA LEU B 74 30.21 27.72 26.78
C LEU B 74 30.50 28.22 28.19
N ARG B 75 29.55 28.94 28.76
CA ARG B 75 29.74 29.45 30.10
C ARG B 75 28.40 29.44 30.79
N ILE B 76 28.33 28.71 31.90
CA ILE B 76 27.12 28.59 32.69
C ILE B 76 27.23 29.45 33.94
N MET B 77 26.27 30.36 34.16
CA MET B 77 26.31 31.21 35.39
C MET B 77 25.31 30.78 36.46
N CYS B 78 25.78 30.71 37.71
CA CYS B 78 24.91 30.37 38.85
C CYS B 78 24.80 31.48 39.91
N GLN B 79 23.69 31.47 40.63
CA GLN B 79 23.46 32.43 41.71
C GLN B 79 24.44 32.21 42.86
N PHE B 80 24.60 30.95 43.22
CA PHE B 80 25.26 30.52 44.44
C PHE B 80 26.45 29.65 44.12
N VAL B 81 27.49 29.71 44.95
CA VAL B 81 28.69 28.88 44.83
C VAL B 81 28.37 27.40 44.94
N ASP B 82 27.47 27.03 45.85
CA ASP B 82 26.95 25.66 45.93
C ASP B 82 26.47 25.08 44.60
N ASP B 83 25.71 25.88 43.83
CA ASP B 83 25.17 25.47 42.54
C ASP B 83 26.26 24.94 41.58
N ILE B 84 27.43 25.57 41.61
CA ILE B 84 28.55 25.17 40.74
C ILE B 84 28.75 23.66 40.80
N GLN B 85 28.84 23.11 42.01
CA GLN B 85 28.99 21.68 42.17
C GLN B 85 27.83 20.91 41.52
N ILE B 86 26.61 21.37 41.79
CA ILE B 86 25.42 20.73 41.23
C ILE B 86 25.41 20.73 39.70
N VAL B 87 25.90 21.81 39.10
CA VAL B 87 25.97 21.88 37.65
C VAL B 87 27.07 20.93 37.20
N LYS B 88 28.22 21.02 37.86
CA LYS B 88 29.34 20.11 37.63
C LYS B 88 28.89 18.65 37.63
N GLU B 89 27.98 18.29 38.52
CA GLU B 89 27.63 16.88 38.67
C GLU B 89 26.56 16.48 37.65
N MET B 90 25.90 17.47 37.06
CA MET B 90 24.92 17.19 36.03
C MET B 90 25.65 16.88 34.70
N LEU B 91 26.68 17.68 34.40
CA LEU B 91 27.53 17.49 33.23
C LEU B 91 28.27 16.15 33.22
N PHE B 92 28.91 15.78 34.32
CA PHE B 92 29.59 14.50 34.39
C PHE B 92 28.60 13.35 34.13
N ALA B 93 27.36 13.50 34.58
CA ALA B 93 26.32 12.48 34.35
C ALA B 93 25.79 12.42 32.90
N ARG B 94 25.95 13.50 32.13
CA ARG B 94 25.36 13.52 30.80
C ARG B 94 26.05 12.51 29.91
N LYS B 95 25.35 12.08 28.85
CA LYS B 95 25.84 11.03 27.94
C LYS B 95 25.85 11.46 26.48
N ASP B 96 25.36 12.66 26.17
CA ASP B 96 25.45 13.14 24.79
C ASP B 96 26.79 13.80 24.53
N PHE B 97 27.69 13.70 25.50
CA PHE B 97 29.11 13.95 25.26
C PHE B 97 29.86 13.22 26.35
N THR B 98 31.19 13.27 26.30
CA THR B 98 32.04 12.69 27.34
C THR B 98 33.05 13.71 27.83
N VAL B 99 33.30 13.74 29.15
CA VAL B 99 34.25 14.66 29.77
C VAL B 99 35.66 14.10 29.67
N VAL B 100 36.61 14.93 29.25
CA VAL B 100 38.00 14.49 29.10
C VAL B 100 39.00 15.06 30.15
N ARG B 115 34.70 29.40 43.34
CA ARG B 115 33.84 30.43 42.74
C ARG B 115 33.76 30.35 41.19
N SER B 116 34.56 29.46 40.61
CA SER B 116 34.62 29.25 39.16
C SER B 116 35.20 27.87 38.91
N TYR B 117 35.41 27.56 37.63
CA TYR B 117 35.69 26.20 37.20
C TYR B 117 35.51 26.08 35.69
N HIS B 118 36.14 25.08 35.11
CA HIS B 118 35.84 24.75 33.73
C HIS B 118 36.15 23.30 33.44
N LEU B 119 35.41 22.71 32.52
CA LEU B 119 35.75 21.38 32.06
C LEU B 119 35.78 21.35 30.56
N VAL B 120 36.43 20.35 30.01
CA VAL B 120 36.42 20.18 28.57
C VAL B 120 35.66 18.91 28.24
N VAL B 121 34.71 18.99 27.31
CA VAL B 121 33.99 17.80 26.84
C VAL B 121 34.36 17.48 25.40
N LEU B 122 34.28 16.19 25.05
CA LEU B 122 34.35 15.81 23.64
C LEU B 122 32.94 15.69 23.04
N TYR B 123 32.60 16.56 22.10
CA TYR B 123 31.23 16.55 21.57
C TYR B 123 31.14 15.90 20.19
N PRO B 124 30.27 14.87 20.05
CA PRO B 124 30.10 14.11 18.80
C PRO B 124 29.14 14.77 17.83
N LEU B 125 29.66 15.70 17.04
CA LEU B 125 28.83 16.51 16.15
C LEU B 125 28.52 15.74 14.87
N GLN B 126 27.23 15.57 14.60
CA GLN B 126 26.79 14.93 13.36
C GLN B 126 26.92 15.92 12.22
N THR B 127 27.90 15.71 11.33
CA THR B 127 28.04 16.57 10.14
C THR B 127 27.44 15.93 8.88
N VAL B 128 27.46 16.71 7.80
CA VAL B 128 26.93 16.26 6.51
C VAL B 128 27.59 14.97 6.07
N SER B 129 28.90 14.91 6.29
CA SER B 129 29.73 13.83 5.78
C SER B 129 30.04 12.79 6.86
N GLY B 130 29.30 12.83 7.97
CA GLY B 130 29.55 11.92 9.06
C GLY B 130 29.86 12.64 10.37
N GLU B 131 30.74 12.07 11.17
CA GLU B 131 31.02 12.59 12.51
C GLU B 131 32.30 13.40 12.67
N LYS B 132 32.26 14.36 13.58
CA LYS B 132 33.43 15.12 13.95
C LYS B 132 33.39 15.36 15.44
N HIS B 133 34.25 14.68 16.19
CA HIS B 133 34.35 14.97 17.62
C HIS B 133 35.03 16.32 17.81
N VAL B 134 34.32 17.27 18.41
CA VAL B 134 34.93 18.56 18.66
C VAL B 134 35.07 18.78 20.16
N LEU B 135 36.07 19.58 20.53
CA LEU B 135 36.28 19.96 21.93
C LEU B 135 35.45 21.17 22.27
N VAL B 136 34.71 21.09 23.36
CA VAL B 136 33.99 22.25 23.86
C VAL B 136 34.39 22.52 25.31
N GLU B 137 34.83 23.74 25.59
CA GLU B 137 35.14 24.14 26.97
C GLU B 137 33.90 24.69 27.64
N ILE B 138 33.55 24.12 28.79
CA ILE B 138 32.47 24.65 29.59
C ILE B 138 32.94 25.26 30.92
N GLN B 139 32.74 26.56 31.03
CA GLN B 139 33.05 27.29 32.23
C GLN B 139 31.78 27.38 33.09
N ILE B 140 31.96 27.23 34.39
CA ILE B 140 30.91 27.48 35.35
C ILE B 140 31.39 28.59 36.28
N ARG B 141 30.46 29.44 36.71
CA ARG B 141 30.79 30.67 37.40
C ARG B 141 29.61 31.11 38.23
N THR B 142 29.87 31.81 39.32
CA THR B 142 28.81 32.55 40.01
C THR B 142 28.63 33.85 39.26
N LEU B 143 27.43 34.43 39.35
CA LEU B 143 27.17 35.71 38.69
C LEU B 143 28.19 36.77 39.10
N ALA B 144 28.41 36.88 40.41
CA ALA B 144 29.37 37.83 40.97
C ALA B 144 30.74 37.74 40.31
N MET B 145 31.35 36.56 40.42
CA MET B 145 32.68 36.39 39.87
C MET B 145 32.63 36.71 38.38
N ASN B 146 31.50 36.45 37.73
CA ASN B 146 31.39 36.75 36.31
C ASN B 146 31.31 38.24 36.03
N PHE B 147 30.59 38.97 36.86
CA PHE B 147 30.62 40.43 36.72
C PHE B 147 32.05 40.91 36.76
N TRP B 148 32.82 40.49 37.79
CA TRP B 148 34.20 40.93 37.88
C TRP B 148 35.02 40.51 36.67
N ALA B 149 34.93 39.23 36.29
CA ALA B 149 35.71 38.69 35.16
C ALA B 149 35.47 39.44 33.83
N THR B 150 34.21 39.82 33.60
CA THR B 150 33.87 40.61 32.44
C THR B 150 34.75 41.86 32.35
N ILE B 151 34.76 42.65 33.43
CA ILE B 151 35.44 43.93 33.41
C ILE B 151 36.97 43.79 33.36
N GLU B 152 37.51 42.75 33.98
CA GLU B 152 38.93 42.50 33.87
C GLU B 152 39.28 42.22 32.41
N HIS B 153 38.47 41.41 31.74
CA HIS B 153 38.69 41.17 30.33
C HIS B 153 38.61 42.50 29.56
N SER B 154 37.45 43.14 29.58
CA SER B 154 37.22 44.38 28.85
C SER B 154 38.38 45.37 28.94
N LEU B 155 39.11 45.31 30.04
CA LEU B 155 40.19 46.24 30.27
C LEU B 155 41.49 45.65 29.79
N ASN B 156 41.65 44.35 30.01
CA ASN B 156 42.88 43.70 29.60
C ASN B 156 42.97 43.68 28.08
N TYR B 157 41.80 43.66 27.43
CA TYR B 157 41.71 43.69 25.98
C TYR B 157 41.90 45.11 25.48
N LYS B 158 41.56 46.07 26.34
CA LYS B 158 41.72 47.47 26.01
C LYS B 158 43.19 47.91 26.10
N TYR B 159 43.80 47.73 27.26
CA TYR B 159 45.19 48.12 27.48
C TYR B 159 46.15 47.00 27.05
N SER B 160 45.74 46.25 26.03
CA SER B 160 46.56 45.20 25.41
C SER B 160 47.47 44.45 26.37
N GLY B 161 46.89 43.73 27.31
CA GLY B 161 47.65 42.85 28.18
C GLY B 161 48.52 43.49 29.26
N ASN B 162 48.72 44.81 29.19
CA ASN B 162 49.44 45.49 30.26
C ASN B 162 48.61 46.64 30.85
N ILE B 163 47.61 46.27 31.65
CA ILE B 163 46.81 47.23 32.39
C ILE B 163 47.67 48.02 33.34
N PRO B 164 47.52 49.35 33.34
CA PRO B 164 48.27 50.23 34.26
C PRO B 164 48.10 49.85 35.73
N GLU B 165 49.13 50.11 36.54
CA GLU B 165 48.97 50.08 37.99
C GLU B 165 47.85 51.08 38.33
N LYS B 166 47.54 51.26 39.61
CA LYS B 166 46.37 52.09 39.93
C LYS B 166 45.12 51.31 39.52
N VAL B 167 44.89 51.13 38.23
CA VAL B 167 43.75 50.34 37.77
C VAL B 167 43.82 48.91 38.27
N LYS B 168 44.97 48.26 38.09
CA LYS B 168 45.16 46.90 38.61
C LYS B 168 44.68 46.80 40.05
N LEU B 169 45.13 47.73 40.90
CA LEU B 169 44.76 47.73 42.32
C LEU B 169 43.25 47.72 42.52
N ARG B 170 42.57 48.64 41.84
CA ARG B 170 41.13 48.76 41.91
C ARG B 170 40.42 47.49 41.45
N LEU B 171 40.98 46.82 40.44
CA LEU B 171 40.48 45.52 40.02
C LEU B 171 40.62 44.51 41.16
N GLN B 172 41.76 44.53 41.84
CA GLN B 172 41.99 43.56 42.88
C GLN B 172 40.89 43.74 43.90
N ARG B 173 40.57 45.01 44.15
CA ARG B 173 39.62 45.31 45.19
C ARG B 173 38.23 44.91 44.75
N ALA B 174 37.83 45.31 43.54
CA ALA B 174 36.54 44.91 43.02
C ALA B 174 36.38 43.39 43.07
N SER B 175 37.46 42.69 42.72
CA SER B 175 37.52 41.25 42.87
C SER B 175 37.18 40.74 44.29
N GLU B 176 37.74 41.39 45.32
CA GLU B 176 37.46 41.00 46.71
C GLU B 176 36.02 41.33 47.12
N ALA B 177 35.50 42.46 46.63
CA ALA B 177 34.12 42.82 46.90
C ALA B 177 33.19 41.77 46.31
N ALA B 178 33.45 41.40 45.04
CA ALA B 178 32.72 40.31 44.40
C ALA B 178 32.79 39.06 45.24
N SER B 179 34.00 38.68 45.63
CA SER B 179 34.20 37.43 46.33
C SER B 179 33.41 37.42 47.63
N ARG B 180 33.30 38.60 48.25
CA ARG B 180 32.63 38.75 49.54
C ARG B 180 31.12 38.66 49.37
N LEU B 181 30.63 39.25 48.29
CA LEU B 181 29.21 39.12 47.95
C LEU B 181 28.79 37.65 47.80
N ASP B 182 29.66 36.83 47.22
CA ASP B 182 29.37 35.40 47.11
C ASP B 182 29.25 34.78 48.49
N GLU B 183 30.16 35.18 49.40
CA GLU B 183 30.16 34.66 50.76
C GLU B 183 28.84 35.03 51.42
N GLU B 184 28.40 36.27 51.25
CA GLU B 184 27.11 36.66 51.82
C GLU B 184 25.93 35.87 51.27
N MET B 185 25.89 35.69 49.95
CA MET B 185 24.87 34.88 49.29
C MET B 185 24.87 33.45 49.80
N SER B 186 26.04 32.87 50.01
CA SER B 186 26.13 31.51 50.56
C SER B 186 25.46 31.38 51.92
N GLU B 187 25.49 32.45 52.71
CA GLU B 187 24.89 32.38 54.04
C GLU B 187 23.38 32.43 53.85
N ILE B 188 22.90 33.25 52.92
CA ILE B 188 21.49 33.30 52.59
C ILE B 188 20.93 31.93 52.26
N ARG B 189 21.61 31.23 51.36
CA ARG B 189 21.19 29.93 50.89
C ARG B 189 21.21 28.98 52.07
N GLY B 190 22.21 29.17 52.92
CA GLY B 190 22.42 28.32 54.07
C GLY B 190 21.42 28.50 55.18
N GLU B 191 20.92 29.72 55.35
CA GLU B 191 19.93 29.96 56.41
C GLU B 191 18.53 29.63 55.93
N VAL B 192 18.33 29.57 54.62
CA VAL B 192 17.02 29.21 54.08
C VAL B 192 16.76 27.73 54.22
N GLN B 193 17.77 26.91 53.94
CA GLN B 193 17.59 25.46 53.85
C GLN B 193 17.24 24.83 55.22
N GLU B 194 17.35 25.62 56.28
CA GLU B 194 16.72 25.29 57.56
C GLU B 194 15.19 25.35 57.43
N ALA B 195 14.63 24.48 56.58
CA ALA B 195 13.19 24.38 56.38
C ALA B 195 12.58 23.40 57.38
N ASP C 1 37.00 1.38 -19.83
CA ASP C 1 36.38 1.07 -18.55
C ASP C 1 35.14 0.20 -18.76
N LYS C 2 34.73 0.08 -20.03
CA LYS C 2 33.65 -0.82 -20.40
C LYS C 2 34.18 -1.80 -21.44
N GLN C 3 35.36 -1.49 -21.96
CA GLN C 3 36.12 -2.44 -22.77
C GLN C 3 36.95 -3.31 -21.83
N TRP C 4 37.02 -2.92 -20.56
CA TRP C 4 37.66 -3.74 -19.58
C TRP C 4 36.85 -4.99 -19.33
N GLU C 5 35.56 -4.79 -19.07
CA GLU C 5 34.71 -5.90 -18.69
C GLU C 5 34.73 -6.92 -19.81
N ARG C 6 34.82 -6.43 -21.05
CA ARG C 6 34.85 -7.27 -22.24
C ARG C 6 36.17 -8.01 -22.35
N PHE C 7 37.24 -7.33 -21.97
CA PHE C 7 38.57 -7.89 -22.05
C PHE C 7 38.75 -9.06 -21.09
N LEU C 8 38.02 -9.04 -19.98
CA LEU C 8 38.25 -9.98 -18.90
C LEU C 8 37.43 -11.25 -19.04
N VAL C 9 36.36 -11.17 -19.85
CA VAL C 9 35.49 -12.31 -20.07
C VAL C 9 36.23 -13.63 -20.23
N PRO C 10 37.18 -13.70 -21.18
CA PRO C 10 37.96 -14.95 -21.27
C PRO C 10 38.66 -15.30 -19.95
N TYR C 11 38.95 -14.31 -19.12
CA TYR C 11 39.65 -14.60 -17.88
C TYR C 11 38.69 -15.23 -16.87
N ARG C 12 37.46 -14.73 -16.75
CA ARG C 12 36.48 -15.42 -15.89
C ARG C 12 36.31 -16.88 -16.30
N GLN C 13 36.15 -17.11 -17.60
CA GLN C 13 35.71 -18.41 -18.05
C GLN C 13 36.75 -19.46 -17.68
N ALA C 14 38.01 -19.15 -17.98
CA ALA C 14 39.11 -20.04 -17.64
C ALA C 14 39.16 -20.26 -16.12
N VAL C 15 38.87 -19.23 -15.36
CA VAL C 15 38.80 -19.39 -13.91
C VAL C 15 37.73 -20.40 -13.54
N GLU C 16 36.53 -20.23 -14.11
CA GLU C 16 35.38 -21.07 -13.75
C GLU C 16 35.68 -22.52 -14.10
N GLU C 17 36.42 -22.73 -15.18
CA GLU C 17 36.74 -24.09 -15.62
C GLU C 17 37.83 -24.75 -14.78
N LEU C 18 38.92 -24.03 -14.52
CA LEU C 18 40.00 -24.64 -13.75
C LEU C 18 39.48 -24.87 -12.35
N LYS C 19 38.64 -23.97 -11.90
CA LYS C 19 37.93 -24.14 -10.66
C LYS C 19 37.24 -25.52 -10.61
N VAL C 20 36.31 -25.80 -11.52
CA VAL C 20 35.64 -27.11 -11.46
C VAL C 20 36.63 -28.28 -11.66
N LYS C 21 37.60 -28.12 -12.56
CA LYS C 21 38.60 -29.18 -12.75
C LYS C 21 39.36 -29.48 -11.48
N LEU C 22 40.03 -28.46 -10.93
CA LEU C 22 40.82 -28.62 -9.70
C LEU C 22 39.99 -29.21 -8.57
N LYS C 23 38.74 -28.78 -8.46
CA LYS C 23 37.85 -29.29 -7.42
C LYS C 23 37.52 -30.76 -7.58
N GLY C 24 37.81 -31.34 -8.75
CA GLY C 24 37.52 -32.75 -9.00
C GLY C 24 38.50 -33.65 -8.25
N ILE C 25 39.68 -33.11 -8.01
CA ILE C 25 40.74 -33.84 -7.33
C ILE C 25 40.27 -34.29 -5.94
N ARG C 26 39.74 -33.36 -5.16
CA ARG C 26 39.32 -33.70 -3.82
C ARG C 26 38.24 -34.76 -3.86
N THR C 27 37.31 -34.61 -4.79
CA THR C 27 36.20 -35.55 -4.96
C THR C 27 36.64 -36.98 -5.27
N LEU C 28 37.56 -37.12 -6.23
CA LEU C 28 38.17 -38.43 -6.52
C LEU C 28 38.77 -39.03 -5.25
N TYR C 29 39.53 -38.22 -4.52
CA TYR C 29 40.21 -38.67 -3.30
C TYR C 29 39.24 -39.03 -2.18
N GLU C 30 37.99 -38.59 -2.30
CA GLU C 30 37.03 -38.81 -1.23
C GLU C 30 36.50 -40.24 -1.31
N TYR C 31 36.74 -40.87 -2.47
CA TYR C 31 36.30 -42.25 -2.70
C TYR C 31 37.36 -43.29 -2.31
N GLU C 32 38.59 -42.86 -2.08
CA GLU C 32 39.66 -43.76 -1.60
C GLU C 32 39.62 -43.79 -0.07
N ASP C 33 38.83 -42.87 0.50
CA ASP C 33 38.84 -42.55 1.92
C ASP C 33 40.25 -42.10 2.35
N ASP C 34 41.17 -42.09 1.39
CA ASP C 34 42.53 -41.62 1.57
C ASP C 34 42.51 -40.11 1.76
N HIS C 35 43.56 -39.57 2.38
CA HIS C 35 43.65 -38.13 2.63
C HIS C 35 43.72 -37.36 1.32
N SER C 36 42.80 -36.43 1.14
CA SER C 36 42.82 -35.56 -0.01
C SER C 36 43.95 -34.58 0.14
N PRO C 37 44.81 -34.44 -0.87
CA PRO C 37 45.86 -33.40 -0.73
C PRO C 37 45.29 -31.99 -0.78
N ILE C 38 44.02 -31.88 -1.18
CA ILE C 38 43.39 -30.59 -1.39
C ILE C 38 42.26 -30.36 -0.41
N GLU C 39 42.33 -29.27 0.33
CA GLU C 39 41.27 -28.96 1.27
C GLU C 39 40.18 -28.15 0.55
N PHE C 40 40.55 -27.02 -0.04
CA PHE C 40 39.61 -26.41 -0.97
C PHE C 40 40.25 -25.54 -2.06
N VAL C 41 39.41 -25.01 -2.93
CA VAL C 41 39.84 -24.24 -4.07
C VAL C 41 39.09 -22.93 -4.16
N THR C 42 39.78 -21.84 -4.48
CA THR C 42 39.11 -20.59 -4.78
C THR C 42 39.74 -19.98 -6.00
N GLY C 43 39.09 -18.97 -6.56
CA GLY C 43 39.60 -18.33 -7.74
C GLY C 43 39.16 -16.88 -7.71
N ARG C 44 39.81 -16.07 -8.54
CA ARG C 44 39.40 -14.69 -8.64
C ARG C 44 39.96 -14.06 -9.92
N VAL C 45 39.21 -13.10 -10.48
CA VAL C 45 39.75 -12.30 -11.58
C VAL C 45 40.25 -10.97 -11.02
N LYS C 46 41.52 -10.71 -11.26
CA LYS C 46 42.17 -9.49 -10.80
C LYS C 46 41.32 -8.29 -11.15
N PRO C 47 41.11 -7.37 -10.19
CA PRO C 47 40.37 -6.13 -10.47
C PRO C 47 41.14 -5.16 -11.37
N VAL C 48 40.40 -4.34 -12.10
CA VAL C 48 41.01 -3.35 -12.97
C VAL C 48 42.06 -2.52 -12.21
N ALA C 49 41.69 -1.95 -11.07
CA ALA C 49 42.65 -1.17 -10.30
C ALA C 49 43.91 -1.98 -9.93
N SER C 50 43.74 -3.24 -9.54
CA SER C 50 44.90 -4.09 -9.25
C SER C 50 45.75 -4.26 -10.49
N ILE C 51 45.10 -4.41 -11.65
CA ILE C 51 45.83 -4.69 -12.89
C ILE C 51 46.63 -3.48 -13.36
N LEU C 52 46.01 -2.30 -13.31
CA LEU C 52 46.67 -1.10 -13.77
C LEU C 52 47.86 -0.79 -12.90
N GLU C 53 47.65 -0.75 -11.58
CA GLU C 53 48.72 -0.55 -10.61
C GLU C 53 49.87 -1.57 -10.79
N LYS C 54 49.54 -2.85 -10.96
CA LYS C 54 50.62 -3.80 -11.17
C LYS C 54 51.37 -3.52 -12.46
N ALA C 55 50.67 -3.06 -13.50
CA ALA C 55 51.34 -2.68 -14.73
C ALA C 55 52.35 -1.55 -14.44
N ARG C 56 51.86 -0.49 -13.78
CA ARG C 56 52.67 0.64 -13.32
C ARG C 56 54.03 0.20 -12.80
N ARG C 57 54.00 -0.67 -11.80
CA ARG C 57 55.20 -1.06 -11.07
C ARG C 57 56.07 -2.03 -11.85
N LYS C 58 55.44 -2.89 -12.64
CA LYS C 58 56.24 -3.83 -13.42
C LYS C 58 56.56 -3.29 -14.81
N SER C 59 56.23 -2.02 -15.01
CA SER C 59 56.57 -1.31 -16.24
C SER C 59 56.08 -2.10 -17.46
N ILE C 60 54.90 -2.67 -17.31
CA ILE C 60 54.26 -3.40 -18.39
C ILE C 60 53.43 -2.45 -19.22
N PRO C 61 53.79 -2.27 -20.49
CA PRO C 61 53.05 -1.38 -21.40
C PRO C 61 51.60 -1.83 -21.47
N LEU C 62 50.68 -0.95 -21.82
CA LEU C 62 49.26 -1.30 -21.76
C LEU C 62 48.78 -2.20 -22.90
N HIS C 63 49.52 -2.22 -24.00
CA HIS C 63 49.19 -3.11 -25.12
C HIS C 63 49.76 -4.52 -24.88
N GLU C 64 50.37 -4.73 -23.71
CA GLU C 64 51.02 -6.00 -23.39
C GLU C 64 50.54 -6.58 -22.06
N ILE C 65 49.32 -6.20 -21.67
CA ILE C 65 48.75 -6.66 -20.40
C ILE C 65 48.60 -8.17 -20.36
N GLU C 66 48.39 -8.78 -21.52
CA GLU C 66 48.26 -10.22 -21.60
C GLU C 66 49.48 -10.95 -21.06
N THR C 67 50.56 -10.23 -20.77
CA THR C 67 51.76 -10.91 -20.31
C THR C 67 51.67 -11.09 -18.81
N MET C 68 50.77 -10.32 -18.19
CA MET C 68 50.57 -10.35 -16.74
C MET C 68 50.15 -11.75 -16.42
N GLN C 69 50.65 -12.32 -15.33
CA GLN C 69 50.55 -13.75 -15.13
C GLN C 69 49.46 -14.11 -14.15
N ASP C 70 48.78 -13.12 -13.60
CA ASP C 70 47.83 -13.40 -12.52
C ASP C 70 46.50 -12.68 -12.68
N ILE C 71 46.16 -12.28 -13.90
CA ILE C 71 44.83 -11.71 -14.15
C ILE C 71 43.77 -12.74 -13.79
N ALA C 72 44.11 -13.99 -14.00
CA ALA C 72 43.27 -15.09 -13.63
C ALA C 72 43.99 -15.83 -12.54
N GLY C 73 43.38 -15.99 -11.39
CA GLY C 73 44.06 -16.67 -10.33
C GLY C 73 43.22 -17.77 -9.72
N LEU C 74 43.89 -18.86 -9.36
CA LEU C 74 43.29 -19.86 -8.50
C LEU C 74 44.18 -20.11 -7.27
N ARG C 75 43.57 -20.54 -6.18
CA ARG C 75 44.30 -20.80 -4.97
C ARG C 75 43.88 -22.14 -4.40
N ILE C 76 44.83 -23.06 -4.32
CA ILE C 76 44.61 -24.41 -3.82
C ILE C 76 45.12 -24.48 -2.38
N MET C 77 44.28 -24.93 -1.46
CA MET C 77 44.65 -24.98 -0.04
C MET C 77 44.79 -26.41 0.48
N CYS C 78 45.81 -26.66 1.29
CA CYS C 78 46.05 -28.01 1.84
C CYS C 78 46.32 -27.97 3.32
N GLN C 79 46.07 -29.10 3.98
CA GLN C 79 46.34 -29.23 5.41
C GLN C 79 47.83 -29.20 5.67
N PHE C 80 48.57 -29.96 4.87
CA PHE C 80 49.98 -30.24 5.14
C PHE C 80 50.97 -29.70 4.09
N VAL C 81 52.03 -29.09 4.57
CA VAL C 81 53.18 -28.72 3.75
C VAL C 81 53.47 -29.75 2.67
N ASP C 82 53.45 -31.03 3.06
CA ASP C 82 53.93 -32.07 2.18
C ASP C 82 52.91 -32.34 1.10
N ASP C 83 51.72 -31.81 1.32
CA ASP C 83 50.67 -31.93 0.33
C ASP C 83 51.03 -31.11 -0.91
N ILE C 84 51.71 -29.98 -0.70
CA ILE C 84 52.04 -29.09 -1.80
C ILE C 84 52.78 -29.81 -2.95
N GLN C 85 53.86 -30.52 -2.64
CA GLN C 85 54.60 -31.26 -3.67
C GLN C 85 53.67 -32.24 -4.43
N ILE C 86 52.75 -32.87 -3.70
CA ILE C 86 51.79 -33.76 -4.34
C ILE C 86 50.97 -33.01 -5.36
N VAL C 87 50.38 -31.91 -4.92
CA VAL C 87 49.58 -31.07 -5.78
C VAL C 87 50.40 -30.56 -6.97
N LYS C 88 51.61 -30.08 -6.71
CA LYS C 88 52.52 -29.66 -7.78
C LYS C 88 52.73 -30.77 -8.83
N GLU C 89 52.94 -32.00 -8.37
CA GLU C 89 53.17 -33.10 -9.29
C GLU C 89 51.90 -33.38 -10.10
N MET C 90 50.75 -33.29 -9.44
CA MET C 90 49.50 -33.48 -10.16
C MET C 90 49.37 -32.45 -11.28
N LEU C 91 49.69 -31.21 -10.99
CA LEU C 91 49.48 -30.14 -11.95
C LEU C 91 50.45 -30.26 -13.11
N PHE C 92 51.66 -30.77 -12.87
CA PHE C 92 52.61 -30.96 -13.95
C PHE C 92 52.17 -32.09 -14.89
N ALA C 93 51.61 -33.14 -14.30
CA ALA C 93 51.19 -34.32 -15.05
C ALA C 93 49.94 -34.07 -15.90
N ARG C 94 49.15 -33.05 -15.55
CA ARG C 94 47.91 -32.79 -16.27
C ARG C 94 48.20 -32.39 -17.71
N LYS C 95 47.28 -32.72 -18.60
CA LYS C 95 47.48 -32.42 -20.02
C LYS C 95 46.49 -31.40 -20.59
N ASP C 96 45.60 -30.85 -19.76
CA ASP C 96 44.64 -29.86 -20.24
C ASP C 96 45.19 -28.45 -20.07
N PHE C 97 46.46 -28.38 -19.74
CA PHE C 97 47.18 -27.11 -19.83
C PHE C 97 48.65 -27.47 -19.79
N THR C 98 49.49 -26.45 -19.74
CA THR C 98 50.91 -26.68 -19.65
C THR C 98 51.56 -25.61 -18.77
N VAL C 99 52.56 -26.02 -18.01
CA VAL C 99 53.18 -25.14 -17.03
C VAL C 99 54.15 -24.20 -17.70
N VAL C 100 54.00 -22.90 -17.44
CA VAL C 100 54.94 -21.92 -17.98
C VAL C 100 56.07 -21.68 -17.01
N ASP C 101 57.30 -21.94 -17.46
CA ASP C 101 58.47 -21.68 -16.62
C ASP C 101 58.49 -20.22 -16.17
N GLN C 102 59.16 -19.98 -15.05
CA GLN C 102 59.11 -18.67 -14.41
C GLN C 102 59.91 -18.78 -13.11
N ARG C 103 60.39 -17.67 -12.59
CA ARG C 103 61.12 -17.67 -11.34
C ARG C 103 60.77 -16.43 -10.52
N ASP C 104 59.50 -16.32 -10.14
CA ASP C 104 59.01 -15.15 -9.41
C ASP C 104 58.60 -15.50 -7.98
N TYR C 105 58.52 -14.48 -7.13
CA TYR C 105 58.10 -14.65 -5.75
C TYR C 105 59.03 -15.60 -4.99
N ILE C 106 60.29 -15.60 -5.40
CA ILE C 106 61.33 -16.44 -4.80
C ILE C 106 61.55 -16.02 -3.34
N ALA C 107 61.44 -14.72 -3.06
CA ALA C 107 61.56 -14.23 -1.69
C ALA C 107 60.29 -14.49 -0.88
N GLU C 108 59.12 -14.36 -1.52
CA GLU C 108 57.82 -14.59 -0.89
C GLU C 108 57.66 -16.05 -0.45
N HIS C 109 58.00 -16.98 -1.35
CA HIS C 109 58.06 -18.39 -1.01
C HIS C 109 58.95 -18.59 0.24
N LYS C 110 60.15 -18.01 0.22
CA LYS C 110 61.16 -18.22 1.27
C LYS C 110 60.77 -17.61 2.62
N GLU C 111 60.36 -16.34 2.61
CA GLU C 111 59.88 -15.63 3.80
C GLU C 111 58.76 -16.39 4.50
N SER C 112 58.01 -17.18 3.73
CA SER C 112 56.85 -17.89 4.26
C SER C 112 57.26 -19.28 4.75
N GLY C 113 58.56 -19.54 4.75
CA GLY C 113 59.07 -20.84 5.17
C GLY C 113 58.54 -21.92 4.25
N TYR C 114 58.32 -21.55 2.99
CA TYR C 114 57.87 -22.48 1.96
C TYR C 114 56.50 -23.07 2.26
N ARG C 115 55.60 -22.24 2.79
CA ARG C 115 54.23 -22.69 3.03
C ARG C 115 53.31 -22.08 1.96
N SER C 116 53.87 -21.14 1.18
CA SER C 116 53.19 -20.51 0.06
C SER C 116 54.03 -20.70 -1.19
N TYR C 117 53.40 -21.21 -2.25
CA TYR C 117 54.08 -21.56 -3.50
C TYR C 117 53.11 -21.28 -4.64
N HIS C 118 53.59 -21.33 -5.87
CA HIS C 118 52.71 -21.02 -6.97
C HIS C 118 53.39 -21.44 -8.28
N LEU C 119 52.60 -21.65 -9.31
CA LEU C 119 53.14 -21.87 -10.65
C LEU C 119 52.17 -21.38 -11.71
N VAL C 120 52.69 -20.92 -12.84
CA VAL C 120 51.83 -20.35 -13.86
C VAL C 120 51.57 -21.37 -14.96
N VAL C 121 50.33 -21.43 -15.42
CA VAL C 121 49.96 -22.34 -16.49
C VAL C 121 49.43 -21.59 -17.71
N LEU C 122 49.65 -22.14 -18.90
CA LEU C 122 49.00 -21.61 -20.09
C LEU C 122 47.78 -22.50 -20.40
N TYR C 123 46.59 -21.93 -20.36
CA TYR C 123 45.36 -22.71 -20.52
C TYR C 123 44.67 -22.40 -21.87
N PRO C 124 44.38 -23.45 -22.67
CA PRO C 124 43.85 -23.30 -24.02
C PRO C 124 42.33 -23.20 -24.03
N LEU C 125 41.83 -21.98 -23.99
CA LEU C 125 40.41 -21.76 -23.80
C LEU C 125 39.70 -21.82 -25.12
N GLN C 126 38.63 -22.61 -25.21
CA GLN C 126 37.84 -22.65 -26.42
C GLN C 126 36.89 -21.44 -26.50
N THR C 127 37.13 -20.58 -27.48
CA THR C 127 36.30 -19.41 -27.75
C THR C 127 35.34 -19.66 -28.90
N VAL C 128 34.30 -18.85 -28.99
CA VAL C 128 33.48 -18.81 -30.19
C VAL C 128 34.40 -18.50 -31.38
N SER C 129 35.41 -17.67 -31.13
CA SER C 129 36.34 -17.24 -32.16
C SER C 129 37.37 -18.32 -32.47
N GLY C 130 37.34 -19.39 -31.69
CA GLY C 130 38.34 -20.44 -31.83
C GLY C 130 39.07 -20.73 -30.53
N GLU C 131 40.38 -20.60 -30.56
CA GLU C 131 41.17 -20.97 -29.39
C GLU C 131 41.93 -19.76 -28.87
N LYS C 132 41.86 -19.53 -27.57
CA LYS C 132 42.57 -18.41 -26.93
C LYS C 132 43.38 -18.83 -25.68
N HIS C 133 44.71 -18.79 -25.78
CA HIS C 133 45.57 -19.18 -24.66
C HIS C 133 45.70 -18.08 -23.59
N VAL C 134 45.42 -18.43 -22.34
CA VAL C 134 45.47 -17.41 -21.27
C VAL C 134 46.34 -17.86 -20.11
N LEU C 135 47.09 -16.92 -19.56
CA LEU C 135 47.88 -17.23 -18.38
C LEU C 135 46.95 -17.38 -17.20
N VAL C 136 47.21 -18.41 -16.39
CA VAL C 136 46.52 -18.59 -15.13
C VAL C 136 47.51 -18.89 -14.04
N GLU C 137 47.51 -18.08 -12.99
CA GLU C 137 48.37 -18.35 -11.83
C GLU C 137 47.67 -19.23 -10.82
N ILE C 138 48.31 -20.33 -10.44
CA ILE C 138 47.76 -21.24 -9.44
C ILE C 138 48.60 -21.23 -8.17
N GLN C 139 48.10 -20.56 -7.14
CA GLN C 139 48.75 -20.57 -5.85
C GLN C 139 48.54 -21.90 -5.12
N ILE C 140 49.50 -22.26 -4.27
CA ILE C 140 49.36 -23.40 -3.38
C ILE C 140 49.87 -23.05 -1.96
N ARG C 141 48.96 -23.06 -0.99
CA ARG C 141 49.21 -22.59 0.37
C ARG C 141 48.72 -23.63 1.37
N THR C 142 49.27 -23.61 2.58
CA THR C 142 48.63 -24.33 3.66
C THR C 142 47.45 -23.51 4.17
N LEU C 143 46.42 -24.19 4.65
CA LEU C 143 45.36 -23.53 5.40
C LEU C 143 45.89 -22.52 6.41
N ALA C 144 46.93 -22.91 7.16
CA ALA C 144 47.48 -22.01 8.18
C ALA C 144 48.12 -20.75 7.59
N MET C 145 49.01 -20.93 6.62
CA MET C 145 49.62 -19.80 5.95
C MET C 145 48.55 -18.89 5.32
N ASN C 146 47.53 -19.52 4.71
CA ASN C 146 46.50 -18.73 4.06
C ASN C 146 45.73 -17.90 5.07
N PHE C 147 45.46 -18.46 6.24
CA PHE C 147 44.83 -17.67 7.29
C PHE C 147 45.64 -16.42 7.55
N TRP C 148 46.93 -16.59 7.83
CA TRP C 148 47.78 -15.44 8.11
C TRP C 148 47.80 -14.45 6.96
N ALA C 149 47.93 -14.96 5.73
CA ALA C 149 48.02 -14.11 4.56
C ALA C 149 46.76 -13.26 4.36
N THR C 150 45.62 -13.83 4.67
CA THR C 150 44.35 -13.11 4.56
C THR C 150 44.34 -11.88 5.46
N ILE C 151 44.71 -12.07 6.72
CA ILE C 151 44.78 -10.94 7.66
C ILE C 151 45.77 -9.89 7.19
N GLU C 152 46.94 -10.33 6.74
CA GLU C 152 47.95 -9.39 6.30
C GLU C 152 47.40 -8.55 5.16
N HIS C 153 46.66 -9.19 4.26
CA HIS C 153 46.08 -8.49 3.12
C HIS C 153 45.03 -7.45 3.51
N SER C 154 44.16 -7.78 4.47
CA SER C 154 43.16 -6.81 4.99
C SER C 154 43.77 -5.54 5.58
N LEU C 155 44.60 -5.71 6.61
CA LEU C 155 45.19 -4.58 7.31
C LEU C 155 46.01 -3.78 6.33
N ASN C 156 46.67 -4.50 5.43
CA ASN C 156 47.46 -3.84 4.41
C ASN C 156 46.61 -2.94 3.49
N TYR C 157 45.35 -3.33 3.28
CA TYR C 157 44.39 -2.49 2.56
C TYR C 157 43.75 -1.47 3.52
N LYS C 158 43.57 -1.86 4.77
CA LYS C 158 42.98 -0.94 5.77
C LYS C 158 43.84 0.30 6.00
N TYR C 159 45.15 0.11 6.13
CA TYR C 159 46.05 1.24 6.34
C TYR C 159 46.73 1.67 5.03
N SER C 160 46.23 1.15 3.90
CA SER C 160 46.72 1.49 2.57
C SER C 160 48.26 1.45 2.46
N GLY C 161 48.86 0.36 2.92
CA GLY C 161 50.29 0.17 2.81
C GLY C 161 51.07 0.70 3.99
N ASN C 162 50.40 1.41 4.90
CA ASN C 162 51.08 1.92 6.09
C ASN C 162 50.59 1.29 7.39
N ILE C 163 51.01 0.06 7.65
CA ILE C 163 50.57 -0.61 8.87
C ILE C 163 51.36 -0.05 10.05
N PRO C 164 50.65 0.49 11.04
CA PRO C 164 51.28 1.07 12.24
C PRO C 164 52.31 0.14 12.87
N GLU C 165 53.35 0.72 13.49
CA GLU C 165 54.42 -0.07 14.10
C GLU C 165 53.83 -1.11 15.05
N LYS C 166 52.95 -0.64 15.92
CA LYS C 166 52.27 -1.50 16.87
C LYS C 166 51.60 -2.72 16.16
N VAL C 167 50.79 -2.49 15.13
CA VAL C 167 50.09 -3.60 14.47
C VAL C 167 51.00 -4.54 13.66
N LYS C 168 52.03 -4.01 13.01
CA LYS C 168 53.00 -4.84 12.29
C LYS C 168 53.59 -5.92 13.18
N LEU C 169 53.90 -5.56 14.42
CA LEU C 169 54.65 -6.45 15.30
C LEU C 169 53.74 -7.58 15.79
N ARG C 170 52.49 -7.25 16.09
CA ARG C 170 51.50 -8.27 16.38
C ARG C 170 51.23 -9.14 15.15
N LEU C 171 51.35 -8.56 13.96
CA LEU C 171 51.16 -9.36 12.75
C LEU C 171 52.37 -10.26 12.49
N GLN C 172 53.55 -9.82 12.91
CA GLN C 172 54.69 -10.69 12.76
C GLN C 172 54.53 -11.86 13.73
N ARG C 173 54.09 -11.56 14.94
CA ARG C 173 53.87 -12.60 15.94
C ARG C 173 52.91 -13.66 15.43
N ALA C 174 51.78 -13.18 14.87
CA ALA C 174 50.76 -14.04 14.26
C ALA C 174 51.34 -14.95 13.16
N SER C 175 52.25 -14.40 12.36
CA SER C 175 52.94 -15.19 11.37
C SER C 175 53.68 -16.37 11.96
N GLU C 176 54.44 -16.14 13.03
CA GLU C 176 55.25 -17.22 13.60
C GLU C 176 54.34 -18.27 14.21
N ALA C 177 53.21 -17.81 14.73
CA ALA C 177 52.25 -18.71 15.31
C ALA C 177 51.76 -19.68 14.23
N ALA C 178 51.33 -19.12 13.11
CA ALA C 178 50.89 -19.91 11.96
C ALA C 178 51.97 -20.87 11.50
N SER C 179 53.19 -20.34 11.34
CA SER C 179 54.32 -21.16 10.96
C SER C 179 54.48 -22.35 11.92
N ARG C 180 54.22 -22.11 13.20
CA ARG C 180 54.37 -23.15 14.23
C ARG C 180 53.25 -24.16 14.20
N LEU C 181 52.02 -23.68 14.05
CA LEU C 181 50.89 -24.59 13.82
C LEU C 181 51.16 -25.58 12.68
N ASP C 182 51.79 -25.13 11.60
CA ASP C 182 52.13 -26.05 10.53
C ASP C 182 53.17 -27.06 10.99
N GLU C 183 54.22 -26.56 11.64
CA GLU C 183 55.27 -27.39 12.22
C GLU C 183 54.64 -28.61 12.89
N GLU C 184 53.72 -28.38 13.82
CA GLU C 184 53.09 -29.45 14.57
C GLU C 184 52.17 -30.32 13.72
N MET C 185 51.57 -29.77 12.66
CA MET C 185 50.76 -30.59 11.78
C MET C 185 51.62 -31.51 10.93
N SER C 186 52.72 -31.00 10.39
CA SER C 186 53.63 -31.84 9.60
C SER C 186 54.13 -33.01 10.43
N GLU C 187 54.26 -32.79 11.75
CA GLU C 187 54.69 -33.83 12.68
C GLU C 187 53.59 -34.84 12.97
N ILE C 188 52.34 -34.39 12.97
CA ILE C 188 51.19 -35.29 12.96
C ILE C 188 51.25 -36.22 11.74
N ARG C 189 51.05 -35.67 10.55
CA ARG C 189 51.06 -36.44 9.29
C ARG C 189 52.34 -37.26 9.18
N GLY C 190 53.39 -36.79 9.87
CA GLY C 190 54.64 -37.52 9.92
C GLY C 190 54.50 -38.76 10.77
N GLU C 191 54.00 -38.58 11.99
CA GLU C 191 53.87 -39.67 12.95
C GLU C 191 52.88 -40.75 12.49
N VAL C 192 51.86 -40.33 11.75
CA VAL C 192 50.87 -41.27 11.21
C VAL C 192 51.50 -42.27 10.28
N GLN C 193 52.21 -41.78 9.27
CA GLN C 193 52.73 -42.62 8.20
C GLN C 193 53.80 -43.58 8.71
N GLU C 194 54.16 -43.41 9.98
CA GLU C 194 54.85 -44.45 10.72
C GLU C 194 53.82 -45.53 11.11
N ALA C 195 53.30 -46.22 10.08
CA ALA C 195 52.21 -47.17 10.26
C ALA C 195 52.70 -48.62 10.23
N ASP D 1 17.27 -48.80 3.78
CA ASP D 1 18.40 -48.29 3.01
C ASP D 1 17.99 -47.11 2.10
N LYS D 2 16.68 -46.90 1.96
CA LYS D 2 16.15 -45.83 1.11
C LYS D 2 14.78 -45.32 1.61
N GLN D 3 14.24 -46.00 2.62
CA GLN D 3 13.17 -45.41 3.42
C GLN D 3 13.83 -44.37 4.31
N TRP D 4 15.15 -44.55 4.50
CA TRP D 4 16.00 -43.56 5.15
C TRP D 4 16.03 -42.24 4.39
N GLU D 5 16.28 -42.30 3.10
CA GLU D 5 16.35 -41.10 2.27
C GLU D 5 15.04 -40.33 2.33
N ARG D 6 13.96 -41.03 2.70
CA ARG D 6 12.67 -40.37 2.93
C ARG D 6 12.65 -39.67 4.31
N PHE D 7 13.25 -40.31 5.31
CA PHE D 7 13.28 -39.71 6.63
C PHE D 7 14.08 -38.42 6.61
N LEU D 8 15.16 -38.43 5.84
CA LEU D 8 16.16 -37.36 5.82
C LEU D 8 15.76 -36.15 4.97
N VAL D 9 14.62 -36.23 4.29
CA VAL D 9 14.30 -35.20 3.31
C VAL D 9 14.08 -33.84 3.96
N PRO D 10 13.33 -33.76 5.06
CA PRO D 10 13.13 -32.42 5.62
C PRO D 10 14.38 -31.88 6.33
N TYR D 11 15.36 -32.75 6.59
CA TYR D 11 16.59 -32.29 7.20
C TYR D 11 17.52 -31.62 6.18
N ARG D 12 17.61 -32.21 4.98
CA ARG D 12 18.43 -31.64 3.89
C ARG D 12 17.96 -30.27 3.51
N GLN D 13 16.65 -30.09 3.50
CA GLN D 13 16.07 -28.83 3.08
C GLN D 13 16.25 -27.79 4.20
N ALA D 14 16.19 -28.24 5.45
CA ALA D 14 16.47 -27.33 6.55
C ALA D 14 17.92 -26.86 6.45
N VAL D 15 18.84 -27.78 6.18
CA VAL D 15 20.24 -27.40 6.04
C VAL D 15 20.46 -26.44 4.87
N GLU D 16 19.93 -26.76 3.70
CA GLU D 16 20.04 -25.88 2.54
C GLU D 16 19.51 -24.46 2.81
N GLU D 17 18.36 -24.33 3.46
CA GLU D 17 17.76 -23.02 3.70
C GLU D 17 18.58 -22.18 4.67
N LEU D 18 19.02 -22.79 5.77
CA LEU D 18 19.84 -22.11 6.77
C LEU D 18 21.23 -21.79 6.25
N LYS D 19 21.77 -22.72 5.46
CA LYS D 19 23.00 -22.48 4.73
C LYS D 19 22.93 -21.14 3.97
N VAL D 20 21.87 -20.91 3.17
CA VAL D 20 21.83 -19.66 2.41
C VAL D 20 21.47 -18.47 3.30
N LYS D 21 20.69 -18.72 4.37
CA LYS D 21 20.38 -17.64 5.36
C LYS D 21 21.63 -17.12 6.04
N LEU D 22 22.39 -18.00 6.66
CA LEU D 22 23.62 -17.59 7.35
C LEU D 22 24.69 -17.03 6.37
N LYS D 23 24.79 -17.58 5.15
CA LYS D 23 25.74 -17.07 4.17
C LYS D 23 25.36 -15.66 3.80
N GLY D 24 24.14 -15.27 4.09
CA GLY D 24 23.74 -13.89 3.85
C GLY D 24 24.40 -12.92 4.81
N ILE D 25 24.86 -13.38 5.96
CA ILE D 25 25.41 -12.48 6.94
C ILE D 25 26.71 -11.85 6.45
N ARG D 26 27.63 -12.67 5.96
CA ARG D 26 28.86 -12.17 5.36
C ARG D 26 28.61 -11.27 4.15
N THR D 27 27.51 -11.52 3.43
CA THR D 27 27.11 -10.73 2.28
C THR D 27 26.70 -9.30 2.66
N LEU D 28 25.98 -9.17 3.77
CA LEU D 28 25.54 -7.87 4.29
C LEU D 28 26.69 -7.00 4.80
N TYR D 29 27.87 -7.58 4.96
CA TYR D 29 29.02 -6.84 5.48
C TYR D 29 29.94 -6.40 4.36
N GLU D 30 29.84 -7.10 3.23
CA GLU D 30 30.78 -6.95 2.13
C GLU D 30 30.82 -5.53 1.56
N TYR D 31 29.68 -4.84 1.62
CA TYR D 31 29.61 -3.49 1.09
C TYR D 31 29.91 -2.45 2.16
N GLU D 32 30.02 -2.88 3.42
CA GLU D 32 30.39 -1.96 4.50
C GLU D 32 31.89 -1.67 4.51
N ASP D 33 32.68 -2.59 3.96
CA ASP D 33 34.13 -2.64 4.19
C ASP D 33 34.35 -2.64 5.71
N ASP D 34 33.31 -3.10 6.39
CA ASP D 34 33.32 -3.37 7.81
C ASP D 34 33.55 -4.88 7.88
N HIS D 35 33.95 -5.39 9.05
CA HIS D 35 34.45 -6.78 9.12
C HIS D 35 33.33 -7.79 9.28
N SER D 36 33.38 -8.85 8.48
CA SER D 36 32.39 -9.90 8.57
C SER D 36 32.74 -10.87 9.69
N PRO D 37 31.85 -11.02 10.69
CA PRO D 37 32.16 -11.94 11.78
C PRO D 37 32.18 -13.39 11.30
N ILE D 38 31.46 -13.69 10.23
CA ILE D 38 31.44 -15.02 9.65
C ILE D 38 32.36 -15.10 8.46
N GLU D 39 33.22 -16.11 8.47
CA GLU D 39 34.16 -16.27 7.39
C GLU D 39 33.58 -17.23 6.34
N PHE D 40 33.12 -18.40 6.75
CA PHE D 40 32.26 -19.21 5.86
C PHE D 40 31.42 -20.26 6.58
N VAL D 41 30.54 -20.89 5.83
CA VAL D 41 29.51 -21.75 6.38
C VAL D 41 29.39 -23.08 5.65
N THR D 42 29.34 -24.16 6.41
CA THR D 42 29.09 -25.45 5.82
C THR D 42 27.99 -26.13 6.58
N GLY D 43 27.44 -27.17 5.97
CA GLY D 43 26.39 -27.95 6.58
C GLY D 43 26.46 -29.37 6.09
N ARG D 44 25.97 -30.28 6.91
CA ARG D 44 25.82 -31.66 6.50
C ARG D 44 24.60 -32.29 7.18
N VAL D 45 24.00 -33.26 6.49
CA VAL D 45 23.05 -34.15 7.12
C VAL D 45 23.84 -35.31 7.69
N LYS D 46 23.50 -35.73 8.90
CA LYS D 46 24.19 -36.83 9.56
C LYS D 46 24.12 -38.11 8.74
N PRO D 47 25.29 -38.73 8.46
CA PRO D 47 25.33 -40.03 7.77
C PRO D 47 24.48 -41.09 8.50
N VAL D 48 23.72 -41.90 7.74
CA VAL D 48 22.82 -42.90 8.33
C VAL D 48 23.54 -43.85 9.30
N ALA D 49 24.80 -44.18 9.00
CA ALA D 49 25.63 -44.97 9.90
C ALA D 49 25.93 -44.26 11.22
N SER D 50 26.25 -42.96 11.14
CA SER D 50 26.52 -42.16 12.34
C SER D 50 25.31 -42.09 13.27
N ILE D 51 24.12 -42.04 12.69
CA ILE D 51 22.88 -41.91 13.45
C ILE D 51 22.60 -43.12 14.34
N LEU D 52 22.68 -44.31 13.75
CA LEU D 52 22.48 -45.55 14.49
C LEU D 52 23.58 -45.75 15.54
N GLU D 53 24.82 -45.52 15.11
CA GLU D 53 25.96 -45.57 16.00
C GLU D 53 25.76 -44.64 17.18
N LYS D 54 25.32 -43.42 16.92
CA LYS D 54 25.10 -42.49 18.03
C LYS D 54 23.89 -42.91 18.86
N ALA D 55 22.89 -43.53 18.21
CA ALA D 55 21.67 -43.94 18.90
C ALA D 55 21.98 -45.07 19.87
N ARG D 56 22.96 -45.90 19.51
CA ARG D 56 23.50 -46.89 20.43
C ARG D 56 23.98 -46.21 21.73
N ARG D 57 25.08 -45.46 21.63
CA ARG D 57 25.73 -44.87 22.81
C ARG D 57 24.75 -44.20 23.76
N LYS D 58 24.17 -43.09 23.31
CA LYS D 58 23.33 -42.30 24.16
C LYS D 58 22.01 -43.01 24.51
N SER D 59 21.95 -44.32 24.24
CA SER D 59 20.76 -45.13 24.52
C SER D 59 19.47 -44.49 24.02
N ILE D 60 19.44 -44.21 22.72
CA ILE D 60 18.26 -43.63 22.11
C ILE D 60 17.53 -44.70 21.31
N PRO D 61 16.29 -44.98 21.73
CA PRO D 61 15.44 -45.93 21.03
C PRO D 61 15.26 -45.45 19.61
N LEU D 62 15.14 -46.38 18.66
CA LEU D 62 14.88 -46.04 17.26
C LEU D 62 13.67 -45.12 17.10
N HIS D 63 12.64 -45.28 17.95
CA HIS D 63 11.41 -44.50 17.78
C HIS D 63 11.54 -43.08 18.33
N GLU D 64 12.72 -42.76 18.84
CA GLU D 64 12.99 -41.43 19.35
C GLU D 64 14.23 -40.80 18.74
N ILE D 65 14.64 -41.25 17.55
CA ILE D 65 15.84 -40.66 16.96
C ILE D 65 15.59 -39.21 16.51
N GLU D 66 14.33 -38.81 16.37
CA GLU D 66 14.00 -37.41 16.06
C GLU D 66 14.32 -36.48 17.23
N THR D 67 14.74 -37.05 18.34
CA THR D 67 15.17 -36.23 19.46
C THR D 67 16.68 -36.05 19.38
N MET D 68 17.29 -36.69 18.41
CA MET D 68 18.73 -36.50 18.17
C MET D 68 18.99 -35.11 17.58
N GLN D 69 19.84 -34.34 18.23
CA GLN D 69 19.92 -32.92 17.94
C GLN D 69 20.69 -32.54 16.69
N ASP D 70 21.51 -33.45 16.14
CA ASP D 70 22.38 -33.07 15.03
C ASP D 70 22.16 -33.80 13.70
N ILE D 71 20.95 -34.28 13.44
CA ILE D 71 20.71 -34.96 12.17
C ILE D 71 20.96 -33.91 11.08
N ALA D 72 20.50 -32.70 11.35
CA ALA D 72 20.83 -31.60 10.50
C ALA D 72 21.81 -30.70 11.25
N GLY D 73 22.92 -30.37 10.62
CA GLY D 73 23.92 -29.52 11.23
C GLY D 73 24.54 -28.48 10.31
N LEU D 74 24.75 -27.28 10.85
CA LEU D 74 25.50 -26.23 10.18
C LEU D 74 26.75 -25.94 11.01
N ARG D 75 27.76 -25.36 10.37
CA ARG D 75 28.98 -24.98 11.06
C ARG D 75 29.42 -23.63 10.54
N ILE D 76 29.68 -22.71 11.45
CA ILE D 76 30.06 -21.36 11.08
C ILE D 76 31.50 -21.04 11.49
N MET D 77 32.37 -20.82 10.50
CA MET D 77 33.76 -20.49 10.76
C MET D 77 33.99 -18.98 10.93
N CYS D 78 34.59 -18.58 12.03
CA CYS D 78 34.97 -17.17 12.22
C CYS D 78 36.48 -16.94 12.25
N GLN D 79 36.89 -15.75 11.82
CA GLN D 79 38.29 -15.35 11.83
C GLN D 79 38.84 -15.15 13.24
N PHE D 80 38.05 -14.49 14.08
CA PHE D 80 38.47 -14.11 15.41
C PHE D 80 37.60 -14.73 16.49
N VAL D 81 38.22 -15.04 17.63
CA VAL D 81 37.51 -15.51 18.81
C VAL D 81 36.36 -14.58 19.18
N ASP D 82 36.57 -13.29 18.97
CA ASP D 82 35.54 -12.31 19.30
C ASP D 82 34.31 -12.42 18.37
N ASP D 83 34.51 -12.96 17.17
CA ASP D 83 33.43 -13.09 16.21
C ASP D 83 32.38 -14.07 16.72
N ILE D 84 32.84 -15.19 17.29
CA ILE D 84 31.95 -16.25 17.79
C ILE D 84 30.84 -15.69 18.67
N GLN D 85 31.22 -14.76 19.55
CA GLN D 85 30.27 -14.06 20.43
C GLN D 85 29.30 -13.14 19.66
N ILE D 86 29.81 -12.43 18.66
CA ILE D 86 28.93 -11.62 17.82
C ILE D 86 27.94 -12.48 17.04
N VAL D 87 28.39 -13.62 16.56
CA VAL D 87 27.52 -14.49 15.80
C VAL D 87 26.47 -15.09 16.71
N LYS D 88 26.89 -15.52 17.92
CA LYS D 88 25.92 -16.16 18.81
C LYS D 88 24.82 -15.16 19.13
N GLU D 89 25.21 -13.93 19.44
CA GLU D 89 24.27 -12.86 19.70
C GLU D 89 23.27 -12.68 18.53
N MET D 90 23.74 -12.87 17.30
CA MET D 90 22.90 -12.76 16.10
C MET D 90 21.89 -13.91 16.00
N LEU D 91 22.34 -15.13 16.28
CA LEU D 91 21.47 -16.29 16.22
C LEU D 91 20.32 -16.15 17.22
N PHE D 92 20.64 -15.76 18.45
CA PHE D 92 19.61 -15.57 19.47
C PHE D 92 18.59 -14.51 19.12
N ALA D 93 18.99 -13.52 18.33
CA ALA D 93 18.10 -12.43 17.90
C ALA D 93 17.22 -12.70 16.64
N ARG D 94 17.47 -13.79 15.91
CA ARG D 94 16.76 -14.09 14.64
C ARG D 94 15.38 -14.68 14.90
N LYS D 95 14.40 -14.24 14.11
CA LYS D 95 13.01 -14.65 14.33
C LYS D 95 12.54 -15.74 13.38
N ASP D 96 13.36 -16.08 12.39
CA ASP D 96 12.99 -17.07 11.39
C ASP D 96 13.20 -18.49 11.91
N PHE D 97 13.66 -18.59 13.15
CA PHE D 97 13.64 -19.83 13.92
C PHE D 97 13.74 -19.48 15.41
N THR D 98 13.72 -20.48 16.29
CA THR D 98 13.89 -20.21 17.71
C THR D 98 14.95 -21.12 18.32
N VAL D 99 15.78 -20.57 19.21
CA VAL D 99 16.80 -21.37 19.89
C VAL D 99 16.19 -22.21 21.01
N VAL D 100 16.55 -23.48 21.06
CA VAL D 100 16.09 -24.42 22.08
C VAL D 100 16.88 -24.26 23.38
N ASP D 101 16.24 -24.47 24.54
CA ASP D 101 16.93 -24.34 25.84
C ASP D 101 18.21 -25.16 25.92
N ARG D 115 36.56 -20.29 21.81
CA ARG D 115 36.99 -20.65 20.45
C ARG D 115 36.01 -21.63 19.74
N SER D 116 34.97 -22.04 20.44
CA SER D 116 34.02 -23.03 19.93
C SER D 116 32.73 -22.91 20.72
N TYR D 117 31.65 -23.46 20.18
CA TYR D 117 30.33 -23.26 20.74
C TYR D 117 29.30 -24.00 19.89
N HIS D 118 28.24 -24.48 20.52
CA HIS D 118 27.10 -24.91 19.75
C HIS D 118 25.78 -24.57 20.42
N LEU D 119 24.77 -24.38 19.57
CA LEU D 119 23.40 -24.26 20.02
C LEU D 119 22.53 -25.10 19.10
N VAL D 120 21.28 -25.30 19.50
CA VAL D 120 20.30 -26.03 18.72
C VAL D 120 19.08 -25.18 18.44
N VAL D 121 18.68 -25.09 17.18
CA VAL D 121 17.47 -24.33 16.86
C VAL D 121 16.34 -25.26 16.43
N LEU D 122 15.12 -24.78 16.61
CA LEU D 122 13.93 -25.40 16.06
C LEU D 122 13.59 -24.58 14.83
N TYR D 123 13.77 -25.18 13.66
CA TYR D 123 13.55 -24.46 12.40
C TYR D 123 12.23 -24.89 11.74
N PRO D 124 11.28 -23.94 11.59
CA PRO D 124 9.93 -24.18 11.09
C PRO D 124 9.92 -24.44 9.58
N LEU D 125 10.07 -25.69 9.18
CA LEU D 125 10.24 -25.96 7.77
C LEU D 125 8.87 -26.02 7.08
N GLN D 126 8.60 -25.05 6.21
CA GLN D 126 7.42 -25.10 5.36
C GLN D 126 7.46 -26.28 4.39
N THR D 127 6.50 -27.18 4.49
CA THR D 127 6.46 -28.34 3.59
C THR D 127 5.23 -28.30 2.69
N VAL D 128 5.08 -29.30 1.82
CA VAL D 128 3.89 -29.45 0.98
C VAL D 128 2.72 -29.88 1.83
N SER D 129 3.03 -30.72 2.82
CA SER D 129 2.08 -31.22 3.81
C SER D 129 1.75 -30.16 4.85
N GLY D 130 2.49 -29.05 4.83
CA GLY D 130 2.31 -28.00 5.83
C GLY D 130 3.57 -27.62 6.59
N GLU D 131 3.47 -27.56 7.91
CA GLU D 131 4.60 -27.02 8.65
C GLU D 131 5.27 -28.09 9.48
N LYS D 132 6.60 -28.08 9.50
CA LYS D 132 7.32 -29.11 10.22
C LYS D 132 8.59 -28.57 10.91
N HIS D 133 8.66 -28.70 12.23
CA HIS D 133 9.78 -28.14 12.98
C HIS D 133 10.95 -29.12 13.12
N VAL D 134 12.09 -28.80 12.52
CA VAL D 134 13.20 -29.73 12.63
C VAL D 134 14.34 -29.11 13.42
N LEU D 135 14.94 -29.94 14.27
CA LEU D 135 16.03 -29.50 15.11
C LEU D 135 17.25 -29.35 14.24
N VAL D 136 18.00 -28.28 14.48
CA VAL D 136 19.24 -28.10 13.75
C VAL D 136 20.33 -27.63 14.68
N GLU D 137 21.47 -28.31 14.64
CA GLU D 137 22.60 -27.92 15.47
C GLU D 137 23.46 -26.93 14.70
N ILE D 138 23.68 -25.75 15.29
CA ILE D 138 24.59 -24.77 14.73
C ILE D 138 25.89 -24.73 15.54
N GLN D 139 27.01 -24.94 14.85
CA GLN D 139 28.33 -24.86 15.49
C GLN D 139 29.02 -23.57 15.11
N ILE D 140 29.80 -23.02 16.04
CA ILE D 140 30.57 -21.81 15.78
C ILE D 140 32.00 -21.99 16.24
N ARG D 141 32.93 -21.89 15.30
CA ARG D 141 34.34 -22.11 15.52
C ARG D 141 35.16 -20.97 14.96
N THR D 142 36.43 -20.89 15.36
CA THR D 142 37.41 -20.06 14.66
C THR D 142 38.05 -20.93 13.60
N LEU D 143 38.62 -20.33 12.56
CA LEU D 143 39.30 -21.08 11.51
C LEU D 143 40.33 -22.02 12.10
N ALA D 144 41.24 -21.48 12.90
CA ALA D 144 42.27 -22.27 13.57
C ALA D 144 41.68 -23.45 14.32
N MET D 145 40.77 -23.19 15.24
CA MET D 145 40.07 -24.27 15.93
C MET D 145 39.60 -25.35 14.95
N ASN D 146 38.92 -24.94 13.87
CA ASN D 146 38.32 -25.88 12.93
C ASN D 146 39.35 -26.72 12.21
N PHE D 147 40.50 -26.13 11.90
CA PHE D 147 41.55 -26.89 11.27
C PHE D 147 41.99 -28.04 12.17
N TRP D 148 42.35 -27.72 13.42
CA TRP D 148 42.71 -28.75 14.39
C TRP D 148 41.61 -29.80 14.60
N ALA D 149 40.36 -29.36 14.71
CA ALA D 149 39.26 -30.27 15.02
C ALA D 149 39.03 -31.26 13.90
N THR D 150 39.36 -30.83 12.69
CA THR D 150 39.20 -31.62 11.48
C THR D 150 40.17 -32.79 11.46
N ILE D 151 41.42 -32.52 11.83
CA ILE D 151 42.45 -33.56 11.86
C ILE D 151 42.13 -34.54 12.96
N GLU D 152 41.75 -34.00 14.12
CA GLU D 152 41.32 -34.83 15.22
C GLU D 152 40.21 -35.79 14.81
N HIS D 153 39.18 -35.30 14.13
CA HIS D 153 38.11 -36.18 13.69
C HIS D 153 38.62 -37.28 12.74
N SER D 154 39.41 -36.90 11.74
CA SER D 154 39.95 -37.88 10.79
C SER D 154 40.66 -39.03 11.49
N LEU D 155 41.73 -38.71 12.22
CA LEU D 155 42.48 -39.66 13.03
C LEU D 155 41.57 -40.50 13.93
N ASN D 156 40.65 -39.83 14.63
CA ASN D 156 39.72 -40.52 15.50
C ASN D 156 38.86 -41.55 14.75
N TYR D 157 38.96 -41.55 13.43
CA TYR D 157 38.32 -42.54 12.58
C TYR D 157 39.34 -43.55 12.07
N LYS D 158 40.49 -43.05 11.61
CA LYS D 158 41.59 -43.88 11.15
C LYS D 158 41.98 -44.91 12.21
N TYR D 159 42.26 -44.44 13.42
CA TYR D 159 42.62 -45.31 14.54
C TYR D 159 41.37 -45.69 15.34
N SER D 160 40.23 -45.61 14.65
CA SER D 160 38.98 -46.23 15.09
C SER D 160 38.59 -45.91 16.54
N GLY D 161 38.99 -44.75 17.03
CA GLY D 161 38.60 -44.32 18.35
C GLY D 161 39.73 -44.46 19.33
N ASN D 162 40.72 -45.26 18.95
CA ASN D 162 41.91 -45.44 19.77
C ASN D 162 43.17 -44.94 19.06
N ILE D 163 43.49 -43.68 19.28
CA ILE D 163 44.68 -43.10 18.70
C ILE D 163 45.93 -43.48 19.48
N PRO D 164 46.97 -43.93 18.77
CA PRO D 164 48.30 -44.22 19.33
C PRO D 164 48.80 -43.08 20.21
N GLU D 165 49.72 -43.39 21.10
CA GLU D 165 50.16 -42.39 22.06
C GLU D 165 51.00 -41.32 21.39
N LYS D 166 51.95 -41.74 20.55
CA LYS D 166 52.83 -40.79 19.89
C LYS D 166 52.02 -39.76 19.10
N VAL D 167 51.00 -40.22 18.39
CA VAL D 167 50.14 -39.33 17.63
C VAL D 167 49.34 -38.41 18.56
N LYS D 168 48.69 -38.99 19.58
CA LYS D 168 47.92 -38.20 20.54
C LYS D 168 48.64 -36.94 21.06
N LEU D 169 49.93 -37.07 21.37
CA LEU D 169 50.76 -35.93 21.80
C LEU D 169 50.87 -34.83 20.75
N ARG D 170 51.28 -35.22 19.56
CA ARG D 170 51.43 -34.26 18.48
C ARG D 170 50.08 -33.56 18.29
N LEU D 171 49.00 -34.29 18.55
CA LEU D 171 47.67 -33.71 18.47
C LEU D 171 47.45 -32.67 19.57
N GLN D 172 47.94 -32.99 20.76
CA GLN D 172 47.85 -32.06 21.88
C GLN D 172 48.68 -30.80 21.62
N ARG D 173 49.83 -30.98 20.99
CA ARG D 173 50.69 -29.84 20.71
C ARG D 173 50.06 -29.00 19.58
N ALA D 174 49.55 -29.67 18.55
CA ALA D 174 48.83 -28.97 17.48
C ALA D 174 47.68 -28.14 18.04
N SER D 175 46.89 -28.76 18.89
CA SER D 175 45.80 -28.07 19.56
C SER D 175 46.26 -26.78 20.22
N GLU D 176 47.39 -26.86 20.94
CA GLU D 176 47.91 -25.71 21.66
C GLU D 176 48.50 -24.70 20.68
N ALA D 177 49.04 -25.20 19.56
CA ALA D 177 49.52 -24.32 18.49
C ALA D 177 48.40 -23.48 17.91
N ALA D 178 47.22 -24.08 17.76
CA ALA D 178 46.10 -23.42 17.16
C ALA D 178 45.62 -22.31 18.07
N SER D 179 45.56 -22.63 19.35
CA SER D 179 45.18 -21.63 20.35
C SER D 179 46.10 -20.42 20.37
N ARG D 180 47.42 -20.61 20.25
CA ARG D 180 48.31 -19.43 20.21
C ARG D 180 47.96 -18.58 18.99
N LEU D 181 47.80 -19.23 17.84
CA LEU D 181 47.43 -18.52 16.64
C LEU D 181 46.21 -17.62 16.83
N ASP D 182 45.20 -18.16 17.49
CA ASP D 182 44.03 -17.38 17.82
C ASP D 182 44.28 -16.26 18.80
N GLU D 183 45.07 -16.54 19.83
CA GLU D 183 45.39 -15.53 20.82
C GLU D 183 46.16 -14.38 20.14
N GLU D 184 47.19 -14.73 19.39
CA GLU D 184 47.88 -13.72 18.59
C GLU D 184 46.88 -12.98 17.71
N MET D 185 46.01 -13.72 17.01
CA MET D 185 44.97 -13.10 16.18
C MET D 185 44.11 -12.08 16.95
N SER D 186 43.64 -12.44 18.15
CA SER D 186 42.84 -11.50 18.95
C SER D 186 43.58 -10.21 19.31
N GLU D 187 44.90 -10.28 19.46
CA GLU D 187 45.64 -9.08 19.85
C GLU D 187 45.87 -8.12 18.69
N ILE D 188 46.05 -8.67 17.49
CA ILE D 188 45.98 -7.85 16.29
C ILE D 188 44.64 -7.10 16.28
N ARG D 189 43.56 -7.86 16.46
CA ARG D 189 42.21 -7.31 16.42
C ARG D 189 42.09 -6.17 17.41
N GLY D 190 42.55 -6.40 18.63
CA GLY D 190 42.49 -5.41 19.69
C GLY D 190 43.34 -4.20 19.37
N GLU D 191 44.59 -4.43 18.98
CA GLU D 191 45.50 -3.34 18.67
C GLU D 191 45.03 -2.49 17.49
N VAL D 192 44.45 -3.14 16.48
CA VAL D 192 43.86 -2.39 15.36
C VAL D 192 42.75 -1.47 15.84
N GLN D 193 41.98 -1.95 16.81
CA GLN D 193 40.87 -1.19 17.38
C GLN D 193 41.37 -0.10 18.32
N GLU D 194 42.68 0.03 18.42
CA GLU D 194 43.31 1.20 19.03
C GLU D 194 43.59 2.21 17.91
N ALA D 195 42.52 2.79 17.37
CA ALA D 195 42.62 3.66 16.22
C ALA D 195 42.23 5.09 16.58
N ASP E 1 -4.43 18.37 33.99
CA ASP E 1 -3.84 19.60 33.49
C ASP E 1 -2.39 19.78 33.97
N LYS E 2 -2.19 20.09 35.25
CA LYS E 2 -0.84 20.22 35.80
C LYS E 2 -0.08 18.91 35.63
N GLN E 3 -0.84 17.81 35.58
CA GLN E 3 -0.29 16.47 35.37
C GLN E 3 0.22 16.33 33.93
N TRP E 4 -0.59 16.78 32.98
CA TRP E 4 -0.21 16.78 31.57
C TRP E 4 0.96 17.69 31.26
N GLU E 5 0.90 18.92 31.76
CA GLU E 5 1.98 19.88 31.52
C GLU E 5 3.33 19.30 31.89
N ARG E 6 3.39 18.56 32.99
CA ARG E 6 4.65 17.98 33.42
C ARG E 6 5.05 16.89 32.45
N PHE E 7 4.08 16.08 32.06
CA PHE E 7 4.37 15.00 31.13
C PHE E 7 5.05 15.49 29.85
N LEU E 8 4.71 16.70 29.40
CA LEU E 8 5.15 17.18 28.08
C LEU E 8 6.55 17.78 28.07
N VAL E 9 6.95 18.39 29.18
CA VAL E 9 8.27 19.03 29.35
C VAL E 9 9.43 18.41 28.55
N PRO E 10 9.65 17.10 28.72
CA PRO E 10 10.66 16.39 27.92
C PRO E 10 10.38 16.40 26.41
N TYR E 11 9.12 16.28 25.96
CA TYR E 11 8.88 16.28 24.51
C TYR E 11 9.21 17.64 23.92
N ARG E 12 8.70 18.67 24.60
CA ARG E 12 8.99 20.06 24.32
C ARG E 12 10.47 20.32 24.13
N GLN E 13 11.29 19.78 25.03
CA GLN E 13 12.74 20.06 25.04
C GLN E 13 13.43 19.22 23.99
N ALA E 14 12.89 18.04 23.72
CA ALA E 14 13.37 17.24 22.61
C ALA E 14 13.11 17.96 21.27
N VAL E 15 11.92 18.53 21.09
CA VAL E 15 11.68 19.26 19.83
C VAL E 15 12.70 20.41 19.68
N GLU E 16 13.02 21.09 20.79
CA GLU E 16 14.00 22.19 20.76
C GLU E 16 15.37 21.73 20.34
N GLU E 17 15.82 20.59 20.87
CA GLU E 17 17.17 20.09 20.54
C GLU E 17 17.25 19.64 19.08
N LEU E 18 16.19 18.96 18.62
CA LEU E 18 16.17 18.49 17.23
C LEU E 18 16.10 19.66 16.27
N LYS E 19 15.33 20.68 16.64
CA LYS E 19 15.16 21.88 15.82
C LYS E 19 16.50 22.51 15.50
N VAL E 20 17.39 22.58 16.47
CA VAL E 20 18.71 23.19 16.29
C VAL E 20 19.62 22.26 15.49
N LYS E 21 19.55 20.96 15.79
CA LYS E 21 20.33 19.96 15.07
C LYS E 21 19.99 19.92 13.58
N LEU E 22 18.70 19.89 13.25
CA LEU E 22 18.27 19.82 11.84
C LEU E 22 18.48 21.12 11.09
N LYS E 23 18.34 22.25 11.78
CA LYS E 23 18.64 23.54 11.14
C LYS E 23 20.13 23.64 10.83
N GLY E 24 20.95 22.82 11.49
CA GLY E 24 22.38 22.86 11.25
C GLY E 24 22.71 22.46 9.81
N ILE E 25 22.06 21.40 9.36
CA ILE E 25 22.29 20.88 8.02
C ILE E 25 22.30 21.99 6.97
N ARG E 26 21.25 22.81 6.95
CA ARG E 26 21.25 23.96 6.05
C ARG E 26 22.47 24.84 6.23
N THR E 27 22.85 25.09 7.49
CA THR E 27 23.99 25.96 7.83
C THR E 27 25.25 25.41 7.18
N LEU E 28 25.47 24.11 7.34
CA LEU E 28 26.68 23.46 6.85
C LEU E 28 26.76 23.52 5.32
N TYR E 29 25.63 23.22 4.67
CA TYR E 29 25.53 23.18 3.22
C TYR E 29 25.78 24.56 2.59
N GLU E 30 25.70 25.60 3.41
CA GLU E 30 25.96 26.94 2.89
C GLU E 30 27.45 27.10 2.67
N TYR E 31 28.21 26.18 3.25
CA TYR E 31 29.67 26.28 3.21
C TYR E 31 30.27 25.14 2.39
N GLU E 32 29.49 24.68 1.44
CA GLU E 32 30.00 23.85 0.36
C GLU E 32 29.58 24.55 -0.92
N ASP E 33 29.47 25.88 -0.80
CA ASP E 33 28.72 26.79 -1.68
C ASP E 33 27.65 26.08 -2.50
N ASP E 34 27.03 25.11 -1.84
CA ASP E 34 26.20 24.13 -2.50
C ASP E 34 24.75 24.37 -2.13
N HIS E 35 23.85 23.63 -2.78
CA HIS E 35 22.42 23.81 -2.53
C HIS E 35 21.96 22.88 -1.43
N SER E 36 21.30 23.47 -0.44
CA SER E 36 20.89 22.76 0.77
C SER E 36 19.60 21.96 0.56
N PRO E 37 19.64 20.68 0.94
CA PRO E 37 18.46 19.82 0.98
C PRO E 37 17.33 20.44 1.77
N ILE E 38 17.65 21.11 2.87
CA ILE E 38 16.63 21.68 3.74
C ILE E 38 16.49 23.19 3.54
N GLU E 39 15.24 23.63 3.47
CA GLU E 39 14.90 25.04 3.35
C GLU E 39 14.61 25.66 4.75
N PHE E 40 13.62 25.11 5.45
CA PHE E 40 13.40 25.48 6.84
C PHE E 40 12.77 24.35 7.66
N VAL E 41 12.84 24.44 8.99
CA VAL E 41 12.24 23.44 9.87
C VAL E 41 11.19 24.06 10.76
N THR E 42 10.18 23.30 11.11
CA THR E 42 9.27 23.71 12.16
C THR E 42 9.12 22.52 13.08
N GLY E 43 8.37 22.69 14.16
CA GLY E 43 8.20 21.64 15.15
C GLY E 43 7.00 21.97 15.97
N ARG E 44 6.49 21.01 16.70
CA ARG E 44 5.30 21.27 17.49
C ARG E 44 5.12 20.17 18.53
N VAL E 45 4.72 20.55 19.74
CA VAL E 45 4.33 19.52 20.68
C VAL E 45 2.81 19.34 20.57
N LYS E 46 2.41 18.08 20.42
CA LYS E 46 1.01 17.73 20.28
C LYS E 46 0.20 18.28 21.44
N PRO E 47 -0.91 18.95 21.12
CA PRO E 47 -1.87 19.53 22.07
C PRO E 47 -2.57 18.46 22.89
N VAL E 48 -2.64 18.65 24.20
CA VAL E 48 -3.18 17.64 25.10
C VAL E 48 -4.52 17.06 24.63
N ALA E 49 -5.40 17.89 24.08
CA ALA E 49 -6.65 17.38 23.53
C ALA E 49 -6.42 16.46 22.35
N SER E 50 -5.45 16.83 21.50
CA SER E 50 -5.06 15.98 20.37
C SER E 50 -4.58 14.62 20.86
N ILE E 51 -3.85 14.61 21.96
CA ILE E 51 -3.32 13.37 22.48
C ILE E 51 -4.45 12.44 22.92
N LEU E 52 -5.42 12.97 23.66
CA LEU E 52 -6.51 12.14 24.13
C LEU E 52 -7.32 11.54 22.96
N GLU E 53 -7.82 12.42 22.10
CA GLU E 53 -8.56 12.01 20.92
C GLU E 53 -7.84 10.94 20.11
N LYS E 54 -6.56 11.15 19.79
CA LYS E 54 -5.87 10.14 18.98
C LYS E 54 -5.72 8.83 19.75
N ALA E 55 -5.71 8.94 21.08
CA ALA E 55 -5.57 7.78 21.96
C ALA E 55 -6.85 6.94 21.99
N ARG E 56 -8.00 7.63 21.96
CA ARG E 56 -9.29 6.98 21.80
C ARG E 56 -9.37 6.28 20.44
N ARG E 57 -9.23 7.08 19.38
CA ARG E 57 -9.25 6.62 17.98
C ARG E 57 -8.37 5.39 17.74
N LYS E 58 -7.25 5.25 18.46
CA LYS E 58 -6.35 4.12 18.19
C LYS E 58 -6.30 3.11 19.32
N SER E 59 -7.17 3.30 20.31
CA SER E 59 -7.28 2.44 21.48
C SER E 59 -5.98 2.30 22.27
N ILE E 60 -5.35 3.43 22.53
CA ILE E 60 -4.21 3.47 23.43
C ILE E 60 -4.68 3.80 24.84
N PRO E 61 -4.51 2.86 25.78
CA PRO E 61 -4.84 3.20 27.18
C PRO E 61 -3.84 4.21 27.71
N LEU E 62 -4.27 5.07 28.63
CA LEU E 62 -3.39 6.08 29.21
C LEU E 62 -2.02 5.56 29.67
N HIS E 63 -1.94 4.36 30.23
CA HIS E 63 -0.64 3.92 30.73
C HIS E 63 0.35 3.68 29.61
N GLU E 64 -0.14 3.67 28.37
CA GLU E 64 0.72 3.46 27.21
C GLU E 64 0.74 4.62 26.22
N ILE E 65 0.52 5.86 26.65
CA ILE E 65 0.53 6.96 25.67
C ILE E 65 1.92 7.29 25.16
N GLU E 66 2.96 6.83 25.85
CA GLU E 66 4.31 7.26 25.46
C GLU E 66 4.67 6.52 24.18
N THR E 67 3.90 5.47 23.86
CA THR E 67 4.11 4.74 22.62
C THR E 67 3.60 5.50 21.40
N MET E 68 2.79 6.54 21.61
CA MET E 68 2.30 7.38 20.54
C MET E 68 3.46 8.10 19.84
N GLN E 69 3.58 7.89 18.52
CA GLN E 69 4.74 8.35 17.74
C GLN E 69 4.88 9.86 17.54
N ASP E 70 3.85 10.66 17.74
CA ASP E 70 4.02 12.08 17.42
C ASP E 70 3.66 13.07 18.52
N ILE E 71 3.85 12.71 19.79
CA ILE E 71 3.68 13.69 20.84
C ILE E 71 4.69 14.82 20.61
N ALA E 72 5.80 14.46 19.99
CA ALA E 72 6.75 15.44 19.54
C ALA E 72 6.95 15.30 18.04
N GLY E 73 6.82 16.40 17.31
CA GLY E 73 6.94 16.31 15.88
C GLY E 73 7.70 17.42 15.23
N LEU E 74 8.53 17.04 14.27
CA LEU E 74 9.20 18.03 13.46
C LEU E 74 8.77 17.88 12.01
N ARG E 75 8.90 18.97 11.25
CA ARG E 75 8.52 18.98 9.86
C ARG E 75 9.58 19.73 9.12
N ILE E 76 10.22 19.03 8.21
CA ILE E 76 11.26 19.55 7.33
C ILE E 76 10.73 19.90 5.94
N MET E 77 10.97 21.11 5.45
CA MET E 77 10.54 21.44 4.10
C MET E 77 11.71 21.62 3.14
N CYS E 78 11.72 20.81 2.06
CA CYS E 78 12.74 20.87 1.00
C CYS E 78 12.25 21.53 -0.31
N GLN E 79 13.21 21.96 -1.11
CA GLN E 79 12.93 22.61 -2.39
C GLN E 79 12.50 21.60 -3.47
N PHE E 80 13.30 20.55 -3.64
CA PHE E 80 13.06 19.57 -4.67
C PHE E 80 12.61 18.24 -4.09
N VAL E 81 11.65 17.63 -4.76
CA VAL E 81 11.19 16.31 -4.42
C VAL E 81 12.38 15.39 -4.25
N ASP E 82 13.41 15.63 -5.05
CA ASP E 82 14.64 14.84 -4.94
C ASP E 82 15.28 14.96 -3.58
N ASP E 83 15.19 16.15 -2.99
CA ASP E 83 15.84 16.46 -1.71
C ASP E 83 15.34 15.56 -0.57
N ILE E 84 14.05 15.24 -0.60
CA ILE E 84 13.43 14.36 0.40
C ILE E 84 14.24 13.09 0.67
N GLN E 85 14.69 12.42 -0.39
CA GLN E 85 15.45 11.18 -0.25
C GLN E 85 16.75 11.53 0.45
N ILE E 86 17.37 12.64 0.03
CA ILE E 86 18.65 13.08 0.59
C ILE E 86 18.57 13.30 2.12
N VAL E 87 17.49 13.93 2.56
CA VAL E 87 17.27 14.16 3.98
C VAL E 87 16.93 12.85 4.66
N LYS E 88 16.18 11.99 3.97
CA LYS E 88 15.95 10.64 4.50
C LYS E 88 17.27 9.93 4.82
N GLU E 89 18.26 9.99 3.93
CA GLU E 89 19.49 9.24 4.13
C GLU E 89 20.36 9.89 5.22
N MET E 90 20.26 11.21 5.35
CA MET E 90 21.02 11.88 6.37
C MET E 90 20.54 11.42 7.73
N LEU E 91 19.23 11.29 7.90
CA LEU E 91 18.67 10.94 9.19
C LEU E 91 19.14 9.55 9.63
N PHE E 92 19.01 8.55 8.74
CA PHE E 92 19.47 7.20 9.02
C PHE E 92 20.95 7.21 9.38
N ALA E 93 21.71 8.06 8.71
CA ALA E 93 23.14 8.15 8.92
C ALA E 93 23.50 8.66 10.30
N ARG E 94 22.64 9.51 10.87
CA ARG E 94 22.94 10.18 12.13
C ARG E 94 23.06 9.17 13.24
N LYS E 95 23.70 9.59 14.32
CA LYS E 95 23.92 8.73 15.48
C LYS E 95 23.47 9.35 16.81
N ASP E 96 23.01 10.61 16.79
CA ASP E 96 22.45 11.19 18.01
C ASP E 96 21.02 10.71 18.24
N PHE E 97 20.57 9.80 17.39
CA PHE E 97 19.35 9.04 17.63
C PHE E 97 19.35 7.82 16.73
N THR E 98 18.26 7.04 16.80
CA THR E 98 18.05 5.88 15.95
C THR E 98 16.70 5.99 15.26
N VAL E 99 16.57 5.46 14.06
CA VAL E 99 15.25 5.43 13.45
C VAL E 99 14.51 4.16 13.86
N VAL E 100 13.24 4.27 14.22
CA VAL E 100 12.48 3.10 14.62
C VAL E 100 11.38 2.74 13.59
N ASP E 101 10.27 3.48 13.49
CA ASP E 101 9.37 3.23 12.35
C ASP E 101 9.73 4.22 11.24
N GLN E 102 9.08 4.10 10.09
CA GLN E 102 9.46 4.90 8.91
C GLN E 102 8.27 5.07 7.96
N SER E 116 4.21 13.60 1.86
CA SER E 116 4.18 13.71 3.30
C SER E 116 4.83 12.45 3.88
N TYR E 117 6.02 12.15 3.36
CA TYR E 117 6.83 11.09 3.92
C TYR E 117 7.03 11.37 5.41
N HIS E 118 7.22 10.33 6.20
CA HIS E 118 7.64 10.53 7.58
C HIS E 118 8.40 9.35 8.13
N LEU E 119 9.34 9.64 9.04
CA LEU E 119 9.96 8.59 9.83
C LEU E 119 9.88 8.96 11.30
N VAL E 120 10.20 8.00 12.16
CA VAL E 120 10.11 8.21 13.59
C VAL E 120 11.48 7.94 14.21
N VAL E 121 11.96 8.83 15.07
CA VAL E 121 13.21 8.56 15.74
C VAL E 121 12.98 8.27 17.21
N LEU E 122 13.87 7.49 17.81
CA LEU E 122 13.94 7.42 19.27
C LEU E 122 15.07 8.36 19.76
N TYR E 123 14.72 9.44 20.45
CA TYR E 123 15.71 10.45 20.86
C TYR E 123 16.15 10.29 22.32
N PRO E 124 17.47 10.19 22.55
CA PRO E 124 18.04 10.05 23.91
C PRO E 124 18.10 11.40 24.61
N LEU E 125 16.97 11.77 25.21
CA LEU E 125 16.86 13.04 25.90
C LEU E 125 17.51 12.95 27.29
N GLN E 126 18.54 13.77 27.51
CA GLN E 126 19.18 13.85 28.83
C GLN E 126 18.37 14.74 29.76
N THR E 127 17.97 14.20 30.90
CA THR E 127 17.29 14.99 31.93
C THR E 127 18.13 15.09 33.20
N VAL E 128 17.59 15.78 34.21
CA VAL E 128 18.30 15.94 35.48
C VAL E 128 18.24 14.62 36.24
N SER E 129 17.16 13.88 36.00
CA SER E 129 16.89 12.63 36.70
C SER E 129 17.52 11.44 35.97
N GLY E 130 18.29 11.73 34.93
CA GLY E 130 18.87 10.68 34.11
C GLY E 130 18.58 10.81 32.62
N GLU E 131 18.38 9.67 31.96
CA GLU E 131 18.19 9.62 30.52
C GLU E 131 16.79 9.13 30.17
N LYS E 132 16.04 9.90 29.41
CA LYS E 132 14.71 9.49 28.99
C LYS E 132 14.62 9.38 27.46
N HIS E 133 14.27 8.20 26.95
CA HIS E 133 14.10 8.07 25.50
C HIS E 133 12.70 8.47 25.08
N VAL E 134 12.61 9.45 24.18
CA VAL E 134 11.29 9.84 23.68
C VAL E 134 11.18 9.61 22.18
N LEU E 135 9.94 9.55 21.71
CA LEU E 135 9.63 9.31 20.30
C LEU E 135 9.25 10.60 19.58
N VAL E 136 9.92 10.87 18.46
CA VAL E 136 9.72 12.10 17.71
C VAL E 136 9.45 11.77 16.26
N GLU E 137 8.34 12.30 15.74
CA GLU E 137 7.96 12.06 14.34
C GLU E 137 8.60 13.18 13.52
N ILE E 138 9.29 12.80 12.44
CA ILE E 138 9.86 13.78 11.51
C ILE E 138 9.24 13.71 10.10
N GLN E 139 8.27 14.57 9.84
CA GLN E 139 7.70 14.72 8.50
C GLN E 139 8.68 15.37 7.52
N ILE E 140 8.65 14.98 6.25
CA ILE E 140 9.50 15.58 5.22
C ILE E 140 8.70 15.89 3.94
N ARG E 141 8.59 17.17 3.61
CA ARG E 141 7.70 17.66 2.57
C ARG E 141 8.41 18.63 1.65
N THR E 142 7.98 18.72 0.40
CA THR E 142 8.47 19.79 -0.45
C THR E 142 7.76 21.11 -0.04
N LEU E 143 8.36 22.26 -0.39
CA LEU E 143 7.71 23.54 -0.12
C LEU E 143 6.32 23.61 -0.74
N ALA E 144 6.22 23.23 -2.02
CA ALA E 144 4.97 23.35 -2.75
C ALA E 144 3.87 22.50 -2.13
N MET E 145 4.18 21.26 -1.79
CA MET E 145 3.13 20.40 -1.26
C MET E 145 2.74 20.90 0.11
N ASN E 146 3.72 21.35 0.89
CA ASN E 146 3.46 21.82 2.23
C ASN E 146 2.55 23.04 2.22
N PHE E 147 2.74 23.92 1.24
CA PHE E 147 1.84 25.05 1.09
C PHE E 147 0.41 24.56 0.83
N TRP E 148 0.27 23.64 -0.12
CA TRP E 148 -1.03 23.08 -0.42
C TRP E 148 -1.64 22.48 0.83
N ALA E 149 -0.85 21.70 1.57
CA ALA E 149 -1.35 21.02 2.78
C ALA E 149 -1.78 22.01 3.85
N THR E 150 -1.13 23.16 3.89
CA THR E 150 -1.53 24.19 4.81
C THR E 150 -2.95 24.62 4.50
N ILE E 151 -3.19 24.95 3.25
CA ILE E 151 -4.53 25.39 2.83
C ILE E 151 -5.57 24.28 3.02
N GLU E 152 -5.17 23.02 2.89
CA GLU E 152 -6.14 21.95 3.04
C GLU E 152 -6.62 21.89 4.45
N HIS E 153 -5.65 21.67 5.33
CA HIS E 153 -5.88 21.71 6.77
C HIS E 153 -6.76 22.89 7.12
N SER E 154 -6.32 24.09 6.75
CA SER E 154 -7.04 25.30 7.07
C SER E 154 -8.51 25.26 6.68
N LEU E 155 -8.81 24.63 5.55
CA LEU E 155 -10.19 24.53 5.08
C LEU E 155 -10.91 23.43 5.81
N ASN E 156 -10.22 22.31 6.05
CA ASN E 156 -10.76 21.23 6.87
C ASN E 156 -11.15 21.69 8.28
N TYR E 157 -10.65 22.86 8.68
CA TYR E 157 -11.00 23.42 9.98
C TYR E 157 -12.04 24.54 9.85
N LYS E 158 -11.92 25.34 8.80
CA LYS E 158 -12.91 26.40 8.55
C LYS E 158 -14.30 25.81 8.32
N TYR E 159 -14.35 24.63 7.71
CA TYR E 159 -15.62 23.97 7.41
C TYR E 159 -15.87 22.75 8.29
N SER E 160 -15.05 22.58 9.33
CA SER E 160 -15.27 21.53 10.33
C SER E 160 -15.43 20.15 9.70
N GLY E 161 -14.47 19.77 8.86
CA GLY E 161 -14.48 18.46 8.25
C GLY E 161 -15.42 18.33 7.05
N ASN E 162 -16.31 19.29 6.89
CA ASN E 162 -17.30 19.25 5.83
C ASN E 162 -17.08 20.34 4.77
N ILE E 163 -16.21 20.08 3.81
CA ILE E 163 -15.94 21.07 2.77
C ILE E 163 -16.95 20.88 1.64
N PRO E 164 -17.54 22.01 1.17
CA PRO E 164 -18.44 22.04 0.03
C PRO E 164 -17.81 21.42 -1.23
N GLU E 165 -18.62 20.84 -2.11
CA GLU E 165 -18.07 20.09 -3.24
C GLU E 165 -17.39 21.02 -4.24
N LYS E 166 -17.93 22.22 -4.41
CA LYS E 166 -17.31 23.17 -5.31
C LYS E 166 -15.88 23.50 -4.86
N VAL E 167 -15.67 23.52 -3.54
CA VAL E 167 -14.36 23.87 -2.95
C VAL E 167 -13.36 22.72 -3.00
N LYS E 168 -13.82 21.49 -2.80
CA LYS E 168 -12.94 20.33 -2.93
C LYS E 168 -12.36 20.26 -4.35
N LEU E 169 -13.13 20.64 -5.36
CA LEU E 169 -12.66 20.60 -6.74
C LEU E 169 -11.53 21.63 -6.94
N ARG E 170 -11.79 22.86 -6.52
CA ARG E 170 -10.75 23.89 -6.48
C ARG E 170 -9.55 23.39 -5.68
N LEU E 171 -9.85 22.63 -4.64
CA LEU E 171 -8.83 22.01 -3.83
C LEU E 171 -8.04 20.98 -4.63
N GLN E 172 -8.72 19.96 -5.14
CA GLN E 172 -8.06 18.95 -5.98
C GLN E 172 -7.22 19.60 -7.07
N ARG E 173 -7.79 20.58 -7.78
CA ARG E 173 -7.06 21.28 -8.84
C ARG E 173 -5.86 22.10 -8.31
N ALA E 174 -6.03 22.75 -7.16
CA ALA E 174 -4.90 23.39 -6.49
C ALA E 174 -3.76 22.40 -6.21
N SER E 175 -4.11 21.20 -5.75
CA SER E 175 -3.12 20.15 -5.45
C SER E 175 -2.36 19.64 -6.67
N GLU E 176 -3.03 19.58 -7.81
CA GLU E 176 -2.40 19.11 -9.04
C GLU E 176 -1.44 20.18 -9.56
N ALA E 177 -1.85 21.45 -9.45
CA ALA E 177 -1.02 22.59 -9.87
C ALA E 177 0.30 22.55 -9.17
N ALA E 178 0.29 22.14 -7.90
CA ALA E 178 1.47 22.12 -7.06
C ALA E 178 2.36 20.92 -7.41
N SER E 179 1.76 19.78 -7.78
CA SER E 179 2.57 18.68 -8.28
C SER E 179 3.24 19.06 -9.61
N ARG E 180 2.54 19.82 -10.46
CA ARG E 180 3.16 20.28 -11.71
C ARG E 180 4.38 21.10 -11.36
N LEU E 181 4.22 22.07 -10.46
CA LEU E 181 5.34 22.94 -10.09
C LEU E 181 6.52 22.14 -9.55
N ASP E 182 6.24 21.11 -8.76
CA ASP E 182 7.28 20.19 -8.30
C ASP E 182 7.93 19.49 -9.48
N GLU E 183 7.12 18.93 -10.38
CA GLU E 183 7.60 18.31 -11.62
C GLU E 183 8.57 19.22 -12.39
N GLU E 184 8.17 20.48 -12.57
CA GLU E 184 9.05 21.46 -13.23
C GLU E 184 10.31 21.81 -12.42
N MET E 185 10.22 21.85 -11.09
CA MET E 185 11.42 22.05 -10.29
C MET E 185 12.36 20.85 -10.45
N SER E 186 11.81 19.63 -10.44
CA SER E 186 12.65 18.42 -10.53
C SER E 186 13.50 18.47 -11.79
N GLU E 187 12.94 19.08 -12.83
CA GLU E 187 13.61 19.17 -14.12
C GLU E 187 14.78 20.13 -14.08
N ILE E 188 14.55 21.31 -13.51
CA ILE E 188 15.63 22.27 -13.31
C ILE E 188 16.81 21.65 -12.57
N ARG E 189 16.53 21.10 -11.39
CA ARG E 189 17.54 20.38 -10.61
C ARG E 189 18.22 19.33 -11.48
N GLY E 190 17.41 18.63 -12.26
CA GLY E 190 17.91 17.64 -13.20
C GLY E 190 18.91 18.21 -14.18
N GLU E 191 18.50 19.20 -14.97
CA GLU E 191 19.39 19.78 -15.98
C GLU E 191 20.61 20.44 -15.37
N VAL E 192 20.46 20.93 -14.13
CA VAL E 192 21.60 21.54 -13.44
C VAL E 192 22.68 20.52 -13.15
N GLN E 193 22.27 19.32 -12.73
CA GLN E 193 23.21 18.26 -12.37
C GLN E 193 24.09 17.87 -13.56
N GLU E 194 23.70 18.31 -14.76
CA GLU E 194 24.56 18.23 -15.93
C GLU E 194 25.54 19.41 -15.94
N ALA E 195 26.72 19.19 -15.34
CA ALA E 195 27.71 20.23 -15.16
C ALA E 195 28.97 19.95 -15.99
N ASP F 1 -39.89 -39.62 -11.24
CA ASP F 1 -41.12 -38.93 -10.85
C ASP F 1 -40.82 -37.55 -10.26
N LYS F 2 -39.60 -37.40 -9.74
CA LYS F 2 -39.12 -36.12 -9.20
C LYS F 2 -37.70 -35.83 -9.71
N GLN F 3 -37.19 -36.70 -10.57
CA GLN F 3 -35.93 -36.47 -11.29
C GLN F 3 -36.21 -35.60 -12.52
N TRP F 4 -37.45 -35.66 -13.00
CA TRP F 4 -37.95 -34.76 -14.06
C TRP F 4 -37.75 -33.32 -13.66
N GLU F 5 -38.23 -33.01 -12.46
CA GLU F 5 -38.08 -31.70 -11.83
C GLU F 5 -36.68 -31.14 -12.03
N ARG F 6 -35.68 -32.03 -11.96
CA ARG F 6 -34.28 -31.62 -11.96
C ARG F 6 -33.70 -31.47 -13.37
N PHE F 7 -34.30 -32.18 -14.31
CA PHE F 7 -33.87 -32.17 -15.72
C PHE F 7 -34.34 -30.93 -16.47
N LEU F 8 -35.53 -30.47 -16.13
CA LEU F 8 -36.19 -29.35 -16.79
C LEU F 8 -35.54 -28.02 -16.41
N VAL F 9 -34.91 -28.01 -15.24
CA VAL F 9 -34.28 -26.81 -14.67
C VAL F 9 -33.65 -25.86 -15.68
N PRO F 10 -32.71 -26.38 -16.49
CA PRO F 10 -32.03 -25.48 -17.43
C PRO F 10 -32.98 -24.89 -18.47
N TYR F 11 -34.10 -25.58 -18.76
CA TYR F 11 -35.07 -25.09 -19.73
C TYR F 11 -35.95 -23.96 -19.18
N ARG F 12 -36.36 -24.06 -17.93
CA ARG F 12 -37.14 -22.99 -17.33
C ARG F 12 -36.29 -21.73 -17.21
N GLN F 13 -34.99 -21.89 -17.01
CA GLN F 13 -34.09 -20.74 -16.94
C GLN F 13 -33.86 -20.13 -18.32
N ALA F 14 -33.72 -20.99 -19.32
CA ALA F 14 -33.62 -20.52 -20.70
C ALA F 14 -34.80 -19.61 -21.00
N VAL F 15 -36.01 -20.12 -20.77
CA VAL F 15 -37.21 -19.35 -21.03
C VAL F 15 -37.24 -17.98 -20.33
N GLU F 16 -36.87 -17.95 -19.06
CA GLU F 16 -36.93 -16.71 -18.28
C GLU F 16 -35.95 -15.67 -18.81
N GLU F 17 -34.76 -16.10 -19.18
CA GLU F 17 -33.80 -15.16 -19.74
C GLU F 17 -34.32 -14.63 -21.07
N LEU F 18 -34.75 -15.54 -21.94
CA LEU F 18 -35.26 -15.12 -23.23
C LEU F 18 -36.48 -14.19 -23.11
N LYS F 19 -37.36 -14.48 -22.14
CA LYS F 19 -38.53 -13.63 -21.92
C LYS F 19 -38.13 -12.18 -21.69
N VAL F 20 -37.22 -11.95 -20.74
CA VAL F 20 -36.85 -10.60 -20.35
C VAL F 20 -36.11 -9.92 -21.50
N LYS F 21 -35.35 -10.71 -22.24
CA LYS F 21 -34.68 -10.21 -23.44
C LYS F 21 -35.67 -9.73 -24.52
N LEU F 22 -36.72 -10.52 -24.80
CA LEU F 22 -37.70 -10.16 -25.83
C LEU F 22 -38.54 -8.96 -25.39
N LYS F 23 -38.69 -8.81 -24.08
CA LYS F 23 -39.54 -7.73 -23.57
C LYS F 23 -38.77 -6.44 -23.62
N GLY F 24 -37.49 -6.53 -23.95
CA GLY F 24 -36.64 -5.37 -24.03
C GLY F 24 -36.94 -4.65 -25.33
N ILE F 25 -37.16 -5.45 -26.36
CA ILE F 25 -37.49 -4.96 -27.69
C ILE F 25 -38.72 -4.07 -27.65
N ARG F 26 -39.82 -4.60 -27.12
CA ARG F 26 -41.04 -3.83 -27.04
C ARG F 26 -40.81 -2.52 -26.30
N THR F 27 -40.04 -2.59 -25.22
CA THR F 27 -39.70 -1.42 -24.40
C THR F 27 -38.96 -0.36 -25.21
N LEU F 28 -37.99 -0.80 -26.00
CA LEU F 28 -37.21 0.10 -26.86
C LEU F 28 -38.09 0.87 -27.84
N TYR F 29 -39.02 0.16 -28.51
CA TYR F 29 -39.97 0.82 -29.41
C TYR F 29 -40.92 1.74 -28.63
N GLU F 30 -41.47 1.23 -27.52
CA GLU F 30 -42.35 2.04 -26.68
C GLU F 30 -41.71 3.36 -26.24
N TYR F 31 -40.40 3.36 -26.03
CA TYR F 31 -39.73 4.61 -25.64
C TYR F 31 -39.67 5.57 -26.82
N GLU F 32 -39.42 5.04 -28.01
CA GLU F 32 -39.28 5.88 -29.19
C GLU F 32 -40.64 6.42 -29.68
N ASP F 33 -41.70 6.10 -28.95
CA ASP F 33 -43.06 6.46 -29.31
C ASP F 33 -43.37 6.00 -30.74
N ASP F 34 -43.15 4.71 -30.98
CA ASP F 34 -43.20 4.14 -32.31
C ASP F 34 -43.88 2.76 -32.17
N HIS F 35 -44.55 2.29 -33.21
CA HIS F 35 -45.27 1.01 -33.12
C HIS F 35 -44.31 -0.15 -32.85
N SER F 36 -44.66 -0.97 -31.86
CA SER F 36 -43.85 -2.11 -31.50
C SER F 36 -44.28 -3.34 -32.28
N PRO F 37 -43.36 -3.90 -33.06
CA PRO F 37 -43.62 -5.15 -33.78
C PRO F 37 -43.91 -6.29 -32.82
N ILE F 38 -43.49 -6.16 -31.57
CA ILE F 38 -43.85 -7.15 -30.56
C ILE F 38 -44.95 -6.58 -29.68
N GLU F 39 -46.01 -7.36 -29.49
CA GLU F 39 -47.16 -6.88 -28.73
C GLU F 39 -47.14 -7.47 -27.33
N PHE F 40 -46.86 -8.77 -27.25
CA PHE F 40 -46.45 -9.34 -25.98
C PHE F 40 -45.84 -10.71 -26.19
N VAL F 41 -45.60 -11.43 -25.10
CA VAL F 41 -44.76 -12.62 -25.14
C VAL F 41 -45.09 -13.53 -23.99
N THR F 42 -45.33 -14.80 -24.30
CA THR F 42 -45.59 -15.78 -23.28
C THR F 42 -44.50 -16.82 -23.41
N GLY F 43 -44.32 -17.62 -22.37
CA GLY F 43 -43.28 -18.62 -22.37
C GLY F 43 -43.77 -19.78 -21.54
N ARG F 44 -43.23 -20.96 -21.83
CA ARG F 44 -43.63 -22.14 -21.09
C ARG F 44 -42.67 -23.31 -21.21
N VAL F 45 -42.51 -24.05 -20.12
CA VAL F 45 -41.82 -25.32 -20.21
C VAL F 45 -42.84 -26.41 -20.42
N LYS F 46 -42.60 -27.23 -21.45
CA LYS F 46 -43.44 -28.36 -21.79
C LYS F 46 -43.72 -29.16 -20.53
N PRO F 47 -44.99 -29.44 -20.25
CA PRO F 47 -45.29 -30.18 -19.01
C PRO F 47 -44.85 -31.62 -19.16
N VAL F 48 -44.53 -32.28 -18.05
CA VAL F 48 -44.04 -33.65 -18.13
C VAL F 48 -45.00 -34.54 -18.95
N ALA F 49 -46.25 -34.60 -18.51
CA ALA F 49 -47.29 -35.41 -19.16
C ALA F 49 -47.33 -35.19 -20.67
N SER F 50 -47.12 -33.94 -21.07
CA SER F 50 -47.13 -33.58 -22.47
C SER F 50 -45.80 -33.90 -23.14
N ILE F 51 -44.73 -33.94 -22.35
CA ILE F 51 -43.41 -34.26 -22.89
C ILE F 51 -43.36 -35.69 -23.39
N LEU F 52 -43.99 -36.58 -22.62
CA LEU F 52 -44.02 -38.00 -22.93
C LEU F 52 -44.92 -38.35 -24.14
N GLU F 53 -46.12 -37.79 -24.19
CA GLU F 53 -47.08 -38.09 -25.25
C GLU F 53 -46.49 -37.84 -26.64
N LYS F 54 -45.72 -36.76 -26.77
CA LYS F 54 -45.03 -36.42 -28.00
C LYS F 54 -43.87 -37.40 -28.26
N ALA F 55 -43.35 -37.99 -27.18
CA ALA F 55 -42.23 -38.93 -27.26
C ALA F 55 -42.69 -40.32 -27.71
N ARG F 56 -43.92 -40.70 -27.33
CA ARG F 56 -44.52 -41.92 -27.86
C ARG F 56 -44.78 -41.71 -29.35
N ARG F 57 -45.56 -40.68 -29.65
CA ARG F 57 -45.99 -40.37 -31.00
C ARG F 57 -44.83 -40.23 -31.99
N LYS F 58 -43.78 -39.52 -31.58
CA LYS F 58 -42.62 -39.32 -32.45
C LYS F 58 -41.62 -40.45 -32.25
N SER F 59 -41.88 -41.27 -31.24
CA SER F 59 -41.05 -42.45 -30.95
C SER F 59 -39.61 -42.04 -30.67
N ILE F 60 -39.38 -41.48 -29.49
CA ILE F 60 -38.05 -41.04 -29.06
C ILE F 60 -37.80 -41.53 -27.63
N PRO F 61 -36.53 -41.89 -27.31
CA PRO F 61 -36.21 -42.46 -26.00
C PRO F 61 -35.54 -41.48 -25.03
N LEU F 62 -35.80 -41.63 -23.73
CA LEU F 62 -35.28 -40.72 -22.70
C LEU F 62 -33.75 -40.60 -22.68
N HIS F 63 -33.06 -41.57 -23.29
CA HIS F 63 -31.61 -41.53 -23.32
C HIS F 63 -31.17 -40.32 -24.14
N GLU F 64 -31.96 -39.99 -25.16
CA GLU F 64 -31.73 -38.78 -25.94
C GLU F 64 -33.06 -38.07 -26.21
N ILE F 65 -33.75 -37.70 -25.13
CA ILE F 65 -35.00 -36.96 -25.21
C ILE F 65 -34.74 -35.49 -25.52
N GLU F 66 -33.54 -35.01 -25.17
CA GLU F 66 -33.26 -33.58 -25.26
C GLU F 66 -33.05 -33.11 -26.70
N THR F 67 -33.57 -33.88 -27.65
CA THR F 67 -33.56 -33.46 -29.06
C THR F 67 -34.93 -32.92 -29.45
N MET F 68 -35.89 -33.14 -28.57
CA MET F 68 -37.22 -32.57 -28.71
C MET F 68 -37.06 -31.06 -28.69
N GLN F 69 -37.70 -30.38 -29.63
CA GLN F 69 -37.38 -28.99 -29.87
C GLN F 69 -38.16 -27.99 -29.00
N ASP F 70 -39.36 -28.35 -28.53
CA ASP F 70 -40.17 -27.40 -27.78
C ASP F 70 -40.28 -27.66 -26.26
N ILE F 71 -39.32 -28.39 -25.68
CA ILE F 71 -39.27 -28.54 -24.22
C ILE F 71 -39.34 -27.16 -23.56
N ALA F 72 -38.49 -26.27 -24.05
CA ALA F 72 -38.57 -24.87 -23.70
C ALA F 72 -39.18 -24.10 -24.88
N GLY F 73 -40.26 -23.36 -24.63
CA GLY F 73 -40.85 -22.61 -25.72
C GLY F 73 -41.27 -21.20 -25.36
N LEU F 74 -41.13 -20.30 -26.31
CA LEU F 74 -41.69 -18.96 -26.18
C LEU F 74 -42.66 -18.71 -27.34
N ARG F 75 -43.61 -17.81 -27.14
CA ARG F 75 -44.54 -17.44 -28.19
C ARG F 75 -44.66 -15.93 -28.30
N ILE F 76 -44.44 -15.39 -29.49
CA ILE F 76 -44.53 -13.95 -29.69
C ILE F 76 -45.78 -13.60 -30.47
N MET F 77 -46.57 -12.67 -29.96
CA MET F 77 -47.79 -12.24 -30.64
C MET F 77 -47.61 -10.83 -31.20
N CYS F 78 -47.87 -10.64 -32.49
CA CYS F 78 -47.83 -9.31 -33.06
C CYS F 78 -49.23 -8.90 -33.47
N GLN F 79 -49.43 -7.61 -33.65
CA GLN F 79 -50.73 -7.13 -34.09
C GLN F 79 -50.98 -7.43 -35.58
N PHE F 80 -49.98 -7.17 -36.42
CA PHE F 80 -50.14 -7.17 -37.86
C PHE F 80 -49.31 -8.23 -38.55
N VAL F 81 -49.78 -8.66 -39.73
CA VAL F 81 -49.08 -9.68 -40.49
C VAL F 81 -47.68 -9.24 -40.81
N ASP F 82 -47.55 -8.01 -41.29
CA ASP F 82 -46.26 -7.49 -41.71
C ASP F 82 -45.26 -7.51 -40.57
N ASP F 83 -45.73 -7.23 -39.35
CA ASP F 83 -44.88 -7.21 -38.16
C ASP F 83 -44.06 -8.48 -38.02
N ILE F 84 -44.73 -9.62 -38.18
CA ILE F 84 -44.10 -10.93 -38.02
C ILE F 84 -42.75 -11.07 -38.74
N GLN F 85 -42.68 -10.67 -40.00
CA GLN F 85 -41.41 -10.74 -40.71
C GLN F 85 -40.37 -9.92 -39.97
N ILE F 86 -40.80 -8.79 -39.40
CA ILE F 86 -39.89 -7.89 -38.70
C ILE F 86 -39.24 -8.55 -37.48
N VAL F 87 -40.05 -9.28 -36.71
CA VAL F 87 -39.54 -10.04 -35.58
C VAL F 87 -38.47 -11.03 -36.02
N LYS F 88 -38.81 -11.84 -37.01
CA LYS F 88 -37.90 -12.87 -37.54
C LYS F 88 -36.51 -12.31 -37.88
N GLU F 89 -36.46 -11.19 -38.58
CA GLU F 89 -35.18 -10.60 -38.93
C GLU F 89 -34.45 -10.11 -37.68
N MET F 90 -35.19 -9.55 -36.71
CA MET F 90 -34.63 -9.20 -35.40
C MET F 90 -34.03 -10.44 -34.77
N LEU F 91 -34.77 -11.55 -34.85
CA LEU F 91 -34.33 -12.83 -34.28
C LEU F 91 -33.15 -13.49 -35.01
N PHE F 92 -33.15 -13.48 -36.33
CA PHE F 92 -32.01 -14.00 -37.06
C PHE F 92 -30.73 -13.19 -36.74
N ALA F 93 -30.91 -11.87 -36.60
CA ALA F 93 -29.77 -10.97 -36.37
C ALA F 93 -29.20 -11.06 -34.96
N ARG F 94 -29.91 -11.68 -34.04
CA ARG F 94 -29.41 -11.73 -32.67
C ARG F 94 -28.18 -12.64 -32.54
N LYS F 95 -27.24 -12.22 -31.70
CA LYS F 95 -26.00 -12.97 -31.55
C LYS F 95 -25.89 -13.72 -30.23
N ASP F 96 -26.93 -13.67 -29.39
CA ASP F 96 -26.90 -14.38 -28.10
C ASP F 96 -27.58 -15.76 -28.18
N PHE F 97 -28.07 -16.10 -29.37
CA PHE F 97 -28.36 -17.49 -29.68
C PHE F 97 -28.15 -17.66 -31.16
N THR F 98 -28.37 -18.87 -31.65
CA THR F 98 -28.26 -19.13 -33.08
C THR F 98 -29.42 -20.01 -33.55
N VAL F 99 -29.90 -19.74 -34.74
CA VAL F 99 -31.01 -20.52 -35.26
C VAL F 99 -30.52 -21.84 -35.85
N VAL F 100 -31.31 -22.89 -35.68
CA VAL F 100 -31.01 -24.20 -36.26
C VAL F 100 -32.12 -24.65 -37.21
N ASP F 101 -31.83 -25.69 -37.99
CA ASP F 101 -32.75 -26.26 -38.97
C ASP F 101 -34.12 -26.58 -38.35
N GLY F 113 -50.76 -19.78 -42.06
CA GLY F 113 -49.91 -19.54 -43.21
C GLY F 113 -49.65 -18.08 -43.48
N TYR F 114 -48.38 -17.67 -43.39
CA TYR F 114 -47.94 -16.27 -43.49
C TYR F 114 -48.29 -15.50 -42.20
N ARG F 115 -49.26 -16.01 -41.45
CA ARG F 115 -49.70 -15.37 -40.21
C ARG F 115 -49.07 -16.02 -38.98
N SER F 116 -48.22 -17.02 -39.21
CA SER F 116 -47.63 -17.78 -38.11
C SER F 116 -46.36 -18.54 -38.52
N TYR F 117 -45.21 -18.03 -38.09
CA TYR F 117 -43.93 -18.68 -38.34
C TYR F 117 -43.44 -19.34 -37.04
N HIS F 118 -42.40 -20.15 -37.13
CA HIS F 118 -41.83 -20.80 -35.97
C HIS F 118 -40.42 -21.26 -36.28
N LEU F 119 -39.53 -21.09 -35.32
CA LEU F 119 -38.13 -21.40 -35.53
C LEU F 119 -37.58 -22.10 -34.30
N VAL F 120 -36.31 -22.44 -34.35
CA VAL F 120 -35.69 -23.01 -33.19
C VAL F 120 -34.35 -22.36 -33.00
N VAL F 121 -34.08 -21.92 -31.78
CA VAL F 121 -32.79 -21.36 -31.46
C VAL F 121 -32.07 -22.33 -30.56
N LEU F 122 -30.75 -22.28 -30.61
CA LEU F 122 -29.92 -23.00 -29.67
C LEU F 122 -29.51 -21.95 -28.67
N TYR F 123 -29.76 -22.18 -27.38
CA TYR F 123 -29.47 -21.14 -26.39
C TYR F 123 -28.37 -21.52 -25.40
N PRO F 124 -27.24 -20.80 -25.45
CA PRO F 124 -26.11 -21.05 -24.57
C PRO F 124 -26.40 -20.67 -23.11
N LEU F 125 -26.95 -21.61 -22.36
CA LEU F 125 -27.25 -21.35 -20.96
C LEU F 125 -25.98 -21.41 -20.13
N GLN F 126 -25.74 -20.38 -19.34
CA GLN F 126 -24.64 -20.40 -18.40
C GLN F 126 -25.09 -21.10 -17.14
N THR F 127 -24.62 -22.33 -16.95
CA THR F 127 -24.96 -23.13 -15.79
C THR F 127 -23.83 -23.08 -14.79
N VAL F 128 -24.08 -23.61 -13.61
CA VAL F 128 -23.09 -23.59 -12.54
C VAL F 128 -21.83 -24.36 -12.96
N SER F 129 -22.04 -25.52 -13.55
CA SER F 129 -20.95 -26.43 -13.86
C SER F 129 -20.37 -26.20 -15.25
N GLY F 130 -20.48 -24.96 -15.73
CA GLY F 130 -19.98 -24.64 -17.05
C GLY F 130 -21.05 -24.08 -17.97
N GLU F 131 -21.33 -24.78 -19.07
CA GLU F 131 -22.22 -24.26 -20.10
C GLU F 131 -23.05 -25.36 -20.77
N LYS F 132 -24.32 -25.07 -21.01
CA LYS F 132 -25.20 -26.04 -21.68
C LYS F 132 -26.01 -25.37 -22.81
N HIS F 133 -26.05 -25.99 -23.98
CA HIS F 133 -26.86 -25.47 -25.08
C HIS F 133 -28.23 -26.16 -25.11
N VAL F 134 -29.31 -25.38 -24.96
CA VAL F 134 -30.65 -25.97 -24.97
C VAL F 134 -31.52 -25.42 -26.07
N LEU F 135 -32.27 -26.32 -26.72
CA LEU F 135 -33.14 -25.94 -27.81
C LEU F 135 -34.34 -25.19 -27.28
N VAL F 136 -34.54 -23.99 -27.81
CA VAL F 136 -35.72 -23.21 -27.52
C VAL F 136 -36.59 -23.02 -28.77
N GLU F 137 -37.86 -23.42 -28.70
CA GLU F 137 -38.77 -23.16 -29.81
C GLU F 137 -39.37 -21.78 -29.62
N ILE F 138 -39.33 -20.98 -30.67
CA ILE F 138 -39.97 -19.66 -30.66
C ILE F 138 -41.08 -19.59 -31.72
N GLN F 139 -42.33 -19.41 -31.28
CA GLN F 139 -43.45 -19.25 -32.19
C GLN F 139 -43.83 -17.79 -32.32
N ILE F 140 -44.25 -17.38 -33.51
CA ILE F 140 -44.63 -15.99 -33.76
C ILE F 140 -46.02 -15.93 -34.41
N ARG F 141 -46.96 -15.22 -33.79
CA ARG F 141 -48.34 -15.21 -34.25
C ARG F 141 -48.94 -13.83 -34.28
N THR F 142 -49.82 -13.56 -35.23
CA THR F 142 -50.65 -12.38 -35.11
C THR F 142 -51.65 -12.61 -33.97
N LEU F 143 -52.18 -11.51 -33.40
CA LEU F 143 -53.11 -11.62 -32.29
C LEU F 143 -54.34 -12.43 -32.71
N ALA F 144 -54.97 -11.98 -33.79
CA ALA F 144 -56.12 -12.69 -34.36
C ALA F 144 -55.82 -14.17 -34.43
N MET F 145 -54.72 -14.48 -35.11
CA MET F 145 -54.29 -15.85 -35.27
C MET F 145 -54.38 -16.61 -33.97
N ASN F 146 -53.68 -16.09 -32.96
CA ASN F 146 -53.54 -16.78 -31.68
C ASN F 146 -54.86 -16.92 -30.95
N PHE F 147 -55.75 -15.96 -31.18
CA PHE F 147 -57.07 -16.07 -30.58
C PHE F 147 -57.77 -17.34 -31.13
N TRP F 148 -57.69 -17.61 -32.43
CA TRP F 148 -58.27 -18.88 -32.92
C TRP F 148 -57.57 -20.10 -32.33
N ALA F 149 -56.24 -20.07 -32.34
CA ALA F 149 -55.45 -21.20 -31.90
C ALA F 149 -55.72 -21.58 -30.45
N THR F 150 -55.98 -20.57 -29.61
CA THR F 150 -56.18 -20.80 -28.19
C THR F 150 -57.35 -21.75 -27.98
N ILE F 151 -58.41 -21.55 -28.76
CA ILE F 151 -59.62 -22.37 -28.65
C ILE F 151 -59.48 -23.73 -29.34
N GLU F 152 -58.89 -23.76 -30.54
CA GLU F 152 -58.66 -25.03 -31.22
C GLU F 152 -57.82 -25.94 -30.34
N HIS F 153 -56.91 -25.34 -29.57
CA HIS F 153 -56.11 -26.08 -28.63
C HIS F 153 -56.96 -26.51 -27.42
N SER F 154 -57.69 -25.57 -26.86
CA SER F 154 -58.50 -25.83 -25.66
C SER F 154 -59.55 -26.91 -25.88
N LEU F 155 -59.97 -27.10 -27.13
CA LEU F 155 -60.98 -28.09 -27.44
C LEU F 155 -60.34 -29.41 -27.87
N ASN F 156 -59.25 -29.31 -28.64
CA ASN F 156 -58.52 -30.50 -29.04
C ASN F 156 -57.99 -31.25 -27.82
N TYR F 157 -57.97 -30.57 -26.70
CA TYR F 157 -57.55 -31.17 -25.45
C TYR F 157 -58.78 -31.70 -24.71
N LYS F 158 -59.81 -30.88 -24.64
CA LYS F 158 -61.05 -31.26 -23.98
C LYS F 158 -61.67 -32.50 -24.61
N TYR F 159 -61.41 -32.73 -25.88
CA TYR F 159 -62.02 -33.87 -26.57
C TYR F 159 -61.03 -35.02 -26.75
N SER F 160 -59.82 -34.82 -26.25
CA SER F 160 -58.77 -35.82 -26.36
C SER F 160 -58.49 -36.17 -27.82
N GLY F 161 -58.49 -35.15 -28.68
CA GLY F 161 -58.03 -35.33 -30.05
C GLY F 161 -59.10 -35.52 -31.12
N ASN F 162 -60.30 -35.93 -30.70
CA ASN F 162 -61.43 -35.99 -31.62
C ASN F 162 -62.48 -34.91 -31.29
N ILE F 163 -62.53 -33.88 -32.12
CA ILE F 163 -63.51 -32.82 -31.99
C ILE F 163 -64.71 -33.20 -32.85
N PRO F 164 -65.92 -33.24 -32.25
CA PRO F 164 -67.14 -33.63 -32.97
C PRO F 164 -67.41 -32.78 -34.23
N GLU F 165 -67.71 -33.46 -35.33
CA GLU F 165 -67.81 -32.86 -36.66
C GLU F 165 -68.47 -31.48 -36.71
N LYS F 166 -69.67 -31.38 -36.12
CA LYS F 166 -70.38 -30.11 -36.08
C LYS F 166 -69.54 -29.03 -35.40
N VAL F 167 -68.70 -29.45 -34.45
CA VAL F 167 -67.86 -28.52 -33.69
C VAL F 167 -66.69 -28.02 -34.52
N LYS F 168 -65.96 -28.89 -35.21
CA LYS F 168 -64.80 -28.37 -35.92
C LYS F 168 -65.20 -27.54 -37.14
N LEU F 169 -66.46 -27.54 -37.52
CA LEU F 169 -66.84 -26.71 -38.64
C LEU F 169 -67.12 -25.28 -38.14
N ARG F 170 -67.82 -25.16 -37.01
CA ARG F 170 -67.93 -23.88 -36.30
C ARG F 170 -66.55 -23.29 -36.04
N LEU F 171 -65.62 -24.21 -35.80
CA LEU F 171 -64.23 -23.94 -35.53
C LEU F 171 -63.50 -23.48 -36.79
N GLN F 172 -63.86 -24.09 -37.91
CA GLN F 172 -63.32 -23.73 -39.22
C GLN F 172 -63.83 -22.36 -39.62
N ARG F 173 -65.11 -22.09 -39.35
CA ARG F 173 -65.69 -20.78 -39.61
C ARG F 173 -64.88 -19.71 -38.88
N ALA F 174 -64.75 -19.88 -37.57
CA ALA F 174 -63.96 -18.99 -36.72
C ALA F 174 -62.55 -18.75 -37.27
N SER F 175 -61.88 -19.83 -37.66
CA SER F 175 -60.54 -19.71 -38.25
C SER F 175 -60.53 -18.92 -39.56
N GLU F 176 -61.69 -18.80 -40.21
CA GLU F 176 -61.75 -17.99 -41.42
C GLU F 176 -62.06 -16.55 -41.04
N ALA F 177 -62.99 -16.38 -40.11
CA ALA F 177 -63.33 -15.08 -39.53
C ALA F 177 -62.10 -14.32 -39.02
N ALA F 178 -61.19 -15.05 -38.37
CA ALA F 178 -59.97 -14.46 -37.84
C ALA F 178 -59.05 -13.99 -38.94
N SER F 179 -58.71 -14.93 -39.84
CA SER F 179 -57.87 -14.67 -41.00
C SER F 179 -58.31 -13.42 -41.78
N ARG F 180 -59.62 -13.24 -41.96
CA ARG F 180 -60.11 -12.03 -42.61
C ARG F 180 -59.81 -10.80 -41.74
N LEU F 181 -60.04 -10.93 -40.43
CA LEU F 181 -59.71 -9.88 -39.47
C LEU F 181 -58.29 -9.38 -39.61
N ASP F 182 -57.35 -10.30 -39.80
CA ASP F 182 -55.97 -9.91 -40.12
C ASP F 182 -55.89 -9.12 -41.42
N GLU F 183 -56.43 -9.70 -42.49
CA GLU F 183 -56.41 -9.09 -43.81
C GLU F 183 -56.93 -7.65 -43.78
N GLU F 184 -57.97 -7.41 -42.99
CA GLU F 184 -58.48 -6.05 -42.86
C GLU F 184 -57.45 -5.15 -42.17
N MET F 185 -56.90 -5.64 -41.05
CA MET F 185 -55.83 -4.93 -40.35
C MET F 185 -54.62 -4.69 -41.24
N SER F 186 -54.17 -5.71 -41.96
CA SER F 186 -53.01 -5.59 -42.87
C SER F 186 -53.05 -4.36 -43.76
N GLU F 187 -54.25 -3.93 -44.12
CA GLU F 187 -54.40 -2.76 -44.99
C GLU F 187 -54.72 -1.50 -44.21
N ILE F 188 -55.11 -1.66 -42.95
CA ILE F 188 -55.20 -0.49 -42.08
C ILE F 188 -53.79 0.05 -41.86
N ARG F 189 -52.85 -0.86 -41.55
CA ARG F 189 -51.46 -0.48 -41.34
C ARG F 189 -50.83 0.01 -42.64
N GLY F 190 -51.25 -0.59 -43.75
CA GLY F 190 -50.81 -0.15 -45.07
C GLY F 190 -51.37 1.20 -45.49
N GLU F 191 -52.62 1.47 -45.13
CA GLU F 191 -53.25 2.74 -45.48
C GLU F 191 -52.72 3.93 -44.67
N VAL F 192 -52.29 3.68 -43.43
CA VAL F 192 -51.73 4.74 -42.58
C VAL F 192 -50.23 4.91 -42.81
N GLN F 193 -49.60 3.86 -43.35
CA GLN F 193 -48.20 3.93 -43.76
C GLN F 193 -48.09 4.61 -45.14
N GLU F 194 -49.02 4.29 -46.04
CA GLU F 194 -49.10 4.93 -47.36
C GLU F 194 -49.65 6.36 -47.26
N ALA F 195 -49.20 7.07 -46.22
CA ALA F 195 -49.59 8.45 -45.99
C ALA F 195 -48.77 9.40 -46.86
N GLN G 3 36.10 48.88 8.21
CA GLN G 3 35.20 50.04 8.31
C GLN G 3 33.81 49.82 7.71
N TRP G 4 33.73 48.92 6.71
CA TRP G 4 32.46 48.62 6.03
C TRP G 4 31.40 48.20 7.02
N GLU G 5 31.80 47.31 7.92
CA GLU G 5 30.93 46.78 8.95
C GLU G 5 30.44 47.88 9.91
N ARG G 6 31.01 49.08 9.78
CA ARG G 6 30.61 50.21 10.60
C ARG G 6 29.51 50.99 9.88
N PHE G 7 29.69 51.14 8.57
CA PHE G 7 28.70 51.80 7.74
C PHE G 7 27.36 51.08 7.88
N LEU G 8 27.43 49.78 8.13
CA LEU G 8 26.25 48.90 8.08
C LEU G 8 25.43 48.82 9.37
N VAL G 9 25.96 49.35 10.46
CA VAL G 9 25.33 49.14 11.76
C VAL G 9 23.91 49.69 11.85
N PRO G 10 23.67 50.90 11.34
CA PRO G 10 22.27 51.35 11.31
C PRO G 10 21.39 50.47 10.41
N TYR G 11 21.95 49.90 9.34
CA TYR G 11 21.12 49.10 8.45
C TYR G 11 20.67 47.82 9.14
N ARG G 12 21.61 47.07 9.72
CA ARG G 12 21.25 45.85 10.44
C ARG G 12 20.19 46.11 11.48
N GLN G 13 20.29 47.26 12.14
CA GLN G 13 19.41 47.58 13.25
C GLN G 13 18.02 47.94 12.75
N ALA G 14 17.98 48.74 11.68
CA ALA G 14 16.72 49.04 11.02
C ALA G 14 16.03 47.74 10.55
N VAL G 15 16.82 46.81 10.02
CA VAL G 15 16.27 45.54 9.61
C VAL G 15 15.66 44.80 10.80
N GLU G 16 16.37 44.78 11.92
CA GLU G 16 15.90 44.07 13.12
C GLU G 16 14.64 44.69 13.71
N GLU G 17 14.56 46.01 13.71
CA GLU G 17 13.41 46.65 14.29
C GLU G 17 12.21 46.42 13.40
N LEU G 18 12.39 46.61 12.09
CA LEU G 18 11.32 46.40 11.13
C LEU G 18 10.86 44.94 11.15
N LYS G 19 11.82 44.03 11.32
CA LYS G 19 11.50 42.62 11.37
C LYS G 19 10.58 42.30 12.55
N VAL G 20 10.90 42.80 13.73
CA VAL G 20 10.03 42.56 14.88
C VAL G 20 8.67 43.23 14.69
N LYS G 21 8.67 44.46 14.18
CA LYS G 21 7.42 45.18 13.92
C LYS G 21 6.48 44.43 12.98
N LEU G 22 7.00 43.91 11.86
CA LEU G 22 6.12 43.23 10.88
C LEU G 22 5.63 41.88 11.35
N LYS G 23 6.47 41.14 12.11
CA LYS G 23 6.04 39.85 12.65
C LYS G 23 4.93 40.03 13.67
N GLY G 24 4.66 41.28 14.02
CA GLY G 24 3.62 41.61 14.97
C GLY G 24 2.27 41.53 14.29
N ILE G 25 2.23 42.01 13.04
CA ILE G 25 1.06 41.86 12.19
C ILE G 25 0.56 40.43 12.26
N ARG G 26 1.39 39.46 11.92
CA ARG G 26 0.89 38.08 11.90
C ARG G 26 0.32 37.71 13.27
N THR G 27 1.09 37.96 14.34
CA THR G 27 0.69 37.58 15.70
C THR G 27 -0.60 38.23 16.17
N LEU G 28 -0.86 39.45 15.71
CA LEU G 28 -2.12 40.12 16.01
C LEU G 28 -3.30 39.36 15.37
N TYR G 29 -3.13 38.91 14.13
CA TYR G 29 -4.17 38.18 13.42
C TYR G 29 -4.31 36.76 13.94
N GLU G 30 -3.20 36.16 14.37
CA GLU G 30 -3.13 34.72 14.57
C GLU G 30 -4.04 34.23 15.69
N TYR G 31 -4.44 35.14 16.58
CA TYR G 31 -5.30 34.74 17.69
C TYR G 31 -6.76 35.23 17.50
N GLU G 32 -6.97 36.24 16.65
CA GLU G 32 -8.32 36.72 16.33
C GLU G 32 -8.92 35.93 15.13
N ASP G 33 -8.65 34.62 15.10
CA ASP G 33 -9.22 33.65 14.15
C ASP G 33 -9.10 34.00 12.66
N ASP G 34 -8.99 35.30 12.34
CA ASP G 34 -8.92 35.75 10.95
C ASP G 34 -7.71 35.14 10.23
N HIS G 35 -7.71 35.22 8.91
CA HIS G 35 -6.59 34.72 8.12
C HIS G 35 -5.55 35.83 8.08
N SER G 36 -4.31 35.49 8.44
CA SER G 36 -3.23 36.47 8.40
C SER G 36 -2.76 36.69 6.98
N PRO G 37 -2.74 37.94 6.55
CA PRO G 37 -2.25 38.25 5.20
C PRO G 37 -0.75 38.10 5.09
N ILE G 38 -0.08 37.79 6.18
CA ILE G 38 1.37 37.58 6.14
C ILE G 38 1.68 36.18 6.62
N GLU G 39 2.50 35.45 5.86
CA GLU G 39 2.82 34.09 6.25
C GLU G 39 4.14 34.04 7.01
N PHE G 40 5.11 34.84 6.55
CA PHE G 40 6.36 35.01 7.30
C PHE G 40 7.20 36.14 6.73
N VAL G 41 8.17 36.62 7.51
CA VAL G 41 9.01 37.71 7.09
C VAL G 41 10.49 37.41 7.28
N THR G 42 11.29 37.90 6.36
CA THR G 42 12.73 37.75 6.45
C THR G 42 13.43 39.04 6.02
N GLY G 43 14.70 39.17 6.40
CA GLY G 43 15.43 40.38 6.11
C GLY G 43 16.92 40.14 6.03
N ARG G 44 17.63 41.11 5.44
CA ARG G 44 19.02 40.90 5.14
C ARG G 44 19.74 42.21 4.98
N VAL G 45 21.03 42.22 5.33
CA VAL G 45 21.86 43.34 4.99
C VAL G 45 22.63 42.97 3.72
N LYS G 46 22.49 43.83 2.72
CA LYS G 46 23.16 43.67 1.42
C LYS G 46 24.65 43.43 1.61
N PRO G 47 25.15 42.26 1.17
CA PRO G 47 26.58 41.96 1.33
C PRO G 47 27.42 42.98 0.58
N VAL G 48 28.66 43.17 0.99
CA VAL G 48 29.45 44.32 0.51
C VAL G 48 29.76 44.27 -0.98
N ALA G 49 30.19 43.10 -1.48
CA ALA G 49 30.40 42.90 -2.91
C ALA G 49 29.16 43.30 -3.67
N SER G 50 28.04 42.75 -3.21
CA SER G 50 26.74 43.01 -3.79
C SER G 50 26.40 44.50 -3.79
N ILE G 51 26.94 45.26 -2.84
CA ILE G 51 26.70 46.70 -2.83
C ILE G 51 27.53 47.41 -3.89
N LEU G 52 28.73 46.87 -4.12
CA LEU G 52 29.66 47.44 -5.10
C LEU G 52 29.21 47.15 -6.53
N GLU G 53 28.87 45.89 -6.82
CA GLU G 53 28.41 45.50 -8.16
C GLU G 53 27.27 46.39 -8.62
N LYS G 54 26.29 46.60 -7.74
CA LYS G 54 25.13 47.43 -8.07
C LYS G 54 25.55 48.89 -8.12
N ALA G 55 26.57 49.24 -7.33
CA ALA G 55 27.19 50.56 -7.37
C ALA G 55 27.88 50.77 -8.72
N ARG G 56 28.66 49.76 -9.14
CA ARG G 56 29.27 49.73 -10.46
C ARG G 56 28.22 49.75 -11.57
N ARG G 57 27.35 48.75 -11.55
CA ARG G 57 26.22 48.64 -12.46
C ARG G 57 25.51 49.99 -12.60
N LYS G 58 24.79 50.40 -11.56
CA LYS G 58 23.92 51.57 -11.66
C LYS G 58 24.69 52.88 -11.84
N SER G 59 26.01 52.76 -12.03
CA SER G 59 26.89 53.92 -12.23
C SER G 59 27.00 54.79 -10.97
N ILE G 60 27.07 54.13 -9.82
CA ILE G 60 27.06 54.85 -8.54
C ILE G 60 28.43 54.79 -7.86
N PRO G 61 28.99 55.97 -7.54
CA PRO G 61 30.29 56.11 -6.87
C PRO G 61 30.21 55.81 -5.36
N LEU G 62 31.31 55.32 -4.76
CA LEU G 62 31.35 54.98 -3.33
C LEU G 62 31.04 56.17 -2.41
N HIS G 63 30.34 57.17 -2.96
CA HIS G 63 30.14 58.45 -2.30
C HIS G 63 28.66 58.83 -2.32
N GLU G 64 27.92 58.23 -3.25
CA GLU G 64 26.47 58.38 -3.31
C GLU G 64 25.75 57.09 -2.89
N ILE G 65 26.48 56.17 -2.28
CA ILE G 65 25.94 54.84 -2.02
C ILE G 65 24.88 54.83 -0.93
N GLU G 66 24.70 55.96 -0.25
CA GLU G 66 23.68 56.05 0.77
C GLU G 66 22.29 56.14 0.16
N THR G 67 22.25 56.25 -1.16
CA THR G 67 20.98 56.35 -1.88
C THR G 67 20.57 55.03 -2.53
N MET G 68 21.47 54.06 -2.53
CA MET G 68 21.08 52.70 -2.93
C MET G 68 20.02 52.19 -1.98
N GLN G 69 18.84 51.92 -2.53
CA GLN G 69 17.63 51.71 -1.73
C GLN G 69 17.51 50.35 -1.05
N ASP G 70 18.34 49.37 -1.40
CA ASP G 70 18.12 48.01 -0.84
C ASP G 70 19.29 47.48 0.00
N ILE G 71 20.10 48.38 0.54
CA ILE G 71 21.14 47.99 1.49
C ILE G 71 20.47 47.37 2.72
N ALA G 72 19.34 47.95 3.10
CA ALA G 72 18.47 47.35 4.09
C ALA G 72 17.32 46.61 3.40
N GLY G 73 17.30 45.29 3.52
CA GLY G 73 16.25 44.51 2.92
C GLY G 73 15.30 43.74 3.83
N LEU G 74 14.01 43.99 3.66
CA LEU G 74 12.99 43.11 4.20
C LEU G 74 12.16 42.50 3.07
N ARG G 75 11.59 41.32 3.30
CA ARG G 75 10.70 40.68 2.32
C ARG G 75 9.58 39.91 3.01
N ILE G 76 8.35 40.33 2.74
CA ILE G 76 7.16 39.67 3.25
C ILE G 76 6.64 38.62 2.25
N MET G 77 6.20 37.48 2.78
CA MET G 77 5.56 36.45 1.97
C MET G 77 4.11 36.26 2.37
N CYS G 78 3.22 36.13 1.38
CA CYS G 78 1.80 35.88 1.63
C CYS G 78 1.29 34.64 0.92
N GLN G 79 0.26 34.01 1.45
CA GLN G 79 -0.30 32.84 0.79
C GLN G 79 -1.01 33.18 -0.52
N PHE G 80 -1.79 34.26 -0.54
CA PHE G 80 -2.67 34.56 -1.66
C PHE G 80 -2.30 35.86 -2.36
N VAL G 81 -2.49 35.90 -3.68
CA VAL G 81 -2.26 37.11 -4.45
C VAL G 81 -3.06 38.28 -3.88
N ASP G 82 -4.29 38.02 -3.48
CA ASP G 82 -5.17 39.09 -3.05
C ASP G 82 -4.69 39.65 -1.69
N ASP G 83 -3.98 38.83 -0.92
CA ASP G 83 -3.32 39.26 0.34
C ASP G 83 -2.33 40.41 0.17
N ILE G 84 -1.49 40.33 -0.86
CA ILE G 84 -0.49 41.37 -1.12
C ILE G 84 -1.01 42.78 -0.95
N GLN G 85 -2.17 43.06 -1.54
CA GLN G 85 -2.77 44.39 -1.49
C GLN G 85 -3.11 44.79 -0.04
N ILE G 86 -3.67 43.83 0.69
CA ILE G 86 -3.93 43.97 2.11
C ILE G 86 -2.67 44.43 2.84
N VAL G 87 -1.57 43.72 2.63
CA VAL G 87 -0.31 44.08 3.27
C VAL G 87 0.12 45.46 2.80
N LYS G 88 0.12 45.66 1.48
CA LYS G 88 0.58 46.93 0.91
C LYS G 88 -0.08 48.14 1.58
N GLU G 89 -1.35 48.00 1.97
CA GLU G 89 -2.03 49.14 2.56
C GLU G 89 -1.78 49.29 4.05
N MET G 90 -1.40 48.20 4.72
CA MET G 90 -1.07 48.27 6.13
C MET G 90 0.19 49.14 6.23
N LEU G 91 1.11 48.93 5.30
CA LEU G 91 2.38 49.64 5.32
C LEU G 91 2.16 51.11 5.07
N PHE G 92 1.29 51.42 4.13
CA PHE G 92 1.02 52.81 3.78
C PHE G 92 0.45 53.53 4.99
N ALA G 93 -0.43 52.86 5.72
CA ALA G 93 -1.15 53.44 6.87
C ALA G 93 -0.27 53.61 8.13
N ARG G 94 0.97 53.13 8.07
CA ARG G 94 1.83 53.08 9.25
C ARG G 94 2.62 54.35 9.47
N LYS G 95 2.71 54.75 10.74
CA LYS G 95 3.22 56.05 11.13
C LYS G 95 4.69 56.04 11.53
N ASP G 96 5.23 54.86 11.82
CA ASP G 96 6.62 54.76 12.27
C ASP G 96 7.63 54.75 11.12
N PHE G 97 7.14 54.80 9.89
CA PHE G 97 7.99 55.13 8.76
C PHE G 97 7.12 55.86 7.77
N THR G 98 7.74 56.46 6.76
CA THR G 98 6.96 57.00 5.66
C THR G 98 7.57 56.45 4.39
N VAL G 99 6.73 56.24 3.38
CA VAL G 99 7.16 55.64 2.12
C VAL G 99 7.69 56.68 1.12
N VAL G 100 8.82 56.38 0.48
CA VAL G 100 9.35 57.20 -0.61
C VAL G 100 8.37 57.40 -1.76
N ARG G 115 1.88 39.88 -8.18
CA ARG G 115 2.45 38.89 -7.25
C ARG G 115 3.79 39.31 -6.61
N SER G 116 4.34 40.48 -6.99
CA SER G 116 5.73 40.84 -6.62
C SER G 116 6.04 42.33 -6.40
N TYR G 117 5.11 43.06 -5.77
CA TYR G 117 5.32 44.45 -5.36
C TYR G 117 6.65 44.68 -4.63
N HIS G 118 7.15 45.90 -4.66
CA HIS G 118 8.18 46.32 -3.70
C HIS G 118 8.12 47.83 -3.49
N LEU G 119 8.16 48.25 -2.23
CA LEU G 119 8.24 49.67 -1.93
C LEU G 119 9.45 49.95 -1.07
N VAL G 120 9.82 51.22 -1.00
CA VAL G 120 10.93 51.64 -0.17
C VAL G 120 10.46 52.59 0.91
N VAL G 121 10.82 52.32 2.16
CA VAL G 121 10.45 53.25 3.23
C VAL G 121 11.65 53.98 3.77
N LEU G 122 11.35 55.08 4.46
CA LEU G 122 12.33 55.89 5.14
C LEU G 122 12.17 55.63 6.63
N TYR G 123 13.11 54.91 7.22
CA TYR G 123 12.97 54.52 8.63
C TYR G 123 13.80 55.40 9.59
N PRO G 124 13.12 56.09 10.53
CA PRO G 124 13.83 56.99 11.45
C PRO G 124 14.46 56.28 12.64
N LEU G 125 15.70 55.83 12.43
CA LEU G 125 16.40 55.02 13.41
C LEU G 125 16.98 55.85 14.56
N GLN G 126 16.68 55.47 15.79
CA GLN G 126 17.30 56.15 16.93
C GLN G 126 18.69 55.60 17.21
N THR G 127 19.70 56.39 16.87
CA THR G 127 21.08 56.02 17.12
C THR G 127 21.56 56.76 18.35
N VAL G 128 22.73 56.34 18.85
CA VAL G 128 23.27 56.90 20.10
C VAL G 128 23.37 58.42 20.01
N SER G 129 23.62 58.92 18.80
CA SER G 129 23.86 60.33 18.58
C SER G 129 22.70 61.05 17.88
N GLY G 130 21.47 60.60 18.11
CA GLY G 130 20.33 61.26 17.49
C GLY G 130 19.67 60.50 16.35
N GLU G 131 19.08 61.19 15.39
CA GLU G 131 18.28 60.48 14.39
C GLU G 131 18.97 60.28 13.03
N LYS G 132 18.99 59.04 12.58
CA LYS G 132 19.56 58.68 11.29
C LYS G 132 18.50 58.01 10.42
N HIS G 133 18.04 58.69 9.37
CA HIS G 133 17.02 58.12 8.50
C HIS G 133 17.63 57.13 7.52
N VAL G 134 17.01 55.95 7.42
CA VAL G 134 17.50 54.91 6.53
C VAL G 134 16.48 54.52 5.46
N LEU G 135 16.99 54.12 4.30
CA LEU G 135 16.17 53.54 3.25
C LEU G 135 16.12 52.03 3.43
N VAL G 136 14.92 51.51 3.66
CA VAL G 136 14.71 50.07 3.66
C VAL G 136 13.77 49.63 2.53
N GLU G 137 14.18 48.57 1.81
CA GLU G 137 13.38 47.99 0.74
C GLU G 137 12.53 46.85 1.27
N ILE G 138 11.22 46.96 1.08
CA ILE G 138 10.28 45.90 1.45
C ILE G 138 9.64 45.26 0.21
N GLN G 139 10.16 44.10 -0.20
CA GLN G 139 9.51 43.30 -1.26
C GLN G 139 8.31 42.55 -0.65
N ILE G 140 7.29 42.30 -1.45
CA ILE G 140 6.12 41.49 -1.05
C ILE G 140 5.79 40.43 -2.11
N ARG G 141 5.97 39.15 -1.77
CA ARG G 141 5.74 38.07 -2.72
C ARG G 141 4.70 37.07 -2.25
N THR G 142 4.18 36.24 -3.16
CA THR G 142 3.46 35.03 -2.77
C THR G 142 4.48 33.92 -2.45
N LEU G 143 3.99 32.87 -1.79
CA LEU G 143 4.85 31.72 -1.49
C LEU G 143 5.37 31.16 -2.79
N ALA G 144 4.43 30.85 -3.69
CA ALA G 144 4.72 30.38 -5.05
C ALA G 144 5.76 31.24 -5.77
N MET G 145 5.47 32.53 -5.91
CA MET G 145 6.39 33.47 -6.54
C MET G 145 7.79 33.26 -5.99
N ASN G 146 7.91 33.29 -4.66
CA ASN G 146 9.21 33.21 -4.00
C ASN G 146 9.94 31.88 -4.19
N PHE G 147 9.20 30.78 -4.24
CA PHE G 147 9.81 29.49 -4.56
C PHE G 147 10.43 29.53 -5.96
N TRP G 148 9.72 30.11 -6.92
CA TRP G 148 10.33 30.27 -8.23
C TRP G 148 11.52 31.20 -8.16
N ALA G 149 11.28 32.43 -7.70
CA ALA G 149 12.31 33.45 -7.57
C ALA G 149 13.59 32.99 -6.89
N THR G 150 13.47 32.19 -5.82
CA THR G 150 14.64 31.71 -5.09
C THR G 150 15.56 30.91 -5.99
N ILE G 151 15.03 29.87 -6.62
CA ILE G 151 15.83 28.99 -7.46
C ILE G 151 16.38 29.75 -8.68
N GLU G 152 15.64 30.76 -9.14
CA GLU G 152 16.10 31.58 -10.25
C GLU G 152 17.30 32.45 -9.87
N HIS G 153 17.13 33.24 -8.81
CA HIS G 153 18.23 34.00 -8.22
C HIS G 153 19.41 33.08 -7.91
N SER G 154 19.11 31.90 -7.35
CA SER G 154 20.12 30.91 -7.05
C SER G 154 20.93 30.61 -8.28
N LEU G 155 20.32 29.89 -9.21
CA LEU G 155 20.95 29.51 -10.46
C LEU G 155 21.66 30.69 -11.11
N ASN G 156 21.03 31.86 -11.08
CA ASN G 156 21.64 33.04 -11.69
C ASN G 156 22.95 33.43 -10.99
N TYR G 157 23.15 32.92 -9.78
CA TYR G 157 24.42 33.08 -9.07
C TYR G 157 25.45 32.11 -9.65
N LYS G 158 25.11 30.82 -9.66
CA LYS G 158 26.05 29.76 -10.06
C LYS G 158 26.66 30.04 -11.43
N TYR G 159 25.82 30.05 -12.45
CA TYR G 159 26.25 30.28 -13.82
C TYR G 159 26.64 31.75 -14.03
N SER G 160 26.68 32.50 -12.94
CA SER G 160 27.09 33.91 -12.92
C SER G 160 26.47 34.75 -14.04
N GLY G 161 25.27 35.27 -13.80
CA GLY G 161 24.63 36.17 -14.73
C GLY G 161 24.15 35.56 -16.04
N ASN G 162 24.70 34.41 -16.42
CA ASN G 162 24.30 33.77 -17.66
C ASN G 162 24.12 32.25 -17.55
N ILE G 163 22.89 31.83 -17.82
CA ILE G 163 22.46 30.45 -17.66
C ILE G 163 22.28 29.76 -19.02
N PRO G 164 22.84 28.54 -19.17
CA PRO G 164 22.64 27.70 -20.35
C PRO G 164 21.19 27.71 -20.83
N GLU G 165 20.96 28.23 -22.04
CA GLU G 165 19.60 28.40 -22.56
C GLU G 165 18.71 27.17 -22.33
N LYS G 166 19.32 25.99 -22.44
CA LYS G 166 18.63 24.73 -22.21
C LYS G 166 18.04 24.68 -20.80
N VAL G 167 18.73 25.33 -19.86
CA VAL G 167 18.29 25.40 -18.48
C VAL G 167 17.20 26.45 -18.28
N LYS G 168 17.44 27.68 -18.75
CA LYS G 168 16.51 28.76 -18.50
C LYS G 168 15.16 28.53 -19.19
N LEU G 169 15.06 27.46 -19.97
CA LEU G 169 13.78 27.01 -20.50
C LEU G 169 12.95 26.43 -19.37
N ARG G 170 13.56 25.48 -18.66
CA ARG G 170 12.91 24.78 -17.57
C ARG G 170 12.54 25.73 -16.43
N LEU G 171 13.39 26.71 -16.19
CA LEU G 171 13.11 27.75 -15.20
C LEU G 171 11.84 28.46 -15.63
N GLN G 172 11.75 28.71 -16.92
CA GLN G 172 10.63 29.42 -17.49
C GLN G 172 9.35 28.65 -17.27
N ARG G 173 9.41 27.34 -17.45
CA ARG G 173 8.22 26.51 -17.24
C ARG G 173 7.88 26.54 -15.75
N ALA G 174 8.91 26.41 -14.91
CA ALA G 174 8.71 26.45 -13.48
C ALA G 174 8.03 27.76 -13.04
N SER G 175 8.48 28.88 -13.58
CA SER G 175 7.84 30.14 -13.22
C SER G 175 6.38 30.13 -13.67
N GLU G 176 6.11 29.61 -14.87
CA GLU G 176 4.73 29.50 -15.37
C GLU G 176 3.92 28.58 -14.49
N ALA G 177 4.52 27.44 -14.14
CA ALA G 177 3.90 26.47 -13.25
C ALA G 177 3.49 27.12 -11.94
N ALA G 178 4.39 27.95 -11.40
CA ALA G 178 4.17 28.62 -10.13
C ALA G 178 3.08 29.65 -10.27
N SER G 179 3.16 30.46 -11.32
CA SER G 179 2.11 31.45 -11.59
C SER G 179 0.74 30.77 -11.69
N ARG G 180 0.73 29.57 -12.26
CA ARG G 180 -0.52 28.83 -12.39
C ARG G 180 -1.03 28.46 -11.00
N LEU G 181 -0.11 28.03 -10.13
CA LEU G 181 -0.45 27.67 -8.74
C LEU G 181 -1.13 28.82 -7.96
N ASP G 182 -0.64 30.05 -8.13
CA ASP G 182 -1.29 31.15 -7.45
C ASP G 182 -2.72 31.27 -7.95
N GLU G 183 -2.90 31.15 -9.27
CA GLU G 183 -4.22 31.24 -9.92
C GLU G 183 -5.20 30.19 -9.40
N GLU G 184 -4.74 28.95 -9.31
CA GLU G 184 -5.59 27.91 -8.75
C GLU G 184 -5.80 28.13 -7.25
N MET G 185 -4.84 28.75 -6.55
CA MET G 185 -5.07 29.08 -5.14
C MET G 185 -6.08 30.21 -4.99
N SER G 186 -5.93 31.27 -5.80
CA SER G 186 -6.91 32.36 -5.79
C SER G 186 -8.33 31.84 -6.07
N GLU G 187 -8.46 30.74 -6.80
CA GLU G 187 -9.76 30.12 -7.03
C GLU G 187 -10.41 29.70 -5.71
N ILE G 188 -9.65 28.99 -4.88
CA ILE G 188 -10.12 28.58 -3.56
C ILE G 188 -10.50 29.79 -2.72
N ARG G 189 -9.60 30.76 -2.67
CA ARG G 189 -9.80 31.99 -1.92
C ARG G 189 -11.19 32.53 -2.19
N GLY G 190 -11.53 32.59 -3.46
CA GLY G 190 -12.79 33.15 -3.91
C GLY G 190 -13.95 32.17 -3.93
N GLU G 191 -13.64 30.88 -4.02
CA GLU G 191 -14.69 29.85 -4.02
C GLU G 191 -15.25 29.74 -2.60
N VAL G 192 -14.36 29.83 -1.62
CA VAL G 192 -14.77 29.89 -0.22
C VAL G 192 -15.65 31.09 0.03
N GLN G 193 -15.22 32.23 -0.49
CA GLN G 193 -15.87 33.51 -0.23
C GLN G 193 -17.35 33.50 -0.58
N GLU G 194 -17.72 32.72 -1.60
CA GLU G 194 -19.12 32.48 -1.96
C GLU G 194 -19.82 31.53 -0.96
N ALA G 195 -19.66 31.83 0.33
CA ALA G 195 -20.25 31.06 1.41
C ALA G 195 -21.17 31.94 2.27
N ASP H 1 -10.81 35.57 31.74
CA ASP H 1 -9.60 34.76 31.58
C ASP H 1 -9.20 34.61 30.11
N LYS H 2 -10.01 35.16 29.20
CA LYS H 2 -9.66 35.25 27.78
C LYS H 2 -9.86 36.66 27.25
N GLN H 3 -10.70 37.42 27.94
CA GLN H 3 -10.81 38.84 27.68
C GLN H 3 -9.44 39.46 27.96
N TRP H 4 -8.61 38.73 28.71
CA TRP H 4 -7.27 39.16 29.09
C TRP H 4 -6.20 38.94 28.00
N GLU H 5 -6.12 37.72 27.46
CA GLU H 5 -5.17 37.42 26.38
C GLU H 5 -5.31 38.45 25.26
N ARG H 6 -6.55 38.79 24.92
CA ARG H 6 -6.82 39.71 23.83
C ARG H 6 -6.40 41.11 24.20
N PHE H 7 -6.64 41.47 25.45
CA PHE H 7 -6.30 42.80 25.95
C PHE H 7 -4.79 42.97 26.04
N LEU H 8 -4.12 41.91 26.45
CA LEU H 8 -2.68 41.94 26.68
C LEU H 8 -1.85 42.00 25.39
N VAL H 9 -2.46 41.63 24.26
CA VAL H 9 -1.77 41.52 22.96
C VAL H 9 -0.93 42.73 22.58
N PRO H 10 -1.51 43.93 22.63
CA PRO H 10 -0.73 45.12 22.29
C PRO H 10 0.41 45.39 23.28
N TYR H 11 0.24 45.05 24.56
CA TYR H 11 1.34 45.23 25.53
C TYR H 11 2.46 44.22 25.27
N ARG H 12 2.09 42.98 24.98
CA ARG H 12 3.05 41.94 24.65
C ARG H 12 3.92 42.36 23.46
N GLN H 13 3.30 42.96 22.44
CA GLN H 13 4.05 43.37 21.25
C GLN H 13 4.98 44.55 21.53
N ALA H 14 4.48 45.55 22.23
CA ALA H 14 5.28 46.71 22.59
C ALA H 14 6.57 46.33 23.37
N VAL H 15 6.49 45.32 24.25
CA VAL H 15 7.70 44.84 24.89
C VAL H 15 8.65 44.25 23.84
N GLU H 16 8.13 43.47 22.88
CA GLU H 16 9.02 42.89 21.85
C GLU H 16 9.76 43.96 21.02
N GLU H 17 9.06 45.04 20.69
CA GLU H 17 9.63 46.07 19.84
C GLU H 17 10.71 46.78 20.59
N LEU H 18 10.39 47.09 21.85
CA LEU H 18 11.27 47.87 22.71
C LEU H 18 12.52 47.07 23.06
N LYS H 19 12.37 45.76 23.27
CA LYS H 19 13.53 44.89 23.46
C LYS H 19 14.58 45.08 22.36
N VAL H 20 14.15 45.07 21.11
CA VAL H 20 15.05 45.12 19.97
C VAL H 20 15.67 46.50 19.83
N LYS H 21 14.83 47.53 20.00
CA LYS H 21 15.32 48.90 20.05
C LYS H 21 16.41 49.06 21.13
N LEU H 22 16.12 48.66 22.37
CA LEU H 22 17.10 48.80 23.46
C LEU H 22 18.35 47.96 23.26
N LYS H 23 18.19 46.79 22.67
CA LYS H 23 19.35 45.92 22.48
C LYS H 23 20.21 46.52 21.39
N GLY H 24 19.61 47.44 20.64
CA GLY H 24 20.33 48.14 19.60
C GLY H 24 21.50 48.85 20.24
N ILE H 25 21.19 49.56 21.32
CA ILE H 25 22.15 50.43 21.99
C ILE H 25 23.45 49.70 22.29
N ARG H 26 23.34 48.50 22.84
CA ARG H 26 24.54 47.75 23.15
C ARG H 26 25.32 47.40 21.90
N THR H 27 24.64 47.21 20.77
CA THR H 27 25.31 46.89 19.52
C THR H 27 26.15 48.06 19.04
N LEU H 28 25.48 49.20 18.92
CA LEU H 28 26.12 50.42 18.42
C LEU H 28 27.39 50.70 19.18
N TYR H 29 27.34 50.51 20.49
CA TYR H 29 28.46 50.88 21.34
C TYR H 29 29.68 50.01 21.17
N GLU H 30 29.50 48.69 21.17
CA GLU H 30 30.65 47.79 21.07
C GLU H 30 31.04 47.69 19.60
N TYR H 31 30.95 48.86 18.97
CA TYR H 31 31.49 49.15 17.66
C TYR H 31 32.20 50.50 17.73
N GLU H 32 32.06 51.15 18.88
CA GLU H 32 32.85 52.32 19.22
C GLU H 32 34.17 51.86 19.86
N ASP H 33 34.08 50.84 20.73
CA ASP H 33 35.16 50.42 21.63
C ASP H 33 35.25 51.42 22.79
N ASP H 34 34.25 52.29 22.85
CA ASP H 34 33.87 52.90 24.12
C ASP H 34 32.93 51.87 24.74
N HIS H 35 32.86 51.88 26.07
CA HIS H 35 32.10 50.86 26.77
C HIS H 35 30.59 51.12 26.66
N SER H 36 29.83 50.04 26.54
CA SER H 36 28.39 50.14 26.44
C SER H 36 27.76 50.39 27.81
N PRO H 37 26.97 51.47 27.93
CA PRO H 37 26.19 51.74 29.13
C PRO H 37 25.14 50.69 29.40
N ILE H 38 24.83 49.84 28.41
CA ILE H 38 23.87 48.76 28.60
C ILE H 38 24.53 47.41 28.46
N GLU H 39 24.11 46.48 29.33
CA GLU H 39 24.74 45.17 29.46
C GLU H 39 23.83 44.08 28.90
N PHE H 40 22.71 43.83 29.57
CA PHE H 40 21.61 43.10 28.93
C PHE H 40 20.27 43.72 29.28
N VAL H 41 19.26 43.39 28.47
CA VAL H 41 17.91 43.95 28.62
C VAL H 41 16.88 42.83 28.71
N THR H 42 15.93 43.00 29.61
CA THR H 42 14.85 42.05 29.77
C THR H 42 13.53 42.79 29.72
N GLY H 43 12.44 42.04 29.76
CA GLY H 43 11.13 42.61 29.57
C GLY H 43 10.10 41.58 29.94
N ARG H 44 8.88 42.04 30.22
CA ARG H 44 7.84 41.14 30.66
C ARG H 44 6.49 41.83 30.67
N VAL H 45 5.47 41.12 30.23
CA VAL H 45 4.11 41.61 30.39
C VAL H 45 3.63 41.19 31.78
N LYS H 46 3.01 42.12 32.49
CA LYS H 46 2.62 41.87 33.86
C LYS H 46 1.52 40.80 33.95
N PRO H 47 1.75 39.75 34.75
CA PRO H 47 0.78 38.66 34.91
C PRO H 47 -0.61 39.16 35.28
N VAL H 48 -1.65 38.41 34.93
CA VAL H 48 -3.00 38.86 35.17
C VAL H 48 -3.24 39.05 36.67
N ALA H 49 -2.80 38.08 37.46
CA ALA H 49 -2.93 38.14 38.91
C ALA H 49 -2.34 39.42 39.54
N SER H 50 -1.15 39.82 39.10
CA SER H 50 -0.53 41.06 39.57
C SER H 50 -1.37 42.29 39.23
N ILE H 51 -1.87 42.33 37.99
CA ILE H 51 -2.62 43.48 37.49
C ILE H 51 -3.88 43.70 38.32
N LEU H 52 -4.53 42.59 38.69
CA LEU H 52 -5.67 42.65 39.57
C LEU H 52 -5.29 43.25 40.94
N GLU H 53 -4.34 42.62 41.63
CA GLU H 53 -3.97 43.08 42.97
C GLU H 53 -3.53 44.54 42.98
N LYS H 54 -2.87 44.98 41.93
CA LYS H 54 -2.33 46.34 41.90
C LYS H 54 -3.47 47.36 41.78
N ALA H 55 -4.58 46.91 41.18
CA ALA H 55 -5.75 47.74 41.01
C ALA H 55 -6.58 47.71 42.27
N ARG H 56 -6.58 46.56 42.93
CA ARG H 56 -7.15 46.43 44.26
C ARG H 56 -6.44 47.45 45.16
N ARG H 57 -5.15 47.22 45.33
CA ARG H 57 -4.23 48.11 46.03
C ARG H 57 -4.39 49.62 45.75
N LYS H 58 -4.38 50.03 44.49
CA LYS H 58 -4.43 51.47 44.19
C LYS H 58 -5.81 51.98 43.88
N SER H 59 -6.84 51.17 44.16
CA SER H 59 -8.23 51.49 43.86
C SER H 59 -8.49 51.93 42.41
N ILE H 60 -7.96 51.18 41.45
CA ILE H 60 -8.21 51.51 40.04
C ILE H 60 -9.28 50.57 39.51
N PRO H 61 -10.39 51.15 39.00
CA PRO H 61 -11.50 50.39 38.41
C PRO H 61 -11.11 49.78 37.07
N LEU H 62 -11.56 48.54 36.81
CA LEU H 62 -11.17 47.78 35.60
C LEU H 62 -11.33 48.57 34.30
N HIS H 63 -12.41 49.32 34.19
CA HIS H 63 -12.63 50.13 33.00
C HIS H 63 -11.59 51.23 32.82
N GLU H 64 -10.45 51.12 33.48
CA GLU H 64 -9.42 52.15 33.38
C GLU H 64 -7.99 51.62 33.56
N ILE H 65 -7.79 50.29 33.52
CA ILE H 65 -6.46 49.75 33.85
C ILE H 65 -5.36 50.20 32.87
N GLU H 66 -5.75 50.85 31.77
CA GLU H 66 -4.76 51.34 30.80
C GLU H 66 -3.96 52.50 31.40
N THR H 67 -4.36 52.97 32.58
CA THR H 67 -3.62 54.01 33.29
C THR H 67 -2.47 53.39 34.11
N MET H 68 -2.58 52.10 34.42
CA MET H 68 -1.51 51.38 35.08
C MET H 68 -0.24 51.42 34.26
N GLN H 69 0.82 51.97 34.81
CA GLN H 69 1.98 52.31 34.00
C GLN H 69 2.90 51.14 33.71
N ASP H 70 2.65 49.96 34.26
CA ASP H 70 3.61 48.86 34.10
C ASP H 70 3.01 47.53 33.67
N ILE H 71 1.90 47.56 32.95
CA ILE H 71 1.39 46.32 32.35
C ILE H 71 2.45 45.76 31.40
N ALA H 72 3.14 46.66 30.71
CA ALA H 72 4.34 46.32 29.97
C ALA H 72 5.55 46.90 30.68
N GLY H 73 6.59 46.10 30.88
CA GLY H 73 7.80 46.64 31.47
C GLY H 73 9.05 46.09 30.81
N LEU H 74 10.05 46.94 30.65
CA LEU H 74 11.40 46.47 30.37
C LEU H 74 12.32 46.73 31.56
N ARG H 75 13.50 46.13 31.55
CA ARG H 75 14.50 46.41 32.58
C ARG H 75 15.89 46.44 31.97
N ILE H 76 16.54 47.59 32.04
CA ILE H 76 17.90 47.74 31.54
C ILE H 76 18.93 47.51 32.66
N MET H 77 19.96 46.71 32.38
CA MET H 77 21.04 46.45 33.35
C MET H 77 22.37 47.12 32.96
N CYS H 78 23.08 47.67 33.94
CA CYS H 78 24.35 48.36 33.72
C CYS H 78 25.45 47.84 34.60
N GLN H 79 26.68 47.86 34.09
CA GLN H 79 27.87 47.58 34.89
C GLN H 79 28.06 48.63 35.98
N PHE H 80 27.96 49.89 35.57
CA PHE H 80 28.30 51.03 36.39
C PHE H 80 27.10 51.87 36.83
N VAL H 81 27.19 52.44 38.03
CA VAL H 81 26.12 53.29 38.50
C VAL H 81 26.01 54.47 37.58
N ASP H 82 27.15 55.03 37.17
CA ASP H 82 27.14 56.21 36.34
C ASP H 82 26.47 55.95 35.02
N ASP H 83 26.37 54.69 34.63
CA ASP H 83 25.73 54.32 33.37
C ASP H 83 24.23 54.60 33.36
N ILE H 84 23.56 54.31 34.47
CA ILE H 84 22.15 54.63 34.65
C ILE H 84 21.79 56.03 34.18
N GLN H 85 22.68 57.00 34.40
CA GLN H 85 22.41 58.38 34.00
C GLN H 85 22.44 58.48 32.47
N ILE H 86 23.39 57.76 31.89
CA ILE H 86 23.66 57.84 30.47
C ILE H 86 22.50 57.24 29.68
N VAL H 87 22.06 56.07 30.14
CA VAL H 87 20.88 55.42 29.59
C VAL H 87 19.64 56.30 29.75
N LYS H 88 19.49 56.89 30.94
CA LYS H 88 18.33 57.74 31.22
C LYS H 88 18.23 58.89 30.22
N GLU H 89 19.38 59.50 29.94
CA GLU H 89 19.42 60.63 29.02
C GLU H 89 19.05 60.17 27.62
N MET H 90 19.72 59.11 27.16
CA MET H 90 19.44 58.51 25.86
C MET H 90 17.96 58.18 25.68
N LEU H 91 17.30 57.71 26.73
CA LEU H 91 15.89 57.41 26.61
C LEU H 91 15.10 58.71 26.41
N PHE H 92 15.56 59.78 27.02
CA PHE H 92 14.83 61.04 26.94
C PHE H 92 14.98 61.68 25.58
N ALA H 93 16.09 61.41 24.92
CA ALA H 93 16.32 61.90 23.57
C ALA H 93 15.29 61.30 22.58
N ARG H 94 15.33 59.97 22.47
CA ARG H 94 14.57 59.18 21.50
C ARG H 94 13.22 59.75 21.09
N LYS H 95 12.97 59.67 19.79
CA LYS H 95 11.79 60.25 19.18
C LYS H 95 10.70 59.20 18.85
N ASP H 96 11.03 57.92 18.97
CA ASP H 96 10.07 56.86 18.66
C ASP H 96 9.09 56.59 19.82
N PHE H 97 9.29 57.29 20.93
CA PHE H 97 8.30 57.34 22.00
C PHE H 97 8.51 58.61 22.80
N THR H 98 7.72 58.80 23.83
CA THR H 98 7.93 59.95 24.70
C THR H 98 7.77 59.57 26.15
N VAL H 99 8.66 60.12 26.98
CA VAL H 99 8.64 59.88 28.41
C VAL H 99 7.50 60.67 29.06
N VAL H 100 6.71 60.03 29.91
CA VAL H 100 5.56 60.70 30.52
C VAL H 100 5.54 60.66 32.08
N ASP H 101 6.45 59.87 32.66
CA ASP H 101 6.64 59.90 34.11
C ASP H 101 8.02 59.42 34.50
N GLN H 102 8.34 59.55 35.79
CA GLN H 102 9.67 59.27 36.27
C GLN H 102 9.58 58.78 37.70
N ARG H 103 10.65 58.17 38.18
CA ARG H 103 10.79 57.86 39.59
C ARG H 103 10.89 59.17 40.41
N ASP H 104 10.03 59.29 41.42
CA ASP H 104 10.06 60.43 42.31
C ASP H 104 10.86 60.06 43.57
N TYR H 105 12.09 60.56 43.65
CA TYR H 105 12.91 60.38 44.83
C TYR H 105 12.55 61.42 45.88
N ILE H 106 11.27 61.74 46.00
CA ILE H 106 10.81 62.65 47.05
C ILE H 106 9.45 62.21 47.63
N ALA H 107 8.37 62.80 47.13
CA ALA H 107 7.02 62.48 47.64
C ALA H 107 6.91 62.72 49.16
N SER H 116 16.62 50.49 40.89
CA SER H 116 15.19 50.64 40.89
C SER H 116 14.83 52.07 40.50
N TYR H 117 15.75 52.73 39.78
CA TYR H 117 15.34 53.86 38.95
C TYR H 117 14.34 53.35 37.89
N HIS H 118 13.43 54.20 37.43
CA HIS H 118 12.47 53.80 36.39
C HIS H 118 11.84 55.00 35.70
N LEU H 119 11.64 54.92 34.39
CA LEU H 119 10.86 55.95 33.73
C LEU H 119 9.77 55.29 32.89
N VAL H 120 8.68 56.03 32.69
CA VAL H 120 7.56 55.52 31.88
C VAL H 120 7.46 56.20 30.53
N VAL H 121 7.40 55.41 29.47
CA VAL H 121 7.20 55.98 28.15
C VAL H 121 5.77 55.78 27.69
N LEU H 122 5.27 56.71 26.89
CA LEU H 122 4.06 56.43 26.13
C LEU H 122 4.54 55.91 24.77
N TYR H 123 4.11 54.71 24.39
CA TYR H 123 4.59 54.10 23.14
C TYR H 123 3.55 54.07 22.02
N PRO H 124 3.95 54.54 20.81
CA PRO H 124 3.08 54.62 19.64
C PRO H 124 3.13 53.31 18.86
N LEU H 125 2.35 52.35 19.34
CA LEU H 125 2.24 51.04 18.72
C LEU H 125 1.31 51.03 17.50
N GLN H 126 1.89 50.84 16.30
CA GLN H 126 1.10 50.68 15.08
C GLN H 126 0.43 49.30 15.03
N THR H 127 -0.90 49.24 15.17
CA THR H 127 -1.62 47.99 15.02
C THR H 127 -2.26 47.89 13.65
N VAL H 128 -3.08 46.86 13.52
CA VAL H 128 -3.84 46.63 12.31
C VAL H 128 -4.90 47.72 12.10
N SER H 129 -5.44 48.25 13.19
CA SER H 129 -6.44 49.31 13.14
C SER H 129 -5.94 50.62 13.73
N GLY H 130 -5.07 51.31 13.00
CA GLY H 130 -4.47 52.53 13.51
C GLY H 130 -3.53 52.39 14.70
N GLU H 131 -3.21 53.52 15.32
CA GLU H 131 -2.30 53.59 16.45
C GLU H 131 -2.95 53.24 17.79
N LYS H 132 -2.20 52.55 18.63
CA LYS H 132 -2.62 52.37 20.01
C LYS H 132 -1.46 52.72 20.96
N HIS H 133 -1.60 53.86 21.62
CA HIS H 133 -0.62 54.33 22.60
C HIS H 133 -0.65 53.52 23.92
N VAL H 134 0.45 52.83 24.23
CA VAL H 134 0.48 52.09 25.49
C VAL H 134 1.62 52.53 26.41
N LEU H 135 1.33 52.55 27.70
CA LEU H 135 2.36 52.93 28.67
C LEU H 135 3.38 51.82 28.84
N VAL H 136 4.65 52.18 28.81
CA VAL H 136 5.67 51.21 29.16
C VAL H 136 6.58 51.76 30.24
N GLU H 137 6.76 50.96 31.29
CA GLU H 137 7.71 51.24 32.35
C GLU H 137 9.07 50.64 32.07
N ILE H 138 10.10 51.46 32.10
CA ILE H 138 11.47 50.99 31.94
C ILE H 138 12.33 51.19 33.20
N GLN H 139 12.61 50.10 33.90
CA GLN H 139 13.51 50.12 35.03
C GLN H 139 14.95 50.15 34.54
N ILE H 140 15.85 50.76 35.30
CA ILE H 140 17.28 50.67 35.06
C ILE H 140 18.05 50.30 36.35
N ARG H 141 19.05 49.44 36.22
CA ARG H 141 19.73 48.90 37.38
C ARG H 141 21.20 48.63 37.13
N THR H 142 21.99 48.60 38.19
CA THR H 142 23.30 48.01 38.09
C THR H 142 23.10 46.51 38.15
N LEU H 143 24.05 45.76 37.60
CA LEU H 143 23.99 44.30 37.65
C LEU H 143 23.90 43.78 39.06
N ALA H 144 24.78 44.31 39.92
CA ALA H 144 24.86 43.94 41.31
C ALA H 144 23.53 44.16 42.02
N MET H 145 22.98 45.37 41.91
CA MET H 145 21.74 45.66 42.62
C MET H 145 20.68 44.75 42.10
N ASN H 146 20.71 44.48 40.80
CA ASN H 146 19.74 43.58 40.20
C ASN H 146 19.86 42.19 40.75
N PHE H 147 21.09 41.74 40.90
CA PHE H 147 21.33 40.44 41.49
C PHE H 147 20.64 40.39 42.86
N TRP H 148 20.94 41.36 43.71
CA TRP H 148 20.38 41.39 45.06
C TRP H 148 18.85 41.39 45.07
N ALA H 149 18.23 42.17 44.18
CA ALA H 149 16.77 42.28 44.13
C ALA H 149 16.10 40.96 43.71
N THR H 150 16.76 40.23 42.82
CA THR H 150 16.32 38.92 42.43
C THR H 150 16.20 38.05 43.65
N ILE H 151 17.25 38.00 44.46
CA ILE H 151 17.19 37.14 45.64
C ILE H 151 16.15 37.63 46.65
N GLU H 152 16.11 38.93 46.91
CA GLU H 152 15.10 39.46 47.83
C GLU H 152 13.70 39.14 47.34
N HIS H 153 13.41 39.46 46.09
CA HIS H 153 12.09 39.16 45.54
C HIS H 153 11.75 37.70 45.69
N SER H 154 12.69 36.83 45.35
CA SER H 154 12.42 35.40 45.36
C SER H 154 12.27 34.83 46.77
N LEU H 155 12.68 35.58 47.77
CA LEU H 155 12.51 35.13 49.15
C LEU H 155 11.27 35.75 49.80
N ASN H 156 10.87 36.92 49.31
CA ASN H 156 9.64 37.56 49.75
C ASN H 156 8.49 36.67 49.36
N TYR H 157 8.51 36.27 48.10
CA TYR H 157 7.65 35.23 47.57
C TYR H 157 7.57 34.00 48.48
N LYS H 158 8.74 33.49 48.87
CA LYS H 158 8.82 32.23 49.62
C LYS H 158 8.17 32.32 51.00
N TYR H 159 8.48 33.37 51.75
CA TYR H 159 7.97 33.53 53.10
C TYR H 159 6.75 34.43 53.13
N SER H 160 6.18 34.66 51.95
CA SER H 160 5.01 35.52 51.77
C SER H 160 5.12 36.76 52.66
N GLY H 161 6.07 37.63 52.32
CA GLY H 161 6.22 38.92 52.98
C GLY H 161 6.97 38.89 54.30
N ASN H 162 6.82 37.79 55.03
CA ASN H 162 7.37 37.71 56.37
C ASN H 162 8.63 36.86 56.47
N ILE H 163 9.77 37.51 56.41
CA ILE H 163 11.07 36.85 56.35
C ILE H 163 11.66 36.75 57.75
N PRO H 164 12.16 35.57 58.14
CA PRO H 164 12.66 35.36 59.51
C PRO H 164 13.92 36.19 59.85
N GLU H 165 14.08 36.52 61.13
CA GLU H 165 15.08 37.52 61.51
C GLU H 165 16.53 37.11 61.20
N LYS H 166 16.81 35.81 61.21
CA LYS H 166 18.15 35.34 60.90
C LYS H 166 18.43 35.52 59.41
N VAL H 167 17.37 35.43 58.60
CA VAL H 167 17.48 35.53 57.15
C VAL H 167 17.50 36.96 56.62
N LYS H 168 16.78 37.88 57.26
CA LYS H 168 16.81 39.26 56.80
C LYS H 168 18.16 39.85 57.12
N LEU H 169 18.76 39.40 58.22
CA LEU H 169 20.09 39.89 58.54
C LEU H 169 21.03 39.51 57.40
N ARG H 170 21.14 38.22 57.09
CA ARG H 170 22.01 37.75 56.01
C ARG H 170 21.66 38.46 54.69
N LEU H 171 20.39 38.80 54.53
CA LEU H 171 19.96 39.51 53.34
C LEU H 171 20.27 41.00 53.37
N GLN H 172 20.31 41.61 54.55
CA GLN H 172 20.74 43.01 54.61
C GLN H 172 22.22 43.06 54.33
N ARG H 173 22.94 42.04 54.79
CA ARG H 173 24.38 41.98 54.53
C ARG H 173 24.68 41.80 53.05
N ALA H 174 23.91 40.95 52.38
CA ALA H 174 24.06 40.77 50.92
C ALA H 174 23.81 42.06 50.14
N SER H 175 22.73 42.75 50.49
CA SER H 175 22.49 44.07 49.97
C SER H 175 23.66 45.05 50.14
N GLU H 176 24.42 44.93 51.22
CA GLU H 176 25.52 45.86 51.46
C GLU H 176 26.77 45.49 50.66
N ALA H 177 27.05 44.19 50.56
CA ALA H 177 28.18 43.71 49.79
C ALA H 177 27.97 44.06 48.34
N ALA H 178 26.73 43.92 47.88
CA ALA H 178 26.37 44.23 46.51
C ALA H 178 26.64 45.70 46.27
N SER H 179 26.05 46.52 47.14
CA SER H 179 26.29 47.96 47.12
C SER H 179 27.79 48.32 47.14
N ARG H 180 28.57 47.58 47.94
CA ARG H 180 30.02 47.76 47.97
C ARG H 180 30.64 47.39 46.62
N LEU H 181 30.18 46.29 46.04
CA LEU H 181 30.64 45.86 44.73
C LEU H 181 30.51 46.97 43.69
N ASP H 182 29.40 47.72 43.76
CA ASP H 182 29.21 48.86 42.87
C ASP H 182 30.23 49.94 43.15
N GLU H 183 30.40 50.26 44.43
CA GLU H 183 31.38 51.26 44.84
C GLU H 183 32.74 50.94 44.22
N GLU H 184 33.18 49.69 44.34
CA GLU H 184 34.46 49.27 43.72
C GLU H 184 34.46 49.39 42.20
N MET H 185 33.29 49.18 41.60
CA MET H 185 33.14 49.35 40.15
C MET H 185 33.24 50.80 39.76
N SER H 186 32.50 51.66 40.46
CA SER H 186 32.56 53.10 40.21
C SER H 186 33.98 53.64 40.26
N GLU H 187 34.85 52.94 40.99
CA GLU H 187 36.23 53.37 41.16
C GLU H 187 37.14 52.88 40.04
N ILE H 188 36.88 51.66 39.58
CA ILE H 188 37.56 51.17 38.38
C ILE H 188 37.26 52.09 37.22
N ARG H 189 35.98 52.39 37.01
CA ARG H 189 35.62 53.32 35.94
C ARG H 189 36.32 54.66 36.13
N GLY H 190 36.31 55.17 37.36
CA GLY H 190 36.92 56.45 37.66
C GLY H 190 38.38 56.55 37.25
N GLU H 191 39.15 55.50 37.51
CA GLU H 191 40.59 55.53 37.24
C GLU H 191 40.93 55.33 35.78
N VAL H 192 40.10 54.56 35.08
CA VAL H 192 40.26 54.40 33.63
C VAL H 192 40.05 55.75 32.94
N GLN H 193 39.13 56.54 33.48
CA GLN H 193 38.84 57.87 32.93
C GLN H 193 39.91 58.88 33.32
N GLU H 194 40.89 58.43 34.09
CA GLU H 194 42.14 59.16 34.20
C GLU H 194 43.10 58.59 33.14
N ALA H 195 43.00 59.10 31.92
CA ALA H 195 43.81 58.63 30.80
C ALA H 195 43.84 59.66 29.65
N ASP I 1 27.85 -53.21 -5.69
CA ASP I 1 27.20 -51.97 -6.10
C ASP I 1 28.18 -50.80 -6.15
N LYS I 2 29.02 -50.66 -5.11
CA LYS I 2 29.99 -49.56 -5.06
C LYS I 2 31.04 -49.75 -6.14
N GLN I 3 31.03 -50.93 -6.77
CA GLN I 3 31.72 -51.15 -8.02
C GLN I 3 31.24 -50.09 -9.02
N TRP I 4 29.92 -49.87 -9.04
CA TRP I 4 29.29 -48.83 -9.85
C TRP I 4 29.69 -47.44 -9.38
N GLU I 5 29.43 -47.19 -8.11
CA GLU I 5 29.65 -45.87 -7.53
C GLU I 5 31.05 -45.33 -7.85
N ARG I 6 32.06 -46.18 -7.70
CA ARG I 6 33.42 -45.78 -8.03
C ARG I 6 33.65 -45.73 -9.54
N PHE I 7 32.92 -46.57 -10.27
CA PHE I 7 33.01 -46.64 -11.73
C PHE I 7 32.44 -45.38 -12.37
N LEU I 8 31.48 -44.76 -11.68
CA LEU I 8 30.78 -43.60 -12.21
C LEU I 8 31.52 -42.29 -11.90
N VAL I 9 32.63 -42.39 -11.18
CA VAL I 9 33.36 -41.21 -10.77
C VAL I 9 33.82 -40.37 -11.96
N PRO I 10 34.53 -40.99 -12.91
CA PRO I 10 34.99 -40.23 -14.07
C PRO I 10 33.85 -39.67 -14.94
N TYR I 11 32.67 -40.29 -14.90
CA TYR I 11 31.56 -39.78 -15.67
C TYR I 11 30.97 -38.55 -15.01
N ARG I 12 30.70 -38.60 -13.71
CA ARG I 12 30.18 -37.43 -12.99
C ARG I 12 31.06 -36.20 -13.23
N GLN I 13 32.38 -36.39 -13.14
CA GLN I 13 33.34 -35.30 -13.29
C GLN I 13 33.33 -34.71 -14.68
N ALA I 14 33.27 -35.57 -15.70
CA ALA I 14 33.28 -35.10 -17.08
C ALA I 14 32.00 -34.32 -17.40
N VAL I 15 30.89 -34.71 -16.79
CA VAL I 15 29.66 -33.99 -17.05
C VAL I 15 29.80 -32.60 -16.46
N GLU I 16 30.38 -32.51 -15.27
CA GLU I 16 30.57 -31.22 -14.59
C GLU I 16 31.50 -30.27 -15.34
N GLU I 17 32.58 -30.77 -15.91
CA GLU I 17 33.48 -29.92 -16.68
C GLU I 17 32.83 -29.40 -17.97
N LEU I 18 32.22 -30.29 -18.73
CA LEU I 18 31.60 -29.86 -19.98
C LEU I 18 30.42 -28.92 -19.70
N LYS I 19 29.71 -29.16 -18.60
CA LYS I 19 28.65 -28.27 -18.17
C LYS I 19 29.15 -26.83 -17.97
N VAL I 20 30.36 -26.67 -17.44
CA VAL I 20 30.91 -25.35 -17.20
C VAL I 20 31.43 -24.78 -18.51
N LYS I 21 32.12 -25.59 -19.30
CA LYS I 21 32.59 -25.13 -20.61
C LYS I 21 31.44 -24.63 -21.49
N LEU I 22 30.32 -25.34 -21.50
CA LEU I 22 29.21 -24.97 -22.39
C LEU I 22 28.43 -23.75 -21.91
N LYS I 23 28.41 -23.52 -20.59
CA LYS I 23 27.70 -22.37 -20.05
C LYS I 23 28.45 -21.09 -20.33
N GLY I 24 29.71 -21.24 -20.74
CA GLY I 24 30.53 -20.08 -21.10
C GLY I 24 30.00 -19.47 -22.38
N ILE I 25 29.57 -20.34 -23.30
CA ILE I 25 29.00 -19.92 -24.55
C ILE I 25 27.87 -18.92 -24.40
N ARG I 26 26.91 -19.24 -23.55
CA ARG I 26 25.80 -18.31 -23.37
C ARG I 26 26.27 -17.04 -22.68
N THR I 27 27.28 -17.18 -21.81
CA THR I 27 27.85 -16.03 -21.12
C THR I 27 28.49 -15.11 -22.13
N LEU I 28 29.38 -15.66 -22.94
CA LEU I 28 30.11 -14.88 -23.93
C LEU I 28 29.17 -14.07 -24.83
N TYR I 29 28.10 -14.68 -25.31
CA TYR I 29 27.16 -13.93 -26.13
C TYR I 29 26.44 -12.90 -25.29
N GLU I 30 25.78 -13.35 -24.22
CA GLU I 30 24.88 -12.45 -23.49
C GLU I 30 25.64 -11.25 -22.94
N TYR I 31 26.96 -11.30 -22.99
CA TYR I 31 27.75 -10.10 -22.74
C TYR I 31 27.80 -9.21 -23.99
N GLU I 32 28.11 -9.82 -25.15
CA GLU I 32 28.23 -9.10 -26.42
C GLU I 32 26.94 -8.34 -26.84
N ASP I 33 25.83 -8.58 -26.14
CA ASP I 33 24.51 -8.07 -26.56
C ASP I 33 24.15 -8.58 -27.97
N ASP I 34 24.44 -9.85 -28.17
CA ASP I 34 24.05 -10.56 -29.34
C ASP I 34 22.97 -11.53 -28.89
N HIS I 35 22.44 -12.33 -29.80
CA HIS I 35 21.53 -13.39 -29.36
C HIS I 35 22.31 -14.66 -29.08
N SER I 36 21.90 -15.38 -28.04
CA SER I 36 22.64 -16.56 -27.64
C SER I 36 22.04 -17.84 -28.19
N PRO I 37 22.85 -18.59 -28.93
CA PRO I 37 22.40 -19.87 -29.50
C PRO I 37 21.95 -20.83 -28.41
N ILE I 38 22.56 -20.74 -27.25
CA ILE I 38 22.23 -21.63 -26.14
C ILE I 38 21.39 -20.91 -25.13
N GLU I 39 20.28 -21.53 -24.75
CA GLU I 39 19.42 -20.97 -23.72
C GLU I 39 19.81 -21.53 -22.34
N PHE I 40 20.02 -22.84 -22.25
CA PHE I 40 20.65 -23.40 -21.08
C PHE I 40 21.18 -24.83 -21.29
N VAL I 41 22.00 -25.29 -20.36
CA VAL I 41 22.67 -26.58 -20.45
C VAL I 41 22.37 -27.42 -19.23
N THR I 42 22.07 -28.68 -19.47
CA THR I 42 21.84 -29.59 -18.37
C THR I 42 22.65 -30.85 -18.61
N GLY I 43 22.60 -31.76 -17.65
CA GLY I 43 23.42 -32.93 -17.71
C GLY I 43 23.00 -33.99 -16.73
N ARG I 44 23.31 -35.23 -17.09
CA ARG I 44 22.90 -36.37 -16.32
C ARG I 44 23.95 -37.46 -16.35
N VAL I 45 24.19 -38.10 -15.21
CA VAL I 45 24.83 -39.42 -15.24
C VAL I 45 23.72 -40.46 -15.22
N LYS I 46 23.79 -41.39 -16.17
CA LYS I 46 22.77 -42.42 -16.32
C LYS I 46 22.64 -43.19 -15.03
N PRO I 47 21.40 -43.29 -14.49
CA PRO I 47 21.19 -44.05 -13.25
C PRO I 47 21.59 -45.50 -13.42
N VAL I 48 22.08 -46.14 -12.36
CA VAL I 48 22.64 -47.49 -12.50
C VAL I 48 21.64 -48.41 -13.20
N ALA I 49 20.39 -48.34 -12.73
CA ALA I 49 19.32 -49.14 -13.31
C ALA I 49 19.23 -48.98 -14.83
N SER I 50 19.16 -47.75 -15.32
CA SER I 50 19.01 -47.52 -16.75
C SER I 50 20.18 -48.06 -17.58
N ILE I 51 21.32 -48.29 -16.94
CA ILE I 51 22.48 -48.82 -17.64
C ILE I 51 22.34 -50.34 -17.77
N LEU I 52 21.71 -50.94 -16.76
CA LEU I 52 21.36 -52.36 -16.79
C LEU I 52 20.16 -52.61 -17.71
N GLU I 53 19.15 -51.75 -17.63
CA GLU I 53 18.02 -51.81 -18.55
C GLU I 53 18.53 -51.73 -20.00
N LYS I 54 19.29 -50.69 -20.32
CA LYS I 54 19.82 -50.53 -21.68
C LYS I 54 20.83 -51.64 -21.99
N ALA I 55 21.31 -52.29 -20.94
CA ALA I 55 22.20 -53.42 -21.11
C ALA I 55 21.51 -54.50 -21.93
N ARG I 56 20.59 -55.21 -21.30
CA ARG I 56 19.89 -56.32 -21.93
C ARG I 56 19.32 -55.94 -23.28
N ARG I 57 18.80 -54.71 -23.38
CA ARG I 57 18.07 -54.31 -24.59
C ARG I 57 18.92 -54.34 -25.85
N LYS I 58 20.15 -53.85 -25.76
CA LYS I 58 20.98 -53.72 -26.95
C LYS I 58 22.05 -54.80 -27.03
N SER I 59 21.80 -55.93 -26.37
CA SER I 59 22.71 -57.07 -26.42
C SER I 59 24.09 -56.67 -25.94
N ILE I 60 24.12 -56.02 -24.79
CA ILE I 60 25.37 -55.65 -24.16
C ILE I 60 26.08 -56.87 -23.60
N PRO I 61 27.40 -56.77 -23.49
CA PRO I 61 28.17 -57.57 -22.54
C PRO I 61 28.67 -56.68 -21.42
N LEU I 62 28.11 -56.81 -20.21
CA LEU I 62 28.43 -55.90 -19.10
C LEU I 62 29.94 -55.69 -18.90
N HIS I 63 30.75 -56.57 -19.46
CA HIS I 63 32.19 -56.39 -19.41
C HIS I 63 32.63 -55.21 -20.28
N GLU I 64 31.75 -54.80 -21.20
CA GLU I 64 32.09 -53.70 -22.11
C GLU I 64 31.07 -52.57 -22.12
N ILE I 65 30.48 -52.24 -20.97
CA ILE I 65 29.48 -51.17 -20.92
C ILE I 65 30.14 -49.86 -21.30
N GLU I 66 31.41 -49.68 -20.93
CA GLU I 66 32.19 -48.50 -21.34
C GLU I 66 32.17 -48.25 -22.86
N THR I 67 31.40 -49.06 -23.58
CA THR I 67 31.20 -48.82 -25.00
C THR I 67 29.88 -48.07 -25.16
N MET I 68 29.09 -48.06 -24.08
CA MET I 68 27.78 -47.38 -24.04
C MET I 68 27.94 -45.86 -24.14
N GLN I 69 27.38 -45.26 -25.18
CA GLN I 69 27.71 -43.88 -25.50
C GLN I 69 27.06 -42.81 -24.61
N ASP I 70 26.06 -43.15 -23.79
CA ASP I 70 25.37 -42.09 -23.08
C ASP I 70 25.29 -42.29 -21.55
N ILE I 71 26.31 -42.92 -20.98
CA ILE I 71 26.45 -42.97 -19.52
C ILE I 71 26.59 -41.56 -18.97
N ALA I 72 27.43 -40.79 -19.66
CA ALA I 72 27.56 -39.39 -19.38
C ALA I 72 26.90 -38.61 -20.52
N GLY I 73 25.76 -38.01 -20.23
CA GLY I 73 25.03 -37.24 -21.21
C GLY I 73 24.83 -35.77 -20.88
N LEU I 74 25.00 -34.93 -21.91
CA LEU I 74 24.61 -33.52 -21.83
C LEU I 74 23.51 -33.17 -22.83
N ARG I 75 22.73 -32.14 -22.50
CA ARG I 75 21.66 -31.68 -23.37
C ARG I 75 21.66 -30.16 -23.44
N ILE I 76 21.81 -29.62 -24.64
CA ILE I 76 21.78 -28.19 -24.87
C ILE I 76 20.41 -27.78 -25.42
N MET I 77 19.83 -26.70 -24.88
CA MET I 77 18.50 -26.23 -25.31
C MET I 77 18.53 -24.88 -26.02
N CYS I 78 17.99 -24.83 -27.23
CA CYS I 78 18.04 -23.59 -28.01
C CYS I 78 16.69 -22.93 -28.17
N GLN I 79 16.67 -21.62 -28.37
CA GLN I 79 15.41 -20.93 -28.62
C GLN I 79 14.84 -21.31 -30.00
N PHE I 80 15.70 -21.44 -31.00
CA PHE I 80 15.29 -21.58 -32.38
C PHE I 80 15.91 -22.79 -33.02
N VAL I 81 15.29 -23.28 -34.11
CA VAL I 81 15.82 -24.44 -34.84
C VAL I 81 17.12 -24.11 -35.56
N ASP I 82 17.29 -22.84 -35.92
CA ASP I 82 18.47 -22.38 -36.68
C ASP I 82 19.72 -22.34 -35.80
N ASP I 83 19.50 -22.19 -34.51
CA ASP I 83 20.56 -22.19 -33.52
C ASP I 83 21.26 -23.54 -33.47
N ILE I 84 20.50 -24.62 -33.64
CA ILE I 84 21.04 -25.96 -33.45
C ILE I 84 22.25 -26.25 -34.33
N GLN I 85 22.21 -25.84 -35.59
CA GLN I 85 23.35 -26.06 -36.48
C GLN I 85 24.49 -25.11 -36.08
N ILE I 86 24.14 -23.95 -35.54
CA ILE I 86 25.15 -23.02 -35.05
C ILE I 86 25.92 -23.64 -33.86
N VAL I 87 25.19 -24.29 -32.96
CA VAL I 87 25.80 -25.02 -31.85
C VAL I 87 26.60 -26.20 -32.34
N LYS I 88 25.95 -27.05 -33.14
CA LYS I 88 26.57 -28.22 -33.74
C LYS I 88 27.95 -27.88 -34.31
N GLU I 89 28.09 -26.69 -34.88
CA GLU I 89 29.34 -26.36 -35.53
C GLU I 89 30.37 -25.84 -34.54
N MET I 90 29.96 -24.97 -33.61
CA MET I 90 30.83 -24.59 -32.48
C MET I 90 31.35 -25.86 -31.82
N LEU I 91 30.50 -26.87 -31.73
CA LEU I 91 30.88 -28.12 -31.09
C LEU I 91 31.93 -28.89 -31.89
N PHE I 92 31.84 -28.81 -33.22
CA PHE I 92 32.79 -29.48 -34.12
C PHE I 92 34.12 -28.75 -34.13
N ALA I 93 34.10 -27.49 -33.70
CA ALA I 93 35.24 -26.59 -33.83
C ALA I 93 36.17 -26.61 -32.62
N ARG I 94 35.70 -27.18 -31.52
CA ARG I 94 36.42 -27.17 -30.27
C ARG I 94 37.55 -28.18 -30.28
N LYS I 95 38.55 -27.94 -29.45
CA LYS I 95 39.75 -28.76 -29.46
C LYS I 95 39.99 -29.47 -28.14
N ASP I 96 39.09 -29.27 -27.18
CA ASP I 96 39.20 -29.93 -25.86
C ASP I 96 38.50 -31.28 -25.87
N PHE I 97 37.92 -31.63 -27.01
CA PHE I 97 37.53 -33.00 -27.26
C PHE I 97 37.55 -33.24 -28.75
N THR I 98 37.27 -34.48 -29.13
CA THR I 98 37.15 -34.85 -30.52
C THR I 98 35.78 -35.47 -30.76
N VAL I 99 35.10 -35.00 -31.80
CA VAL I 99 33.78 -35.54 -32.14
C VAL I 99 33.91 -36.93 -32.81
N VAL I 100 33.04 -37.88 -32.44
CA VAL I 100 33.10 -39.23 -33.01
C VAL I 100 31.78 -39.76 -33.62
N ASP I 101 31.90 -40.90 -34.32
CA ASP I 101 30.79 -41.59 -34.99
C ASP I 101 29.46 -41.55 -34.25
N GLU I 111 11.87 -38.86 -36.94
CA GLU I 111 10.70 -38.75 -36.05
C GLU I 111 10.39 -37.29 -35.77
N SER I 112 11.14 -36.72 -34.84
CA SER I 112 10.99 -35.32 -34.44
C SER I 112 11.49 -34.37 -35.54
N GLY I 113 11.97 -34.94 -36.63
CA GLY I 113 12.58 -34.16 -37.70
C GLY I 113 13.94 -33.62 -37.29
N TYR I 114 14.26 -32.41 -37.76
CA TYR I 114 15.58 -31.82 -37.55
C TYR I 114 15.54 -30.77 -36.44
N ARG I 115 14.61 -30.94 -35.50
CA ARG I 115 14.50 -30.05 -34.35
C ARG I 115 15.31 -30.61 -33.18
N SER I 116 15.92 -31.77 -33.40
CA SER I 116 16.69 -32.50 -32.38
C SER I 116 17.87 -33.21 -33.04
N TYR I 117 19.04 -33.00 -32.49
CA TYR I 117 20.25 -33.61 -33.01
C TYR I 117 20.91 -34.30 -31.82
N HIS I 118 21.94 -35.06 -32.09
CA HIS I 118 22.67 -35.67 -31.02
C HIS I 118 24.00 -36.09 -31.58
N LEU I 119 25.02 -36.05 -30.73
CA LEU I 119 26.36 -36.40 -31.14
C LEU I 119 27.13 -36.92 -29.93
N VAL I 120 28.24 -37.59 -30.19
CA VAL I 120 29.02 -38.21 -29.13
C VAL I 120 30.49 -37.75 -29.15
N VAL I 121 30.95 -37.20 -28.04
CA VAL I 121 32.35 -36.78 -27.93
C VAL I 121 33.15 -37.75 -27.10
N LEU I 122 34.46 -37.76 -27.33
CA LEU I 122 35.42 -38.41 -26.45
C LEU I 122 36.10 -37.34 -25.58
N TYR I 123 35.93 -37.40 -24.26
CA TYR I 123 36.48 -36.36 -23.40
C TYR I 123 37.75 -36.79 -22.68
N PRO I 124 38.86 -36.10 -22.97
CA PRO I 124 40.17 -36.42 -22.37
C PRO I 124 40.25 -36.00 -20.92
N LEU I 125 39.68 -36.80 -20.04
CA LEU I 125 39.60 -36.45 -18.62
C LEU I 125 40.93 -36.63 -17.91
N GLN I 126 41.47 -35.55 -17.35
CA GLN I 126 42.63 -35.69 -16.48
C GLN I 126 42.17 -36.23 -15.13
N THR I 127 42.72 -37.37 -14.70
CA THR I 127 42.44 -37.92 -13.37
C THR I 127 43.71 -38.02 -12.53
N VAL I 128 43.55 -38.46 -11.29
CA VAL I 128 44.65 -38.53 -10.34
C VAL I 128 45.72 -39.50 -10.79
N SER I 129 45.30 -40.55 -11.46
CA SER I 129 46.23 -41.54 -12.00
C SER I 129 46.36 -41.43 -13.51
N GLY I 130 46.45 -40.20 -14.03
CA GLY I 130 46.64 -39.98 -15.45
C GLY I 130 45.37 -39.87 -16.27
N GLU I 131 45.50 -39.93 -17.60
CA GLU I 131 44.38 -39.66 -18.50
C GLU I 131 43.36 -40.80 -18.61
N LYS I 132 42.11 -40.43 -18.90
CA LYS I 132 41.04 -41.38 -19.12
C LYS I 132 40.00 -40.79 -20.09
N HIS I 133 39.98 -41.27 -21.33
CA HIS I 133 39.01 -40.74 -22.30
C HIS I 133 37.61 -41.33 -22.08
N VAL I 134 36.60 -40.46 -22.10
CA VAL I 134 35.25 -40.90 -21.79
C VAL I 134 34.26 -40.39 -22.81
N LEU I 135 33.33 -41.26 -23.18
CA LEU I 135 32.31 -40.92 -24.15
C LEU I 135 31.23 -40.13 -23.47
N VAL I 136 30.85 -39.00 -24.07
CA VAL I 136 29.76 -38.21 -23.53
C VAL I 136 28.79 -37.90 -24.66
N GLU I 137 27.50 -38.14 -24.41
CA GLU I 137 26.49 -37.86 -25.42
C GLU I 137 26.02 -36.41 -25.24
N ILE I 138 25.83 -35.71 -26.36
CA ILE I 138 25.40 -34.32 -26.35
C ILE I 138 24.18 -34.10 -27.26
N GLN I 139 23.00 -34.17 -26.65
CA GLN I 139 21.76 -33.88 -27.33
C GLN I 139 21.55 -32.37 -27.47
N ILE I 140 21.29 -31.91 -28.68
CA ILE I 140 20.86 -30.53 -28.91
C ILE I 140 19.39 -30.47 -29.35
N ARG I 141 18.56 -29.76 -28.60
CA ARG I 141 17.14 -29.65 -28.87
C ARG I 141 16.65 -28.21 -28.81
N THR I 142 15.56 -27.89 -29.50
CA THR I 142 14.87 -26.62 -29.27
C THR I 142 13.99 -26.71 -28.03
N LEU I 143 13.79 -25.60 -27.35
CA LEU I 143 12.93 -25.57 -26.16
C LEU I 143 11.60 -26.32 -26.38
N ALA I 144 10.97 -26.05 -27.51
CA ALA I 144 9.71 -26.69 -27.86
C ALA I 144 9.88 -28.20 -27.98
N MET I 145 10.79 -28.62 -28.86
CA MET I 145 11.14 -30.03 -29.04
C MET I 145 11.26 -30.76 -27.70
N ASN I 146 12.11 -30.22 -26.83
CA ASN I 146 12.38 -30.79 -25.52
C ASN I 146 11.17 -30.84 -24.58
N PHE I 147 10.31 -29.83 -24.62
CA PHE I 147 9.11 -29.87 -23.78
C PHE I 147 8.18 -31.04 -24.09
N TRP I 148 7.95 -31.33 -25.37
CA TRP I 148 7.14 -32.49 -25.71
C TRP I 148 7.90 -33.78 -25.36
N ALA I 149 9.20 -33.80 -25.63
CA ALA I 149 10.00 -34.99 -25.35
C ALA I 149 9.88 -35.39 -23.89
N THR I 150 9.83 -34.38 -23.03
CA THR I 150 9.74 -34.61 -21.60
C THR I 150 8.48 -35.35 -21.21
N ILE I 151 7.31 -34.82 -21.61
CA ILE I 151 6.05 -35.52 -21.35
C ILE I 151 6.06 -36.89 -22.01
N GLU I 152 6.60 -36.95 -23.23
CA GLU I 152 6.67 -38.20 -23.98
C GLU I 152 7.44 -39.21 -23.17
N HIS I 153 8.65 -38.82 -22.75
CA HIS I 153 9.48 -39.67 -21.94
C HIS I 153 8.80 -40.10 -20.64
N SER I 154 8.06 -39.19 -20.00
CA SER I 154 7.42 -39.52 -18.72
C SER I 154 6.35 -40.60 -18.85
N LEU I 155 5.54 -40.48 -19.89
CA LEU I 155 4.44 -41.40 -20.11
C LEU I 155 4.97 -42.74 -20.60
N ASN I 156 5.87 -42.69 -21.57
CA ASN I 156 6.55 -43.87 -22.10
C ASN I 156 7.19 -44.68 -20.98
N TYR I 157 7.53 -43.97 -19.90
CA TYR I 157 8.10 -44.59 -18.72
C TYR I 157 6.98 -45.07 -17.78
N LYS I 158 6.06 -44.16 -17.44
CA LYS I 158 4.90 -44.51 -16.63
C LYS I 158 4.15 -45.73 -17.15
N TYR I 159 3.84 -45.74 -18.44
CA TYR I 159 3.13 -46.85 -19.08
C TYR I 159 4.09 -47.86 -19.71
N SER I 160 5.29 -47.93 -19.13
CA SER I 160 6.20 -49.05 -19.34
C SER I 160 6.51 -49.40 -20.80
N GLY I 161 6.32 -48.44 -21.70
CA GLY I 161 6.68 -48.64 -23.09
C GLY I 161 5.46 -48.85 -23.96
N ASN I 162 4.35 -49.18 -23.31
CA ASN I 162 3.08 -49.31 -24.01
C ASN I 162 2.09 -48.24 -23.56
N ILE I 163 1.87 -47.25 -24.41
CA ILE I 163 0.96 -46.16 -24.06
C ILE I 163 -0.44 -46.45 -24.58
N PRO I 164 -1.46 -46.22 -23.72
CA PRO I 164 -2.87 -46.29 -24.09
C PRO I 164 -3.16 -45.51 -25.36
N GLU I 165 -3.88 -46.09 -26.32
CA GLU I 165 -4.10 -45.41 -27.60
C GLU I 165 -4.77 -44.03 -27.44
N LYS I 166 -5.53 -43.83 -26.37
CA LYS I 166 -6.20 -42.54 -26.16
C LYS I 166 -5.17 -41.45 -25.87
N VAL I 167 -4.08 -41.85 -25.24
CA VAL I 167 -3.05 -40.92 -24.81
C VAL I 167 -2.05 -40.66 -25.94
N LYS I 168 -1.65 -41.73 -26.64
CA LYS I 168 -0.75 -41.60 -27.79
C LYS I 168 -1.27 -40.58 -28.80
N LEU I 169 -2.58 -40.51 -28.95
CA LEU I 169 -3.21 -39.55 -29.86
C LEU I 169 -2.96 -38.12 -29.41
N ARG I 170 -3.29 -37.82 -28.16
CA ARG I 170 -3.11 -36.47 -27.62
C ARG I 170 -1.63 -36.13 -27.66
N LEU I 171 -0.79 -37.16 -27.50
CA LEU I 171 0.64 -36.98 -27.67
C LEU I 171 0.94 -36.48 -29.08
N GLN I 172 0.51 -37.21 -30.10
CA GLN I 172 0.77 -36.79 -31.47
C GLN I 172 0.27 -35.36 -31.69
N ARG I 173 -0.92 -35.06 -31.18
CA ARG I 173 -1.48 -33.71 -31.30
C ARG I 173 -0.54 -32.66 -30.68
N ALA I 174 -0.20 -32.85 -29.41
CA ALA I 174 0.78 -32.02 -28.71
C ALA I 174 2.07 -31.86 -29.50
N SER I 175 2.59 -32.97 -29.99
CA SER I 175 3.78 -32.95 -30.83
C SER I 175 3.64 -32.07 -32.07
N GLU I 176 2.42 -31.96 -32.60
CA GLU I 176 2.18 -31.11 -33.74
C GLU I 176 2.06 -29.66 -33.29
N ALA I 177 1.48 -29.45 -32.11
CA ALA I 177 1.38 -28.09 -31.56
C ALA I 177 2.78 -27.51 -31.26
N ALA I 178 3.66 -28.36 -30.72
CA ALA I 178 5.04 -27.98 -30.45
C ALA I 178 5.77 -27.65 -31.74
N SER I 179 5.52 -28.43 -32.80
CA SER I 179 6.24 -28.26 -34.04
C SER I 179 5.84 -26.96 -34.70
N ARG I 180 4.57 -26.61 -34.60
CA ARG I 180 4.07 -25.40 -35.18
C ARG I 180 4.65 -24.21 -34.43
N LEU I 181 4.76 -24.35 -33.11
CA LEU I 181 5.38 -23.32 -32.29
C LEU I 181 6.79 -23.01 -32.78
N ASP I 182 7.56 -24.03 -33.10
CA ASP I 182 8.90 -23.83 -33.62
C ASP I 182 8.83 -23.03 -34.90
N GLU I 183 7.83 -23.31 -35.73
CA GLU I 183 7.71 -22.65 -37.03
C GLU I 183 7.44 -21.15 -36.83
N GLU I 184 6.53 -20.83 -35.91
CA GLU I 184 6.29 -19.44 -35.61
C GLU I 184 7.53 -18.72 -35.04
N MET I 185 8.29 -19.43 -34.22
CA MET I 185 9.50 -18.84 -33.62
C MET I 185 10.57 -18.54 -34.66
N SER I 186 10.84 -19.45 -35.58
CA SER I 186 11.84 -19.20 -36.63
C SER I 186 11.42 -18.10 -37.59
N GLU I 187 10.10 -17.82 -37.66
CA GLU I 187 9.57 -16.71 -38.46
C GLU I 187 9.87 -15.41 -37.72
N ILE I 188 9.77 -15.43 -36.39
CA ILE I 188 10.16 -14.28 -35.57
C ILE I 188 11.63 -13.94 -35.76
N ARG I 189 12.50 -14.91 -35.48
CA ARG I 189 13.93 -14.70 -35.66
C ARG I 189 14.20 -14.19 -37.07
N GLY I 190 13.51 -14.79 -38.05
CA GLY I 190 13.61 -14.35 -39.43
C GLY I 190 13.37 -12.86 -39.66
N GLU I 191 12.17 -12.37 -39.36
CA GLU I 191 11.84 -10.95 -39.55
C GLU I 191 12.71 -9.99 -38.72
N VAL I 192 13.44 -10.55 -37.74
CA VAL I 192 14.35 -9.75 -36.93
C VAL I 192 15.74 -9.74 -37.57
N GLN I 193 16.02 -10.75 -38.39
CA GLN I 193 17.28 -10.84 -39.14
C GLN I 193 17.32 -9.85 -40.32
N GLU I 194 16.26 -9.08 -40.49
CA GLU I 194 16.25 -8.02 -41.49
C GLU I 194 16.28 -6.66 -40.80
N ALA I 195 17.32 -6.44 -40.01
CA ALA I 195 17.52 -5.20 -39.26
C ALA I 195 18.93 -4.65 -39.46
N ASP J 1 -47.54 18.37 -10.88
CA ASP J 1 -46.21 17.78 -10.99
C ASP J 1 -45.82 17.00 -9.72
N LYS J 2 -45.24 17.70 -8.75
CA LYS J 2 -44.79 17.10 -7.50
C LYS J 2 -45.97 16.88 -6.53
N GLN J 3 -47.11 17.52 -6.82
CA GLN J 3 -48.34 17.33 -6.04
C GLN J 3 -49.13 16.14 -6.57
N TRP J 4 -49.24 16.08 -7.90
CA TRP J 4 -49.99 15.06 -8.62
C TRP J 4 -49.51 13.67 -8.33
N GLU J 5 -48.21 13.53 -8.19
CA GLU J 5 -47.64 12.22 -7.99
C GLU J 5 -47.92 11.67 -6.58
N ARG J 6 -48.40 12.51 -5.66
CA ARG J 6 -48.67 12.01 -4.32
C ARG J 6 -50.13 11.65 -4.16
N PHE J 7 -50.96 12.43 -4.85
CA PHE J 7 -52.39 12.19 -4.95
C PHE J 7 -52.63 10.82 -5.58
N LEU J 8 -51.77 10.46 -6.53
CA LEU J 8 -51.95 9.23 -7.29
C LEU J 8 -51.41 7.99 -6.56
N VAL J 9 -50.71 8.17 -5.45
CA VAL J 9 -50.15 7.03 -4.72
C VAL J 9 -51.22 5.98 -4.43
N PRO J 10 -52.35 6.41 -3.83
CA PRO J 10 -53.38 5.45 -3.50
C PRO J 10 -54.05 4.83 -4.76
N TYR J 11 -54.08 5.54 -5.90
CA TYR J 11 -54.64 4.93 -7.10
C TYR J 11 -53.73 3.84 -7.65
N ARG J 12 -52.41 4.04 -7.65
CA ARG J 12 -51.51 3.00 -8.13
C ARG J 12 -51.72 1.75 -7.29
N GLN J 13 -51.92 1.93 -5.99
CA GLN J 13 -52.06 0.79 -5.08
C GLN J 13 -53.37 0.05 -5.37
N ALA J 14 -54.45 0.81 -5.60
CA ALA J 14 -55.75 0.20 -5.90
C ALA J 14 -55.68 -0.62 -7.19
N VAL J 15 -55.00 -0.11 -8.20
CA VAL J 15 -54.83 -0.87 -9.42
C VAL J 15 -54.01 -2.14 -9.15
N GLU J 16 -53.04 -2.08 -8.25
CA GLU J 16 -52.14 -3.21 -8.10
C GLU J 16 -52.81 -4.34 -7.34
N GLU J 17 -53.68 -4.01 -6.38
CA GLU J 17 -54.38 -5.02 -5.59
C GLU J 17 -55.46 -5.67 -6.46
N LEU J 18 -56.19 -4.84 -7.19
CA LEU J 18 -57.25 -5.32 -8.06
C LEU J 18 -56.68 -6.21 -9.16
N LYS J 19 -55.51 -5.83 -9.67
CA LYS J 19 -54.83 -6.61 -10.68
C LYS J 19 -54.54 -8.01 -10.15
N VAL J 20 -54.17 -8.10 -8.87
CA VAL J 20 -53.80 -9.38 -8.28
C VAL J 20 -55.05 -10.17 -7.93
N LYS J 21 -56.08 -9.46 -7.49
CA LYS J 21 -57.35 -10.08 -7.14
C LYS J 21 -58.06 -10.68 -8.36
N LEU J 22 -58.21 -9.89 -9.42
CA LEU J 22 -58.91 -10.37 -10.60
C LEU J 22 -58.10 -11.41 -11.34
N LYS J 23 -56.80 -11.48 -11.07
CA LYS J 23 -55.99 -12.43 -11.80
C LYS J 23 -56.09 -13.75 -11.06
N GLY J 24 -56.66 -13.66 -9.87
CA GLY J 24 -56.92 -14.84 -9.06
C GLY J 24 -58.00 -15.66 -9.73
N ILE J 25 -58.88 -14.97 -10.46
CA ILE J 25 -60.02 -15.60 -11.08
C ILE J 25 -59.60 -16.59 -12.16
N ARG J 26 -58.73 -16.18 -13.09
CA ARG J 26 -58.27 -17.14 -14.11
C ARG J 26 -57.56 -18.33 -13.48
N THR J 27 -56.74 -18.05 -12.48
CA THR J 27 -55.98 -19.08 -11.78
C THR J 27 -56.88 -20.14 -11.17
N LEU J 28 -57.99 -19.71 -10.60
CA LEU J 28 -58.91 -20.62 -9.95
C LEU J 28 -59.54 -21.57 -10.97
N TYR J 29 -59.99 -21.02 -12.10
CA TYR J 29 -60.58 -21.82 -13.17
C TYR J 29 -59.55 -22.71 -13.86
N GLU J 30 -58.28 -22.36 -13.70
CA GLU J 30 -57.17 -23.01 -14.41
C GLU J 30 -56.78 -24.33 -13.76
N TYR J 31 -57.65 -24.82 -12.89
CA TYR J 31 -57.49 -26.15 -12.32
C TYR J 31 -58.80 -26.88 -12.50
N GLU J 32 -59.88 -26.20 -12.10
CA GLU J 32 -61.18 -26.83 -11.93
C GLU J 32 -61.82 -27.25 -13.25
N ASP J 33 -61.03 -27.97 -14.07
CA ASP J 33 -61.49 -28.58 -15.32
C ASP J 33 -62.56 -27.79 -16.08
N ASP J 34 -62.45 -26.47 -16.02
CA ASP J 34 -63.43 -25.64 -16.69
C ASP J 34 -62.82 -24.35 -17.21
N HIS J 35 -63.60 -23.70 -18.07
CA HIS J 35 -63.18 -22.58 -18.88
C HIS J 35 -63.12 -21.28 -18.09
N SER J 36 -62.02 -20.56 -18.20
CA SER J 36 -61.89 -19.29 -17.49
C SER J 36 -62.53 -18.14 -18.27
N PRO J 37 -63.53 -17.48 -17.66
CA PRO J 37 -64.21 -16.35 -18.29
C PRO J 37 -63.30 -15.16 -18.54
N ILE J 38 -62.13 -15.15 -17.89
CA ILE J 38 -61.16 -14.07 -18.03
C ILE J 38 -59.93 -14.59 -18.74
N GLU J 39 -59.45 -13.89 -19.76
CA GLU J 39 -58.23 -14.31 -20.44
C GLU J 39 -56.99 -13.63 -19.85
N PHE J 40 -56.99 -12.30 -19.89
CA PHE J 40 -56.01 -11.52 -19.14
C PHE J 40 -56.62 -10.20 -18.69
N VAL J 41 -55.99 -9.60 -17.67
CA VAL J 41 -56.42 -8.37 -17.03
C VAL J 41 -55.33 -7.33 -17.17
N THR J 42 -55.67 -6.11 -17.54
CA THR J 42 -54.65 -5.07 -17.55
C THR J 42 -55.11 -3.90 -16.68
N GLY J 43 -54.21 -2.96 -16.42
CA GLY J 43 -54.55 -1.84 -15.55
C GLY J 43 -53.74 -0.60 -15.84
N ARG J 44 -54.25 0.55 -15.49
CA ARG J 44 -53.44 1.73 -15.69
C ARG J 44 -53.95 2.90 -14.86
N VAL J 45 -53.04 3.81 -14.49
CA VAL J 45 -53.45 5.00 -13.77
C VAL J 45 -53.51 6.13 -14.75
N LYS J 46 -54.68 6.76 -14.82
CA LYS J 46 -54.93 7.85 -15.71
C LYS J 46 -53.81 8.88 -15.55
N PRO J 47 -53.01 9.07 -16.61
CA PRO J 47 -51.87 9.99 -16.57
C PRO J 47 -52.32 11.42 -16.24
N VAL J 48 -51.48 12.14 -15.49
CA VAL J 48 -51.81 13.49 -15.03
C VAL J 48 -52.32 14.41 -16.13
N ALA J 49 -51.71 14.35 -17.30
CA ALA J 49 -52.16 15.17 -18.41
C ALA J 49 -53.63 14.89 -18.80
N SER J 50 -54.06 13.62 -18.73
CA SER J 50 -55.43 13.22 -19.13
C SER J 50 -56.43 13.67 -18.13
N ILE J 51 -56.08 13.51 -16.85
CA ILE J 51 -56.96 13.89 -15.76
C ILE J 51 -57.34 15.35 -15.91
N LEU J 52 -56.35 16.19 -16.12
CA LEU J 52 -56.56 17.61 -16.26
C LEU J 52 -57.41 17.90 -17.47
N GLU J 53 -57.00 17.37 -18.63
CA GLU J 53 -57.83 17.49 -19.83
C GLU J 53 -59.26 17.04 -19.59
N LYS J 54 -59.45 15.86 -18.99
CA LYS J 54 -60.82 15.36 -18.78
C LYS J 54 -61.59 16.24 -17.78
N ALA J 55 -60.90 16.75 -16.76
CA ALA J 55 -61.57 17.57 -15.74
C ALA J 55 -62.16 18.84 -16.34
N ARG J 56 -61.40 19.51 -17.20
CA ARG J 56 -61.91 20.68 -17.93
C ARG J 56 -63.22 20.33 -18.65
N ARG J 57 -63.11 19.47 -19.65
CA ARG J 57 -64.23 18.86 -20.35
C ARG J 57 -65.51 18.72 -19.50
N LYS J 58 -65.48 17.78 -18.56
CA LYS J 58 -66.66 17.49 -17.76
C LYS J 58 -66.87 18.53 -16.67
N SER J 59 -66.08 19.59 -16.73
CA SER J 59 -66.05 20.69 -15.73
C SER J 59 -66.15 20.16 -14.30
N ILE J 60 -65.09 19.50 -13.87
CA ILE J 60 -64.92 19.04 -12.51
C ILE J 60 -63.81 19.88 -11.89
N PRO J 61 -64.10 20.60 -10.80
CA PRO J 61 -63.08 21.46 -10.17
C PRO J 61 -62.02 20.62 -9.45
N LEU J 62 -60.74 20.91 -9.69
CA LEU J 62 -59.62 20.13 -9.13
C LEU J 62 -59.82 19.63 -7.69
N HIS J 63 -60.50 20.42 -6.86
CA HIS J 63 -60.75 20.01 -5.49
C HIS J 63 -61.88 18.97 -5.35
N GLU J 64 -62.45 18.54 -6.48
CA GLU J 64 -63.34 17.38 -6.43
C GLU J 64 -62.93 16.37 -7.48
N ILE J 65 -61.67 16.43 -7.89
CA ILE J 65 -61.19 15.56 -8.95
C ILE J 65 -61.41 14.08 -8.58
N GLU J 66 -61.45 13.78 -7.28
CA GLU J 66 -61.61 12.39 -6.86
C GLU J 66 -62.91 11.81 -7.40
N THR J 67 -63.76 12.66 -7.97
CA THR J 67 -65.06 12.17 -8.47
C THR J 67 -64.97 11.69 -9.91
N MET J 68 -63.79 11.76 -10.51
CA MET J 68 -63.55 11.16 -11.81
C MET J 68 -63.62 9.64 -11.66
N GLN J 69 -64.34 8.97 -12.55
CA GLN J 69 -64.65 7.57 -12.31
C GLN J 69 -63.47 6.65 -12.65
N ASP J 70 -62.52 7.15 -13.43
CA ASP J 70 -61.46 6.27 -13.95
C ASP J 70 -60.01 6.78 -13.76
N ILE J 71 -59.70 7.40 -12.63
CA ILE J 71 -58.30 7.73 -12.34
C ILE J 71 -57.52 6.43 -12.17
N ALA J 72 -58.21 5.43 -11.64
CA ALA J 72 -57.71 4.07 -11.64
C ALA J 72 -58.66 3.24 -12.49
N GLY J 73 -58.12 2.60 -13.52
CA GLY J 73 -58.94 1.74 -14.36
C GLY J 73 -58.33 0.37 -14.53
N LEU J 74 -59.18 -0.65 -14.50
CA LEU J 74 -58.78 -1.96 -14.99
C LEU J 74 -59.48 -2.30 -16.27
N ARG J 75 -58.99 -3.34 -16.93
CA ARG J 75 -59.58 -3.85 -18.16
C ARG J 75 -59.53 -5.36 -18.10
N ILE J 76 -60.69 -5.99 -17.94
CA ILE J 76 -60.80 -7.44 -17.97
C ILE J 76 -61.14 -7.93 -19.39
N MET J 77 -60.37 -8.87 -19.92
CA MET J 77 -60.56 -9.37 -21.29
C MET J 77 -61.14 -10.80 -21.35
N CYS J 78 -62.18 -10.97 -22.15
CA CYS J 78 -62.86 -12.27 -22.28
C CYS J 78 -62.78 -12.89 -23.65
N GLN J 79 -62.90 -14.22 -23.67
CA GLN J 79 -62.91 -14.97 -24.92
C GLN J 79 -64.25 -14.84 -25.65
N PHE J 80 -65.33 -15.08 -24.91
CA PHE J 80 -66.70 -15.06 -25.43
C PHE J 80 -67.59 -13.95 -24.88
N VAL J 81 -68.36 -13.31 -25.76
CA VAL J 81 -69.38 -12.34 -25.37
C VAL J 81 -70.19 -12.84 -24.18
N ASP J 82 -70.36 -14.15 -24.08
CA ASP J 82 -71.09 -14.74 -22.96
C ASP J 82 -70.31 -14.55 -21.65
N ASP J 83 -68.99 -14.46 -21.76
CA ASP J 83 -68.13 -14.34 -20.58
C ASP J 83 -68.32 -13.00 -19.86
N ILE J 84 -68.51 -11.93 -20.63
CA ILE J 84 -68.71 -10.60 -20.10
C ILE J 84 -69.75 -10.58 -18.98
N GLN J 85 -70.87 -11.25 -19.23
CA GLN J 85 -71.94 -11.35 -18.24
C GLN J 85 -71.46 -12.09 -16.99
N ILE J 86 -70.74 -13.18 -17.20
CA ILE J 86 -70.28 -13.98 -16.09
C ILE J 86 -69.35 -13.18 -15.18
N VAL J 87 -68.42 -12.43 -15.79
CA VAL J 87 -67.49 -11.60 -15.04
C VAL J 87 -68.24 -10.49 -14.32
N LYS J 88 -69.23 -9.92 -14.99
CA LYS J 88 -70.03 -8.86 -14.39
C LYS J 88 -70.66 -9.28 -13.06
N GLU J 89 -71.24 -10.47 -13.00
CA GLU J 89 -71.91 -10.91 -11.78
C GLU J 89 -70.90 -11.19 -10.68
N MET J 90 -69.73 -11.62 -11.11
CA MET J 90 -68.66 -11.94 -10.19
C MET J 90 -68.21 -10.68 -9.46
N LEU J 91 -68.19 -9.55 -10.16
CA LEU J 91 -67.80 -8.31 -9.51
C LEU J 91 -68.91 -7.81 -8.60
N PHE J 92 -70.16 -7.98 -9.04
CA PHE J 92 -71.31 -7.56 -8.23
C PHE J 92 -71.46 -8.37 -6.96
N ALA J 93 -70.81 -9.52 -6.90
CA ALA J 93 -70.96 -10.42 -5.76
C ALA J 93 -69.80 -10.30 -4.77
N ARG J 94 -68.77 -9.55 -5.13
CA ARG J 94 -67.62 -9.42 -4.24
C ARG J 94 -67.97 -8.49 -3.12
N LYS J 95 -67.48 -8.81 -1.92
CA LYS J 95 -67.70 -7.96 -0.76
C LYS J 95 -66.52 -7.02 -0.49
N ASP J 96 -65.38 -7.23 -1.15
CA ASP J 96 -64.17 -6.40 -0.91
C ASP J 96 -64.22 -5.14 -1.74
N PHE J 97 -65.39 -4.85 -2.29
CA PHE J 97 -65.69 -3.50 -2.72
C PHE J 97 -67.17 -3.32 -3.01
N THR J 98 -67.49 -2.26 -3.72
CA THR J 98 -68.88 -1.89 -3.91
C THR J 98 -69.06 -1.23 -5.27
N VAL J 99 -70.02 -1.73 -6.04
CA VAL J 99 -70.29 -1.18 -7.37
C VAL J 99 -71.12 0.09 -7.25
N VAL J 100 -70.97 1.03 -8.20
CA VAL J 100 -71.68 2.31 -8.11
C VAL J 100 -72.34 2.75 -9.43
N ASP J 101 -71.59 3.12 -10.47
CA ASP J 101 -72.27 3.44 -11.76
C ASP J 101 -72.07 2.28 -12.76
N GLN J 102 -72.58 2.45 -14.00
CA GLN J 102 -72.52 1.40 -15.02
C GLN J 102 -72.94 1.92 -16.41
N ARG J 115 -70.37 -6.12 -26.93
CA ARG J 115 -69.07 -6.78 -26.68
C ARG J 115 -68.14 -5.97 -25.74
N SER J 116 -68.58 -4.78 -25.36
CA SER J 116 -67.86 -3.91 -24.41
C SER J 116 -68.81 -3.53 -23.29
N TYR J 117 -68.27 -2.99 -22.21
CA TYR J 117 -69.03 -2.81 -20.99
C TYR J 117 -68.10 -2.25 -19.92
N HIS J 118 -68.66 -1.61 -18.90
CA HIS J 118 -67.81 -1.07 -17.84
C HIS J 118 -68.62 -0.71 -16.60
N LEU J 119 -68.05 -0.95 -15.43
CA LEU J 119 -68.67 -0.46 -14.21
C LEU J 119 -67.63 0.26 -13.35
N VAL J 120 -68.09 0.83 -12.25
CA VAL J 120 -67.23 1.59 -11.37
C VAL J 120 -67.39 0.99 -9.99
N VAL J 121 -66.28 0.72 -9.32
CA VAL J 121 -66.36 0.27 -7.92
C VAL J 121 -65.78 1.31 -6.98
N LEU J 122 -66.20 1.25 -5.72
CA LEU J 122 -65.62 2.07 -4.66
C LEU J 122 -64.66 1.19 -3.88
N TYR J 123 -63.35 1.32 -4.17
CA TYR J 123 -62.36 0.45 -3.53
C TYR J 123 -61.85 1.03 -2.21
N PRO J 124 -62.04 0.27 -1.12
CA PRO J 124 -61.56 0.61 0.22
C PRO J 124 -60.06 0.36 0.36
N LEU J 125 -59.26 1.41 0.35
CA LEU J 125 -57.82 1.31 0.59
C LEU J 125 -57.44 1.37 2.07
N GLN J 126 -56.55 0.49 2.51
CA GLN J 126 -55.97 0.58 3.85
C GLN J 126 -54.64 1.35 3.80
N THR J 127 -54.61 2.52 4.43
CA THR J 127 -53.43 3.40 4.41
C THR J 127 -52.89 3.62 5.82
N VAL J 128 -51.83 4.44 5.95
CA VAL J 128 -51.27 4.78 7.26
C VAL J 128 -52.28 5.52 8.15
N SER J 129 -53.07 6.39 7.54
CA SER J 129 -53.99 7.25 8.27
C SER J 129 -55.43 6.73 8.29
N GLY J 130 -55.60 5.42 8.21
CA GLY J 130 -56.94 4.84 8.17
C GLY J 130 -57.35 4.43 6.77
N GLU J 131 -58.65 4.51 6.48
CA GLU J 131 -59.15 4.07 5.18
C GLU J 131 -59.31 5.20 4.14
N LYS J 132 -59.00 4.85 2.91
CA LYS J 132 -59.17 5.77 1.80
C LYS J 132 -60.10 5.15 0.75
N HIS J 133 -60.87 5.98 0.07
CA HIS J 133 -61.80 5.48 -0.92
C HIS J 133 -61.43 6.09 -2.25
N VAL J 134 -61.14 5.25 -3.22
CA VAL J 134 -61.03 5.70 -4.61
C VAL J 134 -62.03 5.00 -5.50
N LEU J 135 -62.48 5.71 -6.52
CA LEU J 135 -63.32 5.12 -7.54
C LEU J 135 -62.45 4.38 -8.54
N VAL J 136 -62.79 3.13 -8.86
CA VAL J 136 -62.12 2.41 -9.96
C VAL J 136 -63.06 1.91 -11.08
N GLU J 137 -62.73 2.27 -12.32
CA GLU J 137 -63.45 1.79 -13.50
C GLU J 137 -62.95 0.41 -13.91
N ILE J 138 -63.86 -0.55 -13.99
CA ILE J 138 -63.52 -1.86 -14.53
C ILE J 138 -64.23 -2.05 -15.86
N GLN J 139 -63.50 -1.85 -16.94
CA GLN J 139 -63.98 -2.24 -18.23
C GLN J 139 -63.98 -3.79 -18.42
N ILE J 140 -64.87 -4.28 -19.28
CA ILE J 140 -64.86 -5.70 -19.64
C ILE J 140 -65.07 -5.83 -21.14
N ARG J 141 -64.21 -6.59 -21.79
CA ARG J 141 -64.17 -6.66 -23.24
C ARG J 141 -63.97 -8.09 -23.71
N THR J 142 -64.30 -8.34 -24.98
CA THR J 142 -63.90 -9.59 -25.61
C THR J 142 -62.55 -9.35 -26.24
N LEU J 143 -61.73 -10.39 -26.38
CA LEU J 143 -60.43 -10.30 -27.02
C LEU J 143 -60.54 -9.60 -28.36
N ALA J 144 -61.54 -10.00 -29.13
CA ALA J 144 -61.76 -9.44 -30.48
C ALA J 144 -62.03 -7.94 -30.43
N MET J 145 -62.99 -7.53 -29.62
CA MET J 145 -63.33 -6.11 -29.47
C MET J 145 -62.14 -5.27 -28.96
N ASN J 146 -61.44 -5.74 -27.92
CA ASN J 146 -60.28 -5.00 -27.43
C ASN J 146 -59.22 -4.79 -28.50
N PHE J 147 -58.90 -5.85 -29.24
CA PHE J 147 -57.96 -5.74 -30.36
C PHE J 147 -58.29 -4.56 -31.25
N TRP J 148 -59.55 -4.45 -31.67
CA TRP J 148 -59.95 -3.37 -32.56
C TRP J 148 -59.91 -2.01 -31.91
N ALA J 149 -60.33 -1.94 -30.64
CA ALA J 149 -60.39 -0.66 -29.94
C ALA J 149 -58.98 -0.11 -29.71
N THR J 150 -58.05 -1.02 -29.42
CA THR J 150 -56.63 -0.70 -29.34
C THR J 150 -56.13 -0.02 -30.61
N ILE J 151 -56.39 -0.62 -31.76
CA ILE J 151 -56.01 -0.03 -33.06
C ILE J 151 -56.76 1.28 -33.32
N GLU J 152 -58.06 1.31 -33.01
CA GLU J 152 -58.83 2.55 -33.11
C GLU J 152 -58.26 3.65 -32.23
N HIS J 153 -57.86 3.29 -31.01
CA HIS J 153 -57.25 4.24 -30.08
C HIS J 153 -55.96 4.85 -30.65
N SER J 154 -55.13 4.01 -31.25
CA SER J 154 -53.85 4.43 -31.81
C SER J 154 -53.96 5.45 -32.93
N LEU J 155 -54.95 5.27 -33.79
CA LEU J 155 -55.10 6.13 -34.96
C LEU J 155 -55.86 7.40 -34.62
N ASN J 156 -56.54 7.38 -33.48
CA ASN J 156 -57.17 8.58 -32.98
C ASN J 156 -56.09 9.43 -32.33
N TYR J 157 -54.95 8.80 -32.12
CA TYR J 157 -53.76 9.42 -31.54
C TYR J 157 -52.89 10.08 -32.62
N LYS J 158 -52.32 9.26 -33.50
CA LYS J 158 -51.56 9.74 -34.66
C LYS J 158 -52.29 10.83 -35.49
N TYR J 159 -53.60 10.68 -35.65
CA TYR J 159 -54.38 11.68 -36.39
C TYR J 159 -55.16 12.58 -35.43
N SER J 160 -54.83 12.47 -34.15
CA SER J 160 -55.19 13.46 -33.12
C SER J 160 -56.67 13.85 -33.02
N GLY J 161 -57.57 12.89 -33.18
CA GLY J 161 -58.99 13.15 -33.04
C GLY J 161 -59.65 13.51 -34.36
N ASN J 162 -58.87 13.44 -35.43
CA ASN J 162 -59.33 13.62 -36.80
C ASN J 162 -58.68 12.59 -37.68
N ILE J 163 -59.37 11.48 -37.91
CA ILE J 163 -58.83 10.36 -38.68
C ILE J 163 -59.22 10.50 -40.16
N PRO J 164 -58.23 10.42 -41.07
CA PRO J 164 -58.43 10.59 -42.52
C PRO J 164 -59.59 9.76 -43.06
N GLU J 165 -60.27 10.25 -44.10
CA GLU J 165 -61.56 9.67 -44.51
C GLU J 165 -61.48 8.25 -45.06
N LYS J 166 -60.50 7.97 -45.93
CA LYS J 166 -60.38 6.65 -46.52
C LYS J 166 -60.04 5.61 -45.47
N VAL J 167 -59.59 6.08 -44.30
CA VAL J 167 -59.21 5.21 -43.18
C VAL J 167 -60.40 4.97 -42.23
N LYS J 168 -61.29 5.95 -42.09
CA LYS J 168 -62.48 5.80 -41.24
C LYS J 168 -63.43 4.75 -41.80
N LEU J 169 -63.23 4.40 -43.07
CA LEU J 169 -63.94 3.31 -43.71
C LEU J 169 -63.22 1.99 -43.47
N ARG J 170 -61.97 1.92 -43.90
CA ARG J 170 -61.17 0.70 -43.80
C ARG J 170 -61.03 0.25 -42.34
N LEU J 171 -61.35 1.15 -41.40
CA LEU J 171 -61.37 0.82 -39.98
C LEU J 171 -62.64 0.08 -39.61
N GLN J 172 -63.78 0.66 -39.99
CA GLN J 172 -65.08 0.02 -39.74
C GLN J 172 -65.14 -1.39 -40.36
N ARG J 173 -64.48 -1.59 -41.50
CA ARG J 173 -64.32 -2.93 -42.05
C ARG J 173 -63.70 -3.90 -41.04
N ALA J 174 -62.74 -3.37 -40.28
CA ALA J 174 -62.03 -4.16 -39.27
C ALA J 174 -62.92 -4.40 -38.06
N SER J 175 -63.76 -3.44 -37.72
CA SER J 175 -64.67 -3.60 -36.60
C SER J 175 -65.72 -4.65 -36.94
N GLU J 176 -66.18 -4.62 -38.20
CA GLU J 176 -67.07 -5.63 -38.76
C GLU J 176 -66.38 -7.00 -38.69
N ALA J 177 -65.15 -7.03 -39.20
CA ALA J 177 -64.31 -8.23 -39.13
C ALA J 177 -64.30 -8.80 -37.71
N ALA J 178 -63.92 -7.96 -36.74
CA ALA J 178 -63.78 -8.40 -35.36
C ALA J 178 -65.12 -8.82 -34.76
N SER J 179 -66.16 -8.06 -35.07
CA SER J 179 -67.47 -8.37 -34.50
C SER J 179 -67.97 -9.69 -35.08
N ARG J 180 -67.66 -9.91 -36.36
CA ARG J 180 -67.94 -11.16 -36.99
C ARG J 180 -67.23 -12.27 -36.26
N LEU J 181 -65.90 -12.14 -36.16
CA LEU J 181 -65.06 -13.08 -35.42
C LEU J 181 -65.68 -13.46 -34.08
N ASP J 182 -66.25 -12.48 -33.40
CA ASP J 182 -66.93 -12.75 -32.13
C ASP J 182 -68.19 -13.55 -32.31
N GLU J 183 -68.97 -13.20 -33.33
CA GLU J 183 -70.17 -13.97 -33.64
C GLU J 183 -69.83 -15.42 -33.85
N GLU J 184 -68.86 -15.68 -34.72
CA GLU J 184 -68.38 -17.04 -34.97
C GLU J 184 -67.90 -17.73 -33.69
N MET J 185 -67.20 -16.98 -32.83
CA MET J 185 -66.76 -17.51 -31.55
C MET J 185 -67.93 -18.07 -30.74
N SER J 186 -69.03 -17.32 -30.65
CA SER J 186 -70.10 -17.73 -29.77
C SER J 186 -70.83 -18.97 -30.35
N GLU J 187 -70.77 -19.14 -31.66
CA GLU J 187 -71.29 -20.36 -32.30
C GLU J 187 -70.56 -21.59 -31.76
N ILE J 188 -69.22 -21.56 -31.79
CA ILE J 188 -68.42 -22.60 -31.13
C ILE J 188 -68.87 -22.83 -29.70
N ARG J 189 -69.11 -21.76 -28.96
CA ARG J 189 -69.49 -21.86 -27.55
C ARG J 189 -70.86 -22.51 -27.39
N GLY J 190 -71.71 -22.37 -28.41
CA GLY J 190 -73.04 -22.96 -28.36
C GLY J 190 -73.03 -24.41 -28.77
N GLU J 191 -72.31 -24.70 -29.86
CA GLU J 191 -72.26 -26.03 -30.43
C GLU J 191 -71.68 -27.00 -29.39
N VAL J 192 -70.85 -26.47 -28.50
CA VAL J 192 -70.10 -27.29 -27.55
C VAL J 192 -70.92 -27.67 -26.34
N GLN J 193 -71.70 -26.72 -25.82
CA GLN J 193 -72.48 -26.97 -24.61
C GLN J 193 -73.50 -28.10 -24.82
N GLU J 194 -73.75 -28.43 -26.07
CA GLU J 194 -74.67 -29.51 -26.40
C GLU J 194 -73.95 -30.87 -26.55
N ALA J 195 -73.74 -31.54 -25.42
CA ALA J 195 -73.12 -32.86 -25.39
C ALA J 195 -73.91 -33.83 -24.49
N ASP K 1 -33.58 14.81 -17.11
CA ASP K 1 -34.41 15.27 -18.23
C ASP K 1 -34.65 14.15 -19.27
N LYS K 2 -35.22 14.54 -20.41
CA LYS K 2 -35.27 13.65 -21.56
C LYS K 2 -33.86 13.55 -22.10
N GLN K 3 -33.01 14.43 -21.57
CA GLN K 3 -31.58 14.50 -21.91
C GLN K 3 -30.90 13.18 -21.58
N TRP K 4 -31.50 12.42 -20.67
CA TRP K 4 -30.86 11.21 -20.15
C TRP K 4 -31.72 10.01 -20.34
N GLU K 5 -33.01 10.24 -20.54
CA GLU K 5 -33.93 9.15 -20.77
C GLU K 5 -33.40 8.23 -21.87
N ARG K 6 -32.90 8.82 -22.96
CA ARG K 6 -32.50 8.03 -24.12
C ARG K 6 -31.21 7.24 -23.90
N PHE K 7 -30.25 7.90 -23.27
CA PHE K 7 -28.95 7.30 -23.05
C PHE K 7 -29.04 6.06 -22.16
N LEU K 8 -29.94 6.09 -21.18
CA LEU K 8 -30.06 5.06 -20.14
C LEU K 8 -30.86 3.81 -20.52
N VAL K 9 -31.58 3.86 -21.65
CA VAL K 9 -32.44 2.76 -22.07
C VAL K 9 -31.69 1.44 -22.10
N PRO K 10 -30.50 1.43 -22.72
CA PRO K 10 -29.80 0.14 -22.78
C PRO K 10 -29.40 -0.35 -21.39
N TYR K 11 -29.04 0.54 -20.47
CA TYR K 11 -28.65 0.14 -19.12
C TYR K 11 -29.79 -0.45 -18.26
N ARG K 12 -31.00 0.08 -18.36
CA ARG K 12 -32.11 -0.53 -17.64
C ARG K 12 -32.24 -1.98 -18.08
N GLN K 13 -32.03 -2.24 -19.37
CA GLN K 13 -32.20 -3.58 -19.93
C GLN K 13 -31.01 -4.49 -19.59
N ALA K 14 -29.81 -3.92 -19.61
CA ALA K 14 -28.62 -4.64 -19.17
C ALA K 14 -28.82 -5.11 -17.74
N VAL K 15 -29.35 -4.22 -16.91
CA VAL K 15 -29.63 -4.54 -15.52
C VAL K 15 -30.74 -5.59 -15.42
N GLU K 16 -31.86 -5.37 -16.13
CA GLU K 16 -32.95 -6.35 -16.07
C GLU K 16 -32.49 -7.73 -16.49
N GLU K 17 -31.71 -7.81 -17.57
CA GLU K 17 -31.26 -9.11 -18.06
C GLU K 17 -30.33 -9.80 -17.08
N LEU K 18 -29.34 -9.07 -16.58
CA LEU K 18 -28.40 -9.65 -15.64
C LEU K 18 -29.07 -10.05 -14.32
N LYS K 19 -30.09 -9.29 -13.88
CA LYS K 19 -30.94 -9.74 -12.77
C LYS K 19 -31.50 -11.15 -13.02
N VAL K 20 -32.00 -11.43 -14.22
CA VAL K 20 -32.62 -12.73 -14.46
C VAL K 20 -31.58 -13.84 -14.40
N LYS K 21 -30.49 -13.62 -15.11
CA LYS K 21 -29.40 -14.58 -15.13
C LYS K 21 -28.83 -14.88 -13.74
N LEU K 22 -28.46 -13.83 -13.00
CA LEU K 22 -27.91 -13.99 -11.64
C LEU K 22 -28.87 -14.69 -10.66
N LYS K 23 -30.17 -14.41 -10.78
CA LYS K 23 -31.15 -15.02 -9.89
C LYS K 23 -31.33 -16.48 -10.25
N GLY K 24 -30.70 -16.91 -11.34
CA GLY K 24 -30.80 -18.28 -11.78
C GLY K 24 -29.83 -19.19 -11.05
N ILE K 25 -28.70 -18.66 -10.62
CA ILE K 25 -27.73 -19.44 -9.87
C ILE K 25 -28.43 -19.97 -8.62
N ARG K 26 -29.24 -19.13 -8.01
CA ARG K 26 -29.86 -19.55 -6.77
C ARG K 26 -30.89 -20.66 -7.01
N THR K 27 -31.66 -20.57 -8.09
CA THR K 27 -32.64 -21.60 -8.43
C THR K 27 -31.99 -22.98 -8.59
N LEU K 28 -30.83 -23.02 -9.26
CA LEU K 28 -30.07 -24.25 -9.45
C LEU K 28 -29.74 -24.95 -8.13
N TYR K 29 -29.29 -24.17 -7.15
CA TYR K 29 -28.86 -24.70 -5.84
C TYR K 29 -30.00 -25.04 -4.87
N GLU K 30 -31.25 -24.88 -5.29
CA GLU K 30 -32.36 -25.26 -4.39
C GLU K 30 -32.83 -26.67 -4.68
N TYR K 31 -32.29 -27.28 -5.73
CA TYR K 31 -32.49 -28.70 -6.00
C TYR K 31 -31.16 -29.45 -5.89
N GLU K 32 -30.11 -28.73 -5.50
CA GLU K 32 -28.77 -29.30 -5.33
C GLU K 32 -28.48 -29.74 -3.91
N ASP K 33 -29.50 -29.72 -3.04
CA ASP K 33 -29.28 -30.10 -1.65
C ASP K 33 -28.25 -29.16 -1.00
N ASP K 34 -27.13 -28.98 -1.71
CA ASP K 34 -26.14 -27.94 -1.45
C ASP K 34 -26.76 -26.59 -1.08
N HIS K 35 -25.99 -25.83 -0.33
CA HIS K 35 -26.41 -24.49 0.05
C HIS K 35 -26.06 -23.55 -1.09
N SER K 36 -26.91 -22.56 -1.32
CA SER K 36 -26.75 -21.65 -2.44
C SER K 36 -25.95 -20.43 -2.03
N PRO K 37 -24.83 -20.21 -2.72
CA PRO K 37 -23.85 -19.18 -2.36
C PRO K 37 -24.47 -17.78 -2.40
N ILE K 38 -25.62 -17.66 -3.06
CA ILE K 38 -26.28 -16.36 -3.21
C ILE K 38 -27.65 -16.35 -2.54
N GLU K 39 -27.92 -15.28 -1.80
CA GLU K 39 -29.18 -15.17 -1.06
C GLU K 39 -30.27 -14.45 -1.88
N PHE K 40 -30.04 -13.19 -2.22
CA PHE K 40 -30.89 -12.50 -3.16
C PHE K 40 -30.05 -11.58 -4.08
N VAL K 41 -30.67 -10.95 -5.06
CA VAL K 41 -29.97 -10.04 -5.95
C VAL K 41 -30.77 -8.77 -6.18
N THR K 42 -30.10 -7.63 -6.16
CA THR K 42 -30.73 -6.39 -6.54
C THR K 42 -29.88 -5.75 -7.60
N GLY K 43 -30.28 -4.56 -8.03
CA GLY K 43 -29.62 -3.90 -9.14
C GLY K 43 -30.33 -2.60 -9.36
N ARG K 44 -29.73 -1.70 -10.11
CA ARG K 44 -30.33 -0.40 -10.27
C ARG K 44 -29.60 0.45 -11.29
N VAL K 45 -30.31 1.43 -11.84
CA VAL K 45 -29.67 2.35 -12.76
C VAL K 45 -29.30 3.63 -12.02
N LYS K 46 -28.02 3.96 -12.01
CA LYS K 46 -27.52 5.17 -11.39
C LYS K 46 -28.43 6.36 -11.74
N PRO K 47 -28.98 7.05 -10.72
CA PRO K 47 -29.80 8.25 -10.92
C PRO K 47 -29.03 9.40 -11.56
N VAL K 48 -29.74 10.25 -12.28
CA VAL K 48 -29.12 11.22 -13.17
C VAL K 48 -28.14 12.09 -12.40
N ALA K 49 -28.59 12.58 -11.26
CA ALA K 49 -27.80 13.42 -10.34
C ALA K 49 -26.48 12.78 -9.89
N SER K 50 -26.52 11.52 -9.50
CA SER K 50 -25.32 10.78 -9.09
C SER K 50 -24.29 10.75 -10.21
N ILE K 51 -24.77 10.57 -11.44
CA ILE K 51 -23.90 10.46 -12.60
C ILE K 51 -23.13 11.74 -12.84
N LEU K 52 -23.88 12.83 -12.89
CA LEU K 52 -23.32 14.16 -13.13
C LEU K 52 -22.37 14.49 -12.01
N GLU K 53 -22.89 14.38 -10.79
CA GLU K 53 -22.13 14.55 -9.56
C GLU K 53 -20.86 13.70 -9.54
N LYS K 54 -20.95 12.46 -10.02
CA LYS K 54 -19.76 11.60 -10.00
C LYS K 54 -18.75 12.07 -11.04
N ALA K 55 -19.26 12.60 -12.15
CA ALA K 55 -18.42 13.02 -13.28
C ALA K 55 -17.63 14.29 -12.97
N ARG K 56 -18.28 15.24 -12.28
CA ARG K 56 -17.60 16.45 -11.84
C ARG K 56 -16.44 16.04 -10.93
N ARG K 57 -16.78 15.30 -9.89
CA ARG K 57 -15.79 14.70 -9.00
C ARG K 57 -14.61 14.11 -9.77
N LYS K 58 -14.82 12.99 -10.47
CA LYS K 58 -13.71 12.28 -11.10
C LYS K 58 -13.16 12.98 -12.36
N SER K 59 -13.70 14.16 -12.65
CA SER K 59 -13.26 14.97 -13.78
C SER K 59 -13.32 14.19 -15.09
N ILE K 60 -14.51 13.66 -15.42
CA ILE K 60 -14.75 12.97 -16.68
C ILE K 60 -15.73 13.78 -17.53
N PRO K 61 -15.37 14.03 -18.79
CA PRO K 61 -16.17 14.89 -19.67
C PRO K 61 -17.48 14.17 -20.02
N LEU K 62 -18.60 14.88 -20.00
CA LEU K 62 -19.89 14.22 -20.17
C LEU K 62 -19.99 13.39 -21.46
N HIS K 63 -19.30 13.79 -22.51
CA HIS K 63 -19.34 13.02 -23.76
C HIS K 63 -18.54 11.72 -23.63
N GLU K 64 -18.02 11.48 -22.42
CA GLU K 64 -17.20 10.30 -22.14
C GLU K 64 -17.74 9.50 -20.96
N ILE K 65 -19.01 9.71 -20.57
CA ILE K 65 -19.50 9.06 -19.35
C ILE K 65 -19.51 7.54 -19.41
N GLU K 66 -19.52 6.98 -20.61
CA GLU K 66 -19.54 5.52 -20.74
C GLU K 66 -18.31 4.87 -20.12
N THR K 67 -17.32 5.65 -19.70
CA THR K 67 -16.18 5.08 -19.00
C THR K 67 -16.55 4.84 -17.53
N MET K 68 -17.55 5.57 -17.06
CA MET K 68 -18.10 5.37 -15.73
C MET K 68 -18.59 3.94 -15.59
N GLN K 69 -18.04 3.21 -14.60
CA GLN K 69 -18.25 1.77 -14.47
C GLN K 69 -19.60 1.36 -13.87
N ASP K 70 -20.28 2.26 -13.17
CA ASP K 70 -21.42 1.81 -12.39
C ASP K 70 -22.75 2.47 -12.74
N ILE K 71 -22.89 2.93 -13.98
CA ILE K 71 -24.18 3.44 -14.42
C ILE K 71 -25.21 2.31 -14.33
N ALA K 72 -24.80 1.10 -14.69
CA ALA K 72 -25.64 -0.05 -14.43
C ALA K 72 -25.01 -0.83 -13.31
N GLY K 73 -25.82 -1.15 -12.31
CA GLY K 73 -25.30 -1.75 -11.10
C GLY K 73 -26.08 -2.98 -10.67
N LEU K 74 -25.34 -4.04 -10.35
CA LEU K 74 -25.94 -5.19 -9.72
C LEU K 74 -25.29 -5.39 -8.36
N ARG K 75 -26.02 -6.04 -7.45
CA ARG K 75 -25.47 -6.33 -6.14
C ARG K 75 -25.92 -7.69 -5.69
N ILE K 76 -24.97 -8.60 -5.45
CA ILE K 76 -25.27 -9.95 -4.97
C ILE K 76 -25.02 -10.03 -3.45
N MET K 77 -25.91 -10.74 -2.76
CA MET K 77 -25.87 -10.88 -1.31
C MET K 77 -25.76 -12.35 -0.94
N CYS K 78 -24.73 -12.69 -0.18
CA CYS K 78 -24.43 -14.06 0.21
C CYS K 78 -24.56 -14.21 1.72
N GLN K 79 -24.87 -15.41 2.20
CA GLN K 79 -24.91 -15.68 3.65
C GLN K 79 -23.53 -15.66 4.32
N PHE K 80 -22.57 -16.34 3.69
CA PHE K 80 -21.25 -16.52 4.28
C PHE K 80 -20.16 -15.77 3.54
N VAL K 81 -19.23 -15.21 4.29
CA VAL K 81 -18.06 -14.59 3.72
C VAL K 81 -17.35 -15.51 2.75
N ASP K 82 -17.42 -16.80 3.02
CA ASP K 82 -16.76 -17.80 2.20
C ASP K 82 -17.50 -17.90 0.86
N ASP K 83 -18.78 -17.53 0.89
CA ASP K 83 -19.64 -17.55 -0.30
C ASP K 83 -19.17 -16.60 -1.39
N ILE K 84 -18.77 -15.40 -0.98
CA ILE K 84 -18.37 -14.35 -1.91
C ILE K 84 -17.33 -14.82 -2.93
N GLN K 85 -16.33 -15.56 -2.47
CA GLN K 85 -15.27 -16.05 -3.36
C GLN K 85 -15.81 -17.07 -4.39
N ILE K 86 -16.82 -17.84 -3.99
CA ILE K 86 -17.46 -18.78 -4.90
C ILE K 86 -18.19 -18.04 -6.03
N VAL K 87 -19.01 -17.06 -5.67
CA VAL K 87 -19.79 -16.31 -6.64
C VAL K 87 -18.85 -15.69 -7.65
N LYS K 88 -17.75 -15.16 -7.14
CA LYS K 88 -16.70 -14.61 -7.99
C LYS K 88 -16.26 -15.62 -9.03
N GLU K 89 -15.92 -16.83 -8.59
CA GLU K 89 -15.42 -17.84 -9.52
C GLU K 89 -16.47 -18.24 -10.55
N MET K 90 -17.74 -18.24 -10.18
CA MET K 90 -18.81 -18.52 -11.12
C MET K 90 -18.86 -17.42 -12.15
N LEU K 91 -18.65 -16.19 -11.71
CA LEU K 91 -18.80 -15.03 -12.57
C LEU K 91 -17.66 -14.90 -13.56
N PHE K 92 -16.46 -15.21 -13.10
CA PHE K 92 -15.28 -15.17 -13.96
C PHE K 92 -15.37 -16.18 -15.08
N ALA K 93 -16.15 -17.23 -14.85
CA ALA K 93 -16.21 -18.40 -15.72
C ALA K 93 -17.27 -18.22 -16.80
N ARG K 94 -18.13 -17.24 -16.63
CA ARG K 94 -19.25 -17.04 -17.56
C ARG K 94 -18.77 -16.61 -18.94
N LYS K 95 -19.44 -17.08 -19.97
CA LYS K 95 -19.05 -16.78 -21.33
C LYS K 95 -19.95 -15.72 -21.97
N ASP K 96 -20.95 -15.24 -21.22
CA ASP K 96 -21.89 -14.21 -21.71
C ASP K 96 -21.54 -12.77 -21.29
N PHE K 97 -20.38 -12.59 -20.69
CA PHE K 97 -19.80 -11.27 -20.55
C PHE K 97 -18.33 -11.46 -20.20
N THR K 98 -17.57 -10.38 -20.26
CA THR K 98 -16.14 -10.49 -20.03
C THR K 98 -15.77 -9.54 -18.93
N VAL K 99 -14.90 -9.98 -18.04
CA VAL K 99 -14.50 -9.14 -16.92
C VAL K 99 -13.41 -8.15 -17.32
N VAL K 100 -13.64 -6.88 -17.02
CA VAL K 100 -12.62 -5.85 -17.19
C VAL K 100 -12.20 -5.29 -15.81
N ASP K 101 -11.28 -4.32 -15.76
CA ASP K 101 -10.67 -3.88 -14.49
C ASP K 101 -11.48 -2.81 -13.75
N GLY K 113 -13.25 -5.78 4.81
CA GLY K 113 -12.38 -6.40 3.83
C GLY K 113 -12.70 -7.88 3.69
N TYR K 114 -12.61 -8.38 2.45
CA TYR K 114 -12.95 -9.78 2.14
C TYR K 114 -14.44 -10.04 2.31
N ARG K 115 -15.16 -9.06 2.84
CA ARG K 115 -16.62 -9.15 2.99
C ARG K 115 -17.39 -8.27 1.96
N SER K 116 -16.68 -7.68 0.99
CA SER K 116 -17.29 -6.73 0.06
C SER K 116 -16.52 -6.50 -1.25
N TYR K 117 -16.56 -7.49 -2.14
CA TYR K 117 -15.92 -7.41 -3.46
C TYR K 117 -16.74 -6.56 -4.44
N HIS K 118 -16.12 -6.24 -5.58
CA HIS K 118 -16.86 -5.73 -6.72
C HIS K 118 -16.01 -5.90 -7.99
N LEU K 119 -16.66 -6.26 -9.09
CA LEU K 119 -15.96 -6.25 -10.38
C LEU K 119 -16.79 -5.54 -11.43
N VAL K 120 -16.16 -5.23 -12.55
CA VAL K 120 -16.83 -4.58 -13.65
C VAL K 120 -16.86 -5.55 -14.84
N VAL K 121 -17.95 -5.56 -15.58
CA VAL K 121 -17.99 -6.40 -16.77
C VAL K 121 -18.47 -5.61 -17.97
N LEU K 122 -18.29 -6.21 -19.14
CA LEU K 122 -18.67 -5.62 -20.40
C LEU K 122 -19.78 -6.45 -21.00
N TYR K 123 -21.01 -5.98 -20.88
CA TYR K 123 -22.20 -6.75 -21.28
C TYR K 123 -22.65 -6.44 -22.72
N PRO K 124 -22.65 -7.44 -23.61
CA PRO K 124 -23.08 -7.27 -24.99
C PRO K 124 -24.59 -7.30 -25.13
N LEU K 125 -25.24 -6.17 -24.93
CA LEU K 125 -26.67 -6.08 -25.13
C LEU K 125 -27.00 -6.15 -26.62
N GLN K 126 -27.96 -7.00 -26.97
CA GLN K 126 -28.55 -7.00 -28.30
C GLN K 126 -29.69 -6.01 -28.35
N THR K 127 -29.54 -4.91 -29.07
CA THR K 127 -30.69 -4.05 -29.31
C THR K 127 -31.23 -4.27 -30.73
N VAL K 128 -32.24 -3.48 -31.09
CA VAL K 128 -32.85 -3.57 -32.41
C VAL K 128 -31.87 -3.27 -33.55
N SER K 129 -30.96 -2.33 -33.31
CA SER K 129 -30.01 -1.89 -34.32
C SER K 129 -28.63 -2.55 -34.24
N GLY K 130 -28.54 -3.65 -33.50
CA GLY K 130 -27.28 -4.36 -33.37
C GLY K 130 -26.77 -4.31 -31.94
N GLU K 131 -25.57 -4.83 -31.71
CA GLU K 131 -24.97 -4.88 -30.37
C GLU K 131 -24.61 -3.52 -29.82
N LYS K 132 -24.21 -3.52 -28.56
CA LYS K 132 -23.95 -2.31 -27.80
C LYS K 132 -23.39 -2.75 -26.46
N HIS K 133 -22.09 -2.57 -26.26
CA HIS K 133 -21.44 -3.08 -25.05
C HIS K 133 -21.50 -2.05 -23.90
N VAL K 134 -22.16 -2.40 -22.81
CA VAL K 134 -22.25 -1.47 -21.69
C VAL K 134 -21.54 -2.00 -20.43
N LEU K 135 -20.85 -1.10 -19.75
CA LEU K 135 -20.18 -1.46 -18.50
C LEU K 135 -21.19 -1.67 -17.38
N VAL K 136 -21.18 -2.84 -16.76
CA VAL K 136 -21.99 -3.08 -15.57
C VAL K 136 -21.15 -3.41 -14.34
N GLU K 137 -21.34 -2.65 -13.27
CA GLU K 137 -20.68 -2.96 -12.00
C GLU K 137 -21.43 -4.04 -11.25
N ILE K 138 -20.70 -5.04 -10.77
CA ILE K 138 -21.26 -6.05 -9.89
C ILE K 138 -20.60 -6.05 -8.49
N GLN K 139 -21.41 -5.91 -7.45
CA GLN K 139 -20.92 -5.91 -6.09
C GLN K 139 -21.33 -7.22 -5.41
N ILE K 140 -20.47 -7.72 -4.53
CA ILE K 140 -20.82 -8.88 -3.72
C ILE K 140 -20.64 -8.53 -2.25
N ARG K 141 -21.59 -8.95 -1.42
CA ARG K 141 -21.58 -8.57 -0.02
C ARG K 141 -22.26 -9.62 0.84
N THR K 142 -21.73 -9.86 2.03
CA THR K 142 -22.43 -10.69 2.99
C THR K 142 -23.69 -9.92 3.35
N LEU K 143 -24.75 -10.65 3.71
CA LEU K 143 -25.92 -10.04 4.32
C LEU K 143 -25.53 -9.01 5.38
N ALA K 144 -24.88 -9.49 6.44
CA ALA K 144 -24.54 -8.62 7.57
C ALA K 144 -23.89 -7.33 7.11
N MET K 145 -22.88 -7.48 6.25
CA MET K 145 -22.17 -6.31 5.74
C MET K 145 -23.14 -5.40 5.02
N ASN K 146 -23.95 -5.99 4.13
CA ASN K 146 -24.88 -5.19 3.32
C ASN K 146 -25.87 -4.45 4.20
N PHE K 147 -26.29 -5.06 5.30
CA PHE K 147 -27.12 -4.36 6.30
C PHE K 147 -26.48 -3.08 6.89
N TRP K 148 -25.24 -3.17 7.35
CA TRP K 148 -24.53 -2.02 7.86
C TRP K 148 -24.43 -0.92 6.82
N ALA K 149 -24.10 -1.32 5.59
CA ALA K 149 -23.81 -0.35 4.53
C ALA K 149 -25.08 0.40 4.18
N THR K 150 -26.19 -0.32 4.25
CA THR K 150 -27.48 0.29 4.01
C THR K 150 -27.68 1.44 4.97
N ILE K 151 -27.63 1.14 6.27
CA ILE K 151 -27.86 2.15 7.31
C ILE K 151 -26.87 3.30 7.19
N GLU K 152 -25.63 3.01 6.80
CA GLU K 152 -24.67 4.09 6.63
C GLU K 152 -25.08 5.03 5.51
N HIS K 153 -25.55 4.46 4.41
CA HIS K 153 -25.95 5.24 3.26
C HIS K 153 -27.11 6.16 3.62
N SER K 154 -28.18 5.59 4.16
CA SER K 154 -29.35 6.41 4.48
C SER K 154 -29.10 7.35 5.68
N LEU K 155 -27.85 7.44 6.12
CA LEU K 155 -27.48 8.39 7.18
C LEU K 155 -26.57 9.45 6.58
N ASN K 156 -25.80 9.01 5.59
CA ASN K 156 -24.91 9.90 4.86
C ASN K 156 -25.71 10.65 3.80
N TYR K 157 -27.01 10.40 3.79
CA TYR K 157 -27.94 11.11 2.94
C TYR K 157 -28.71 12.07 3.81
N LYS K 158 -29.29 11.54 4.88
CA LYS K 158 -30.02 12.36 5.84
C LYS K 158 -29.22 13.61 6.21
N TYR K 159 -27.99 13.39 6.68
CA TYR K 159 -27.12 14.46 7.15
C TYR K 159 -26.22 15.01 6.04
N SER K 160 -26.59 14.75 4.79
CA SER K 160 -25.94 15.32 3.59
C SER K 160 -24.40 15.23 3.60
N GLY K 161 -23.87 14.06 3.90
CA GLY K 161 -22.44 13.85 3.98
C GLY K 161 -21.86 14.18 5.34
N ASN K 162 -22.57 15.00 6.11
CA ASN K 162 -22.03 15.49 7.37
C ASN K 162 -22.69 14.85 8.58
N ILE K 163 -22.25 13.64 8.92
CA ILE K 163 -22.85 12.90 10.03
C ILE K 163 -22.23 13.30 11.37
N PRO K 164 -23.07 13.70 12.33
CA PRO K 164 -22.70 14.15 13.69
C PRO K 164 -21.81 13.15 14.43
N GLU K 165 -20.84 13.67 15.19
CA GLU K 165 -19.79 12.82 15.76
C GLU K 165 -20.37 11.69 16.62
N LYS K 166 -21.36 12.02 17.44
CA LYS K 166 -21.97 11.04 18.32
C LYS K 166 -22.57 9.89 17.52
N VAL K 167 -23.16 10.22 16.37
CA VAL K 167 -23.79 9.22 15.51
C VAL K 167 -22.76 8.39 14.75
N LYS K 168 -21.62 8.99 14.39
CA LYS K 168 -20.58 8.24 13.72
C LYS K 168 -19.96 7.18 14.64
N LEU K 169 -19.91 7.46 15.94
CA LEU K 169 -19.41 6.48 16.90
C LEU K 169 -20.31 5.25 16.94
N ARG K 170 -21.59 5.48 17.20
CA ARG K 170 -22.62 4.44 17.10
C ARG K 170 -22.48 3.62 15.82
N LEU K 171 -22.11 4.29 14.73
CA LEU K 171 -21.94 3.65 13.44
C LEU K 171 -20.79 2.65 13.44
N GLN K 172 -19.66 3.06 14.03
CA GLN K 172 -18.48 2.22 14.03
C GLN K 172 -18.69 0.97 14.89
N ARG K 173 -19.45 1.13 15.98
CA ARG K 173 -19.83 -0.02 16.82
C ARG K 173 -20.80 -0.98 16.10
N ALA K 174 -21.76 -0.43 15.36
CA ALA K 174 -22.69 -1.25 14.58
C ALA K 174 -21.92 -2.01 13.53
N SER K 175 -20.85 -1.39 13.04
CA SER K 175 -20.00 -2.03 12.06
C SER K 175 -19.27 -3.23 12.65
N GLU K 176 -18.67 -3.05 13.83
CA GLU K 176 -17.93 -4.13 14.48
C GLU K 176 -18.89 -5.28 14.77
N ALA K 177 -20.10 -4.93 15.20
CA ALA K 177 -21.13 -5.93 15.46
C ALA K 177 -21.40 -6.77 14.22
N ALA K 178 -21.51 -6.13 13.05
CA ALA K 178 -21.83 -6.85 11.81
C ALA K 178 -20.68 -7.72 11.38
N SER K 179 -19.47 -7.18 11.48
CA SER K 179 -18.27 -7.93 11.17
C SER K 179 -18.18 -9.22 12.01
N ARG K 180 -18.72 -9.13 13.22
CA ARG K 180 -18.66 -10.20 14.21
C ARG K 180 -19.69 -11.27 13.94
N LEU K 181 -20.88 -10.83 13.55
CA LEU K 181 -21.95 -11.74 13.17
C LEU K 181 -21.50 -12.62 11.99
N ASP K 182 -20.71 -12.05 11.08
CA ASP K 182 -20.17 -12.84 9.97
C ASP K 182 -19.14 -13.85 10.45
N GLU K 183 -18.38 -13.43 11.46
CA GLU K 183 -17.37 -14.28 12.07
C GLU K 183 -18.00 -15.56 12.58
N GLU K 184 -19.15 -15.42 13.23
CA GLU K 184 -19.86 -16.57 13.72
C GLU K 184 -20.41 -17.42 12.58
N MET K 185 -21.03 -16.78 11.60
CA MET K 185 -21.60 -17.53 10.48
C MET K 185 -20.50 -18.29 9.75
N SER K 186 -19.36 -17.65 9.51
CA SER K 186 -18.25 -18.31 8.82
C SER K 186 -17.89 -19.61 9.52
N GLU K 187 -17.82 -19.52 10.85
CA GLU K 187 -17.47 -20.64 11.71
C GLU K 187 -18.51 -21.74 11.75
N ILE K 188 -19.78 -21.34 11.71
CA ILE K 188 -20.89 -22.29 11.58
C ILE K 188 -20.72 -23.15 10.34
N ARG K 189 -20.55 -22.51 9.20
CA ARG K 189 -20.32 -23.25 7.98
C ARG K 189 -19.01 -23.99 8.16
N GLY K 190 -18.08 -23.35 8.87
CA GLY K 190 -16.80 -23.95 9.20
C GLY K 190 -16.91 -25.25 9.99
N GLU K 191 -17.83 -25.29 10.95
CA GLU K 191 -18.00 -26.47 11.80
C GLU K 191 -18.99 -27.48 11.22
N VAL K 192 -19.60 -27.15 10.10
CA VAL K 192 -20.44 -28.09 9.36
C VAL K 192 -19.63 -28.72 8.24
N GLN K 193 -18.70 -27.94 7.67
CA GLN K 193 -17.79 -28.43 6.64
C GLN K 193 -16.98 -29.62 7.16
N GLU K 194 -16.95 -29.79 8.47
CA GLU K 194 -16.31 -30.96 9.07
C GLU K 194 -17.28 -32.14 9.19
N ALA K 195 -17.23 -33.03 8.21
CA ALA K 195 -18.04 -34.25 8.18
C ALA K 195 -17.13 -35.47 8.06
N LYS L 2 -53.52 -34.71 -6.15
CA LYS L 2 -54.66 -34.33 -7.00
C LYS L 2 -55.81 -33.75 -6.19
N GLN L 3 -55.56 -33.46 -4.92
CA GLN L 3 -56.53 -32.79 -4.08
C GLN L 3 -55.89 -31.58 -3.40
N TRP L 4 -54.64 -31.74 -2.97
CA TRP L 4 -53.88 -30.69 -2.31
C TRP L 4 -53.68 -29.48 -3.18
N GLU L 5 -52.90 -29.65 -4.25
CA GLU L 5 -52.57 -28.57 -5.17
C GLU L 5 -53.83 -27.86 -5.66
N ARG L 6 -54.97 -28.46 -5.35
CA ARG L 6 -56.28 -27.88 -5.60
C ARG L 6 -56.86 -27.33 -4.30
N PHE L 7 -56.42 -27.89 -3.17
CA PHE L 7 -56.89 -27.44 -1.86
C PHE L 7 -56.11 -26.21 -1.37
N LEU L 8 -54.85 -26.12 -1.78
CA LEU L 8 -53.99 -25.01 -1.41
C LEU L 8 -54.34 -23.74 -2.18
N VAL L 9 -55.29 -23.88 -3.10
CA VAL L 9 -55.63 -22.82 -4.04
C VAL L 9 -55.99 -21.49 -3.36
N PRO L 10 -56.95 -21.49 -2.42
CA PRO L 10 -57.25 -20.25 -1.72
C PRO L 10 -56.04 -19.64 -0.99
N TYR L 11 -55.26 -20.49 -0.32
CA TYR L 11 -54.13 -20.05 0.47
C TYR L 11 -53.10 -19.34 -0.39
N ARG L 12 -52.73 -19.99 -1.49
CA ARG L 12 -51.76 -19.43 -2.43
C ARG L 12 -52.11 -17.98 -2.78
N GLN L 13 -53.41 -17.71 -2.87
CA GLN L 13 -53.93 -16.43 -3.37
C GLN L 13 -54.19 -15.43 -2.25
N ALA L 14 -54.60 -15.93 -1.09
CA ALA L 14 -54.64 -15.10 0.10
C ALA L 14 -53.22 -14.56 0.37
N VAL L 15 -52.21 -15.33 0.01
CA VAL L 15 -50.84 -14.89 0.20
C VAL L 15 -50.45 -13.78 -0.77
N GLU L 16 -50.77 -13.98 -2.05
CA GLU L 16 -50.46 -12.99 -3.08
C GLU L 16 -51.14 -11.66 -2.80
N GLU L 17 -52.36 -11.71 -2.32
CA GLU L 17 -53.12 -10.49 -2.11
C GLU L 17 -52.48 -9.70 -0.95
N LEU L 18 -52.29 -10.37 0.19
CA LEU L 18 -51.63 -9.74 1.32
C LEU L 18 -50.23 -9.24 0.96
N LYS L 19 -49.52 -9.96 0.10
CA LYS L 19 -48.19 -9.49 -0.32
C LYS L 19 -48.28 -8.15 -1.03
N VAL L 20 -49.13 -8.08 -2.05
CA VAL L 20 -49.41 -6.84 -2.73
C VAL L 20 -49.71 -5.71 -1.76
N LYS L 21 -50.53 -6.01 -0.77
CA LYS L 21 -51.08 -4.98 0.11
C LYS L 21 -50.04 -4.45 1.03
N LEU L 22 -49.29 -5.34 1.68
CA LEU L 22 -48.18 -4.92 2.52
C LEU L 22 -47.09 -4.19 1.75
N LYS L 23 -46.85 -4.60 0.51
CA LYS L 23 -45.89 -3.89 -0.31
C LYS L 23 -46.42 -2.49 -0.54
N GLY L 24 -47.73 -2.31 -0.35
CA GLY L 24 -48.32 -1.00 -0.50
C GLY L 24 -47.73 -0.04 0.52
N ILE L 25 -47.41 -0.56 1.70
CA ILE L 25 -46.95 0.25 2.80
C ILE L 25 -45.57 0.83 2.55
N ARG L 26 -44.60 -0.04 2.28
CA ARG L 26 -43.24 0.37 1.95
C ARG L 26 -43.30 1.50 0.92
N THR L 27 -44.14 1.31 -0.09
CA THR L 27 -44.30 2.27 -1.18
C THR L 27 -44.85 3.62 -0.68
N LEU L 28 -45.72 3.58 0.33
CA LEU L 28 -46.21 4.81 0.93
C LEU L 28 -45.11 5.64 1.60
N TYR L 29 -44.31 5.03 2.47
CA TYR L 29 -43.22 5.78 3.12
C TYR L 29 -42.08 6.12 2.16
N GLU L 30 -41.70 5.18 1.29
CA GLU L 30 -40.63 5.40 0.30
C GLU L 30 -40.95 6.59 -0.60
N TYR L 31 -42.14 7.12 -0.44
CA TYR L 31 -42.58 8.28 -1.18
C TYR L 31 -42.43 9.57 -0.35
N GLU L 32 -42.82 9.49 0.93
CA GLU L 32 -42.69 10.61 1.86
C GLU L 32 -41.23 11.01 2.17
N ASP L 33 -40.27 10.49 1.39
CA ASP L 33 -38.83 10.58 1.71
C ASP L 33 -38.68 10.35 3.20
N ASP L 34 -39.22 9.22 3.63
CA ASP L 34 -39.50 8.91 5.01
C ASP L 34 -39.07 7.47 5.25
N HIS L 35 -38.53 7.20 6.43
CA HIS L 35 -38.05 5.86 6.73
C HIS L 35 -39.19 4.86 6.77
N SER L 36 -39.15 3.86 5.91
CA SER L 36 -40.17 2.81 5.94
C SER L 36 -39.85 1.80 7.02
N PRO L 37 -40.80 1.61 7.94
CA PRO L 37 -40.76 0.56 8.97
C PRO L 37 -40.84 -0.85 8.37
N ILE L 38 -41.25 -0.97 7.11
CA ILE L 38 -41.12 -2.22 6.38
C ILE L 38 -40.02 -2.12 5.34
N GLU L 39 -39.21 -3.16 5.23
CA GLU L 39 -38.03 -3.18 4.37
C GLU L 39 -38.23 -4.19 3.23
N PHE L 40 -38.86 -5.32 3.51
CA PHE L 40 -39.44 -6.16 2.44
C PHE L 40 -40.34 -7.28 2.98
N VAL L 41 -41.09 -7.92 2.09
CA VAL L 41 -42.03 -8.96 2.53
C VAL L 41 -41.85 -10.24 1.77
N THR L 42 -42.18 -11.34 2.43
CA THR L 42 -42.14 -12.63 1.77
C THR L 42 -43.29 -13.51 2.21
N GLY L 43 -43.59 -14.52 1.42
CA GLY L 43 -44.64 -15.43 1.77
C GLY L 43 -44.32 -16.80 1.23
N ARG L 44 -44.98 -17.80 1.79
CA ARG L 44 -44.83 -19.16 1.30
C ARG L 44 -46.15 -19.91 1.53
N VAL L 45 -46.41 -20.96 0.75
CA VAL L 45 -47.48 -21.87 1.08
C VAL L 45 -46.88 -23.15 1.65
N LYS L 46 -47.19 -23.44 2.91
CA LYS L 46 -46.69 -24.61 3.62
C LYS L 46 -46.74 -25.88 2.77
N PRO L 47 -45.57 -26.43 2.38
CA PRO L 47 -45.53 -27.60 1.49
C PRO L 47 -46.27 -28.80 2.10
N VAL L 48 -47.04 -29.52 1.27
CA VAL L 48 -47.94 -30.56 1.76
C VAL L 48 -47.18 -31.60 2.61
N ALA L 49 -45.98 -31.95 2.17
CA ALA L 49 -45.10 -32.80 2.95
C ALA L 49 -44.90 -32.22 4.34
N SER L 50 -44.66 -30.92 4.39
CA SER L 50 -44.39 -30.21 5.63
C SER L 50 -45.67 -29.99 6.45
N ILE L 51 -46.79 -30.43 5.92
CA ILE L 51 -48.07 -30.29 6.60
C ILE L 51 -48.41 -31.54 7.40
N LEU L 52 -48.29 -32.68 6.72
CA LEU L 52 -48.50 -33.98 7.33
C LEU L 52 -47.59 -34.11 8.53
N GLU L 53 -46.30 -33.90 8.31
CA GLU L 53 -45.28 -34.02 9.35
C GLU L 53 -45.60 -33.21 10.61
N LYS L 54 -46.54 -32.28 10.48
CA LYS L 54 -46.82 -31.36 11.57
C LYS L 54 -48.27 -31.48 12.05
N ALA L 55 -49.08 -32.20 11.29
CA ALA L 55 -50.42 -32.56 11.75
C ALA L 55 -50.31 -33.75 12.70
N ARG L 56 -49.41 -34.67 12.37
CA ARG L 56 -49.04 -35.77 13.26
C ARG L 56 -48.56 -35.17 14.58
N ARG L 57 -47.51 -34.35 14.49
CA ARG L 57 -46.91 -33.70 15.66
C ARG L 57 -47.92 -33.11 16.64
N LYS L 58 -48.50 -31.97 16.29
CA LYS L 58 -49.40 -31.26 17.19
C LYS L 58 -50.75 -31.97 17.34
N SER L 59 -50.80 -33.23 16.95
CA SER L 59 -51.97 -34.08 17.17
C SER L 59 -53.25 -33.48 16.59
N ILE L 60 -53.51 -33.77 15.32
CA ILE L 60 -54.70 -33.26 14.66
C ILE L 60 -54.90 -33.96 13.30
N PRO L 61 -56.11 -34.50 13.08
CA PRO L 61 -56.45 -35.36 11.91
C PRO L 61 -56.56 -34.60 10.59
N LEU L 62 -56.63 -35.35 9.49
CA LEU L 62 -56.52 -34.80 8.14
C LEU L 62 -57.81 -34.14 7.64
N HIS L 63 -58.85 -34.10 8.47
CA HIS L 63 -60.13 -33.58 7.99
C HIS L 63 -60.41 -32.14 8.47
N GLU L 64 -59.80 -31.71 9.57
CA GLU L 64 -59.97 -30.33 10.03
C GLU L 64 -58.62 -29.61 10.23
N ILE L 65 -57.74 -29.76 9.25
CA ILE L 65 -56.42 -29.12 9.27
C ILE L 65 -56.47 -27.62 8.98
N GLU L 66 -57.64 -27.10 8.63
CA GLU L 66 -57.78 -25.69 8.34
C GLU L 66 -57.53 -24.84 9.60
N THR L 67 -57.57 -25.50 10.76
CA THR L 67 -57.27 -24.85 12.03
C THR L 67 -55.77 -24.62 12.17
N MET L 68 -54.99 -25.21 11.26
CA MET L 68 -53.53 -25.00 11.22
C MET L 68 -53.24 -23.57 10.77
N GLN L 69 -52.63 -22.81 11.65
CA GLN L 69 -52.56 -21.36 11.48
C GLN L 69 -51.66 -20.88 10.33
N ASP L 70 -50.74 -21.72 9.86
CA ASP L 70 -49.70 -21.21 8.95
C ASP L 70 -49.59 -21.92 7.60
N ILE L 71 -50.70 -22.36 7.03
CA ILE L 71 -50.68 -22.90 5.68
C ILE L 71 -50.42 -21.72 4.75
N ALA L 72 -51.01 -20.58 5.11
CA ALA L 72 -50.70 -19.30 4.49
C ALA L 72 -49.74 -18.53 5.41
N GLY L 73 -48.54 -18.27 4.90
CA GLY L 73 -47.55 -17.54 5.66
C GLY L 73 -46.95 -16.33 4.97
N LEU L 74 -47.04 -15.19 5.64
CA LEU L 74 -46.27 -14.01 5.28
C LEU L 74 -45.25 -13.65 6.37
N ARG L 75 -44.09 -13.16 5.93
CA ARG L 75 -43.02 -12.73 6.83
C ARG L 75 -42.57 -11.30 6.52
N ILE L 76 -42.83 -10.39 7.46
CA ILE L 76 -42.45 -8.99 7.27
C ILE L 76 -41.07 -8.71 7.92
N MET L 77 -40.18 -8.09 7.16
CA MET L 77 -38.82 -7.79 7.63
C MET L 77 -38.63 -6.31 7.95
N CYS L 78 -38.12 -6.01 9.14
CA CYS L 78 -37.85 -4.62 9.54
C CYS L 78 -36.37 -4.33 9.84
N GLN L 79 -35.94 -3.10 9.63
CA GLN L 79 -34.56 -2.75 9.90
C GLN L 79 -34.25 -2.59 11.40
N PHE L 80 -35.21 -2.03 12.13
CA PHE L 80 -35.04 -1.70 13.55
C PHE L 80 -36.07 -2.38 14.42
N VAL L 81 -35.66 -2.80 15.63
CA VAL L 81 -36.53 -3.45 16.60
C VAL L 81 -37.78 -2.62 16.86
N ASP L 82 -37.63 -1.30 16.84
CA ASP L 82 -38.78 -0.45 17.10
C ASP L 82 -39.81 -0.59 15.98
N ASP L 83 -39.33 -0.63 14.73
CA ASP L 83 -40.18 -0.84 13.56
C ASP L 83 -41.24 -1.94 13.74
N ILE L 84 -40.86 -3.02 14.41
CA ILE L 84 -41.76 -4.14 14.65
C ILE L 84 -43.04 -3.73 15.38
N GLN L 85 -42.90 -2.93 16.42
CA GLN L 85 -44.07 -2.52 17.19
C GLN L 85 -45.00 -1.68 16.31
N ILE L 86 -44.44 -0.81 15.47
CA ILE L 86 -45.22 -0.03 14.52
C ILE L 86 -45.90 -0.88 13.43
N VAL L 87 -45.15 -1.77 12.80
CA VAL L 87 -45.71 -2.69 11.83
C VAL L 87 -46.80 -3.53 12.48
N LYS L 88 -46.64 -3.78 13.78
CA LYS L 88 -47.61 -4.59 14.50
C LYS L 88 -48.86 -3.77 14.72
N GLU L 89 -48.71 -2.47 14.89
CA GLU L 89 -49.87 -1.60 15.07
C GLU L 89 -50.66 -1.38 13.78
N MET L 90 -49.97 -1.22 12.66
CA MET L 90 -50.65 -1.04 11.40
C MET L 90 -51.49 -2.28 11.09
N LEU L 91 -51.00 -3.44 11.48
CA LEU L 91 -51.73 -4.69 11.24
C LEU L 91 -53.03 -4.78 12.05
N PHE L 92 -53.01 -4.26 13.27
CA PHE L 92 -54.18 -4.32 14.13
C PHE L 92 -55.24 -3.31 13.68
N ALA L 93 -54.80 -2.19 13.12
CA ALA L 93 -55.71 -1.13 12.63
C ALA L 93 -56.42 -1.46 11.30
N ARG L 94 -55.85 -2.37 10.52
CA ARG L 94 -56.34 -2.65 9.18
C ARG L 94 -57.71 -3.31 9.23
N LYS L 95 -58.52 -3.02 8.20
CA LYS L 95 -59.89 -3.47 8.16
C LYS L 95 -60.08 -4.66 7.21
N ASP L 96 -59.22 -4.79 6.21
CA ASP L 96 -59.40 -5.83 5.21
C ASP L 96 -59.12 -7.22 5.76
N PHE L 97 -58.91 -7.29 7.06
CA PHE L 97 -58.86 -8.56 7.79
C PHE L 97 -58.99 -8.33 9.30
N THR L 98 -58.83 -9.41 10.07
CA THR L 98 -58.91 -9.36 11.53
C THR L 98 -57.95 -10.33 12.23
N VAL L 99 -57.45 -9.92 13.40
CA VAL L 99 -56.40 -10.64 14.10
C VAL L 99 -56.86 -11.90 14.87
N ARG L 115 -38.15 -8.99 19.45
CA ARG L 115 -37.74 -8.77 18.06
C ARG L 115 -38.08 -9.92 17.08
N SER L 116 -39.15 -10.69 17.36
CA SER L 116 -39.62 -11.78 16.48
C SER L 116 -41.07 -12.19 16.75
N TYR L 117 -41.98 -11.23 16.59
CA TYR L 117 -43.42 -11.43 16.81
C TYR L 117 -44.08 -12.25 15.72
N HIS L 118 -45.29 -12.69 15.99
CA HIS L 118 -46.20 -13.08 14.92
C HIS L 118 -47.64 -12.99 15.40
N LEU L 119 -48.51 -12.55 14.51
CA LEU L 119 -49.93 -12.56 14.81
C LEU L 119 -50.64 -13.38 13.73
N VAL L 120 -51.90 -13.73 14.00
CA VAL L 120 -52.69 -14.46 13.01
C VAL L 120 -53.91 -13.68 12.56
N VAL L 121 -54.07 -13.50 11.25
CA VAL L 121 -55.26 -12.83 10.75
C VAL L 121 -56.23 -13.82 10.09
N LEU L 122 -57.51 -13.56 10.26
CA LEU L 122 -58.51 -14.26 9.47
C LEU L 122 -58.76 -13.42 8.21
N TYR L 123 -58.34 -13.92 7.06
CA TYR L 123 -58.46 -13.15 5.82
C TYR L 123 -59.70 -13.51 4.99
N PRO L 124 -60.60 -12.53 4.76
CA PRO L 124 -61.84 -12.73 4.00
C PRO L 124 -61.61 -12.79 2.51
N LEU L 125 -61.31 -13.97 2.00
CA LEU L 125 -61.02 -14.18 0.58
C LEU L 125 -62.28 -14.20 -0.27
N GLN L 126 -62.40 -13.27 -1.22
CA GLN L 126 -63.45 -13.35 -2.24
C GLN L 126 -63.12 -14.44 -3.27
N THR L 127 -63.95 -15.47 -3.37
CA THR L 127 -63.75 -16.49 -4.39
C THR L 127 -64.88 -16.47 -5.42
N VAL L 128 -64.91 -17.50 -6.28
CA VAL L 128 -66.00 -17.69 -7.24
C VAL L 128 -67.25 -18.18 -6.53
N SER L 129 -67.05 -19.15 -5.64
CA SER L 129 -68.12 -19.75 -4.85
C SER L 129 -68.58 -18.85 -3.71
N GLY L 130 -67.96 -17.69 -3.57
CA GLY L 130 -68.34 -16.76 -2.53
C GLY L 130 -67.19 -16.43 -1.60
N GLU L 131 -67.53 -15.96 -0.40
CA GLU L 131 -66.52 -15.60 0.58
C GLU L 131 -65.94 -16.83 1.29
N LYS L 132 -64.64 -16.82 1.54
CA LYS L 132 -64.00 -17.91 2.28
C LYS L 132 -62.89 -17.39 3.18
N HIS L 133 -63.12 -17.44 4.48
CA HIS L 133 -62.16 -16.94 5.46
C HIS L 133 -60.97 -17.90 5.60
N VAL L 134 -59.76 -17.43 5.30
CA VAL L 134 -58.56 -18.25 5.46
C VAL L 134 -57.59 -17.63 6.47
N LEU L 135 -56.93 -18.48 7.25
CA LEU L 135 -55.97 -18.06 8.27
C LEU L 135 -54.61 -17.83 7.68
N VAL L 136 -54.06 -16.66 7.93
CA VAL L 136 -52.69 -16.38 7.53
C VAL L 136 -51.90 -15.93 8.74
N GLU L 137 -50.77 -16.59 8.97
CA GLU L 137 -49.85 -16.21 10.03
C GLU L 137 -48.87 -15.19 9.48
N ILE L 138 -48.76 -14.05 10.14
CA ILE L 138 -47.76 -13.05 9.74
C ILE L 138 -46.67 -12.95 10.80
N GLN L 139 -45.43 -13.17 10.38
CA GLN L 139 -44.24 -13.00 11.23
C GLN L 139 -43.61 -11.61 11.00
N ILE L 140 -43.18 -10.95 12.07
CA ILE L 140 -42.42 -9.71 11.96
C ILE L 140 -41.04 -9.93 12.61
N ARG L 141 -39.98 -9.71 11.82
CA ARG L 141 -38.60 -10.02 12.20
C ARG L 141 -37.68 -8.88 11.80
N THR L 142 -36.65 -8.60 12.61
CA THR L 142 -35.57 -7.70 12.20
C THR L 142 -34.72 -8.43 11.17
N LEU L 143 -34.08 -7.69 10.27
CA LEU L 143 -33.19 -8.29 9.29
C LEU L 143 -32.15 -9.13 9.99
N ALA L 144 -31.63 -8.60 11.09
CA ALA L 144 -30.69 -9.33 11.92
C ALA L 144 -31.27 -10.69 12.32
N MET L 145 -32.26 -10.64 13.21
CA MET L 145 -33.06 -11.79 13.59
C MET L 145 -33.19 -12.78 12.44
N ASN L 146 -33.83 -12.33 11.36
CA ASN L 146 -34.16 -13.18 10.23
C ASN L 146 -32.96 -13.89 9.66
N PHE L 147 -31.82 -13.21 9.62
CA PHE L 147 -30.63 -13.91 9.13
C PHE L 147 -30.24 -15.08 10.06
N TRP L 148 -30.22 -14.87 11.38
CA TRP L 148 -29.97 -16.00 12.29
C TRP L 148 -30.96 -17.15 12.08
N ALA L 149 -32.26 -16.84 12.08
CA ALA L 149 -33.31 -17.85 11.96
C ALA L 149 -33.27 -18.68 10.66
N THR L 150 -32.76 -18.12 9.58
CA THR L 150 -32.65 -18.89 8.34
C THR L 150 -31.73 -20.10 8.51
N ILE L 151 -30.55 -19.87 9.08
CA ILE L 151 -29.57 -20.95 9.23
C ILE L 151 -29.99 -21.95 10.31
N GLU L 152 -30.64 -21.44 11.34
CA GLU L 152 -31.16 -22.30 12.40
C GLU L 152 -32.22 -23.20 11.78
N HIS L 153 -32.97 -22.66 10.83
CA HIS L 153 -33.94 -23.46 10.09
C HIS L 153 -33.26 -24.46 9.16
N SER L 154 -32.26 -24.00 8.41
CA SER L 154 -31.52 -24.87 7.51
C SER L 154 -30.87 -26.04 8.25
N LEU L 155 -30.11 -25.73 9.30
CA LEU L 155 -29.41 -26.74 10.08
C LEU L 155 -30.36 -27.66 10.83
N ASN L 156 -31.43 -27.09 11.38
CA ASN L 156 -32.47 -27.88 12.03
C ASN L 156 -33.09 -28.92 11.08
N TYR L 157 -33.29 -28.54 9.82
CA TYR L 157 -33.73 -29.48 8.79
C TYR L 157 -32.59 -30.42 8.41
N LYS L 158 -31.42 -29.86 8.09
CA LYS L 158 -30.25 -30.63 7.67
C LYS L 158 -29.92 -31.76 8.65
N TYR L 159 -30.12 -31.49 9.94
CA TYR L 159 -29.78 -32.47 10.99
C TYR L 159 -31.04 -33.09 11.61
N SER L 160 -32.19 -32.88 10.98
CA SER L 160 -33.39 -33.64 11.29
C SER L 160 -33.81 -33.58 12.76
N GLY L 161 -33.73 -32.39 13.36
CA GLY L 161 -34.15 -32.19 14.73
C GLY L 161 -33.05 -32.36 15.77
N ASN L 162 -32.04 -33.16 15.43
CA ASN L 162 -30.93 -33.43 16.32
C ASN L 162 -29.63 -32.77 15.83
N ILE L 163 -29.40 -31.54 16.27
CA ILE L 163 -28.22 -30.80 15.83
C ILE L 163 -26.99 -31.11 16.68
N PRO L 164 -25.87 -31.43 16.03
CA PRO L 164 -24.57 -31.71 16.64
C PRO L 164 -24.12 -30.59 17.56
N GLU L 165 -23.85 -30.94 18.82
CA GLU L 165 -23.61 -29.95 19.87
C GLU L 165 -22.57 -28.89 19.53
N LYS L 166 -21.56 -29.27 18.74
CA LYS L 166 -20.51 -28.33 18.34
C LYS L 166 -21.09 -27.28 17.41
N VAL L 167 -22.30 -27.54 16.94
CA VAL L 167 -23.01 -26.65 16.04
C VAL L 167 -23.97 -25.79 16.85
N LYS L 168 -24.77 -26.41 17.71
CA LYS L 168 -25.67 -25.65 18.58
C LYS L 168 -24.94 -24.51 19.31
N LEU L 169 -23.73 -24.77 19.80
CA LEU L 169 -22.93 -23.72 20.44
C LEU L 169 -22.69 -22.58 19.47
N ARG L 170 -22.10 -22.87 18.32
CA ARG L 170 -21.85 -21.83 17.33
C ARG L 170 -23.12 -21.17 16.80
N LEU L 171 -24.24 -21.88 16.81
CA LEU L 171 -25.55 -21.30 16.47
C LEU L 171 -26.01 -20.31 17.53
N GLN L 172 -25.77 -20.68 18.80
CA GLN L 172 -26.16 -19.84 19.95
C GLN L 172 -25.34 -18.55 19.97
N ARG L 173 -24.11 -18.63 19.49
CA ARG L 173 -23.24 -17.46 19.46
C ARG L 173 -23.73 -16.48 18.41
N ALA L 174 -23.99 -16.99 17.20
CA ALA L 174 -24.54 -16.19 16.09
C ALA L 174 -25.81 -15.47 16.52
N SER L 175 -26.62 -16.14 17.34
CA SER L 175 -27.83 -15.54 17.91
C SER L 175 -27.52 -14.34 18.81
N GLU L 176 -26.44 -14.43 19.58
CA GLU L 176 -25.98 -13.29 20.39
C GLU L 176 -25.35 -12.23 19.49
N ALA L 177 -24.63 -12.69 18.47
CA ALA L 177 -24.08 -11.79 17.45
C ALA L 177 -25.19 -10.92 16.83
N ALA L 178 -26.31 -11.54 16.46
CA ALA L 178 -27.45 -10.84 15.88
C ALA L 178 -28.12 -9.90 16.89
N SER L 179 -28.47 -10.41 18.06
CA SER L 179 -28.97 -9.55 19.13
C SER L 179 -28.05 -8.35 19.37
N ARG L 180 -26.73 -8.55 19.26
CA ARG L 180 -25.80 -7.43 19.47
C ARG L 180 -25.92 -6.39 18.36
N LEU L 181 -26.05 -6.85 17.13
CA LEU L 181 -26.18 -5.93 16.00
C LEU L 181 -27.48 -5.13 16.10
N ASP L 182 -28.58 -5.79 16.41
CA ASP L 182 -29.81 -5.05 16.57
C ASP L 182 -29.75 -4.11 17.73
N GLU L 183 -29.02 -4.51 18.78
CA GLU L 183 -28.80 -3.66 19.94
C GLU L 183 -28.04 -2.40 19.49
N GLU L 184 -26.99 -2.60 18.70
CA GLU L 184 -26.22 -1.44 18.25
C GLU L 184 -27.01 -0.58 17.27
N MET L 185 -27.76 -1.21 16.38
CA MET L 185 -28.65 -0.49 15.47
C MET L 185 -29.62 0.39 16.23
N SER L 186 -30.21 -0.16 17.29
CA SER L 186 -31.13 0.60 18.12
C SER L 186 -30.48 1.86 18.65
N GLU L 187 -29.22 1.76 19.08
CA GLU L 187 -28.52 2.90 19.70
C GLU L 187 -28.40 4.05 18.70
N ILE L 188 -28.11 3.71 17.44
CA ILE L 188 -28.07 4.68 16.33
C ILE L 188 -29.37 5.46 16.15
N ARG L 189 -30.44 4.73 15.85
CA ARG L 189 -31.74 5.31 15.50
C ARG L 189 -32.29 6.24 16.56
N GLY L 190 -31.85 6.03 17.80
CA GLY L 190 -32.26 6.88 18.91
C GLY L 190 -31.35 8.08 19.02
N GLU L 191 -30.08 7.86 18.68
CA GLU L 191 -29.07 8.92 18.67
C GLU L 191 -29.41 9.94 17.58
N VAL L 192 -30.01 9.47 16.49
CA VAL L 192 -30.41 10.36 15.41
C VAL L 192 -31.51 11.28 15.90
N GLN L 193 -32.45 10.71 16.64
CA GLN L 193 -33.67 11.42 17.03
C GLN L 193 -33.46 12.41 18.18
N GLU L 194 -32.20 12.77 18.44
CA GLU L 194 -31.89 13.93 19.25
C GLU L 194 -31.46 15.07 18.31
N ALA L 195 -32.34 15.41 17.37
CA ALA L 195 -32.06 16.45 16.38
C ALA L 195 -33.34 17.20 16.02
PG APC M . 8.29 -4.08 -15.51
O1G APC M . 7.78 -4.39 -14.15
O2G APC M . 7.19 -3.37 -16.20
O3G APC M . 9.30 -3.02 -15.28
PB APC M . 10.14 -6.19 -15.89
O1B APC M . 9.97 -7.63 -16.37
O2B APC M . 10.26 -6.18 -14.37
O3B APC M . 8.81 -5.37 -16.29
PA APC M . 13.17 -5.87 -16.02
O1A APC M . 13.13 -6.00 -14.52
O2A APC M . 14.22 -4.85 -16.40
C3A APC M . 11.56 -5.44 -16.76
O5' APC M . 13.63 -7.25 -16.67
C5' APC M . 14.80 -7.92 -16.24
C4' APC M . 14.63 -9.39 -16.50
O4' APC M . 14.33 -10.07 -15.21
C3' APC M . 13.52 -9.75 -17.43
O3' APC M . 14.04 -10.60 -18.46
C2' APC M . 12.54 -10.47 -16.59
O2' APC M . 11.81 -11.47 -17.31
C1' APC M . 13.41 -11.15 -15.59
N9 APC M . 12.74 -11.75 -14.47
C8 APC M . 13.11 -12.94 -13.96
N7 APC M . 12.31 -13.31 -12.89
C5 APC M . 11.41 -12.15 -12.80
C6 APC M . 10.38 -11.81 -11.97
N6 APC M . 10.01 -12.73 -10.93
N1 APC M . 9.76 -10.63 -12.20
C2 APC M . 10.12 -9.79 -13.19
N3 APC M . 11.12 -10.03 -14.05
C4 APC M . 11.74 -11.19 -13.86
H3A1 APC M . 11.56 -5.74 -17.68
H3A2 APC M . 11.46 -4.48 -16.74
H5'1 APC M . 14.93 -7.77 -15.29
H5'2 APC M . 15.57 -7.59 -16.75
H4' APC M . 15.47 -9.75 -16.85
H3' APC M . 13.11 -8.95 -17.81
HO3' APC M . 14.53 -11.24 -18.09
H2' APC M . 11.94 -9.85 -16.15
HO2' APC M . 12.32 -12.18 -17.43
H1' APC M . 13.92 -11.84 -16.04
H8 APC M . 13.82 -13.47 -14.32
HN61 APC M . 9.21 -12.65 -10.51
HN62 APC M . 10.59 -13.39 -10.68
H2 APC M . 9.62 -8.96 -13.29
MG MG N . 8.05 -6.42 -13.84
PG APC O . 42.34 32.13 26.73
O1G APC O . 43.53 32.01 27.62
O2G APC O . 42.84 32.01 25.33
O3G APC O . 41.55 30.89 26.92
PB APC O . 39.98 33.45 26.36
O1B APC O . 39.92 32.31 25.37
O2B APC O . 39.03 33.10 27.49
O3B APC O . 41.48 33.46 26.92
PA APC O . 39.02 34.93 23.93
O1A APC O . 39.02 33.49 23.47
O2A APC O . 39.97 35.74 23.09
C3A APC O . 39.46 35.07 25.68
O5' APC O . 37.55 35.46 23.63
C5' APC O . 37.15 36.72 24.11
C4' APC O . 35.80 36.56 24.75
O4' APC O . 35.40 35.13 24.71
C3' APC O . 35.79 36.97 26.19
O3' APC O . 34.66 37.84 26.41
C2' APC O . 35.64 35.74 26.95
O2' APC O . 34.92 36.01 28.17
C1' APC O . 34.87 34.84 26.04
N9 APC O . 35.01 33.47 26.40
C8 APC O . 36.17 32.87 26.50
N7 APC O . 35.98 31.54 26.88
C5 APC O . 34.52 31.44 27.00
C6 APC O . 33.60 30.44 27.31
N6 APC O . 34.06 29.14 27.65
N1 APC O . 32.27 30.74 27.28
C2 APC O . 31.81 31.95 26.97
N3 APC O . 32.62 32.97 26.65
C4 APC O . 33.95 32.75 26.66
H3A1 APC O . 38.69 35.40 26.18
H3A2 APC O . 40.19 35.71 25.78
H5'1 APC O . 37.09 37.36 23.38
H5'2 APC O . 37.79 37.04 24.79
H4' APC O . 35.15 37.09 24.26
H3' APC O . 36.63 37.42 26.42
HO3' APC O . 34.58 38.39 25.72
H2' APC O . 36.51 35.34 27.15
HO2' APC O . 35.46 35.91 28.87
H1' APC O . 33.94 35.08 26.07
H8 APC O . 37.02 33.27 26.36
HN61 APC O . 33.47 28.45 27.74
HN62 APC O . 34.96 28.99 27.77
H2 APC O . 30.85 32.10 26.98
MG MG P . 39.48 30.56 26.85
PG APC Q . 50.09 -8.57 -6.80
O1G APC Q . 50.87 -8.77 -8.05
O2G APC Q . 50.84 -7.57 -6.01
O3G APC Q . 48.87 -7.95 -7.36
PB APC Q . 49.14 -11.14 -6.88
O1B APC Q . 49.71 -12.48 -6.41
O2B APC Q . 49.51 -10.95 -8.34
O3B APC Q . 49.83 -9.94 -6.04
PA APC Q . 46.77 -9.82 -5.48
O1A APC Q . 46.85 -10.53 -4.14
O2A APC Q . 47.87 -8.87 -5.24
C3A APC Q . 47.35 -11.17 -6.56
O5' APC Q . 45.30 -9.12 -5.99
C5' APC Q . 44.17 -8.71 -5.19
C4' APC Q . 43.18 -9.72 -4.52
O4' APC Q . 43.00 -11.03 -5.16
C3' APC Q . 43.40 -10.19 -3.10
O3' APC Q . 42.15 -10.29 -2.35
C2' APC Q . 43.87 -11.58 -3.08
O2' APC Q . 43.54 -12.28 -1.85
C1' APC Q . 43.13 -12.17 -4.22
N9 APC Q . 43.87 -13.17 -4.91
C8 APC Q . 44.94 -12.78 -5.53
N7 APC Q . 45.55 -13.80 -6.21
C5 APC Q . 44.65 -14.93 -5.98
C6 APC Q . 44.63 -16.28 -6.39
N6 APC Q . 45.67 -16.84 -7.20
N1 APC Q . 43.61 -17.03 -5.98
C2 APC Q . 42.65 -16.53 -5.20
N3 APC Q . 42.58 -15.27 -4.76
C4 APC Q . 43.57 -14.44 -5.13
H3A1 APC Q . 46.89 -11.11 -7.42
H3A2 APC Q . 47.12 -12.03 -6.15
H5'1 APC Q . 43.63 -8.13 -5.77
H5'2 APC Q . 44.53 -8.15 -4.47
H4' APC Q . 42.30 -9.28 -4.53
H3' APC Q . 44.04 -9.61 -2.64
HO3' APC Q . 42.24 -9.88 -1.57
H2' APC Q . 44.83 -11.62 -3.25
HO2' APC Q . 44.28 -12.61 -1.50
H1' APC Q . 42.27 -12.50 -3.94
H8 APC Q . 45.29 -11.89 -5.47
HN61 APC Q . 45.58 -17.69 -7.53
HN62 APC Q . 46.42 -16.35 -7.39
H2 APC Q . 41.93 -17.14 -4.94
MG MG R . 49.53 -13.08 -8.44
MG MG S . 27.17 -33.75 16.45
PG APC T . 28.46 -36.79 17.08
O1G APC T . 29.70 -37.09 17.83
O2G APC T . 27.40 -36.59 18.10
O3G APC T . 28.13 -38.09 16.45
PB APC T . 29.56 -35.63 14.85
O1B APC T . 30.45 -36.79 15.16
O2B APC T . 30.40 -34.37 14.68
O3B APC T . 28.56 -35.51 16.10
PA APC T . 29.21 -37.20 12.29
O1A APC T . 30.33 -37.97 12.90
O2A APC T . 28.04 -38.12 12.05
C3A APC T . 28.56 -35.89 13.34
O5' APC T . 29.65 -36.58 10.88
C5' APC T . 31.00 -36.58 10.49
C4' APC T . 31.27 -35.38 9.65
O4' APC T . 30.22 -34.37 9.82
C3' APC T . 32.54 -34.74 10.04
O3' APC T . 33.22 -34.31 8.82
C2' APC T . 32.16 -33.59 10.85
O2' APC T . 33.23 -32.63 10.78
C1' APC T . 30.89 -33.12 10.22
N9 APC T . 30.00 -32.39 11.07
C8 APC T . 29.63 -32.87 12.21
N7 APC T . 28.75 -32.01 12.84
C5 APC T . 28.65 -30.90 11.90
C6 APC T . 27.94 -29.70 11.86
N6 APC T . 27.12 -29.29 12.94
N1 APC T . 28.09 -28.93 10.77
C2 APC T . 28.87 -29.27 9.73
N3 APC T . 29.58 -30.42 9.69
C4 APC T . 29.48 -31.23 10.76
H3A1 APC T . 27.65 -36.11 13.60
H3A2 APC T . 28.55 -35.05 12.83
H5'1 APC T . 31.20 -37.39 9.98
H5'2 APC T . 31.58 -36.56 11.29
H4' APC T . 31.32 -35.65 8.70
H3' APC T . 33.10 -35.35 10.55
HO3' APC T . 33.58 -35.02 8.41
H2' APC T . 32.00 -33.87 11.77
HO2' APC T . 33.97 -33.02 10.51
H1' APC T . 31.09 -32.59 9.44
H8 APC T . 29.93 -33.70 12.58
HN61 APC T . 26.65 -28.51 12.90
HN62 APC T . 27.04 -29.82 13.69
H2 APC T . 28.93 -28.67 8.98
PG APC U . -2.42 12.91 13.69
O1G APC U . -1.83 11.61 14.09
O2G APC U . -3.14 12.61 12.43
O3G APC U . -3.48 13.09 14.73
PB APC U . -1.88 15.53 13.32
O1B APC U . -1.66 15.73 11.81
O2B APC U . -3.30 15.46 13.77
O3B APC U . -1.31 14.08 13.64
PA APC U . -2.29 17.60 15.57
O1A APC U . -1.66 16.87 16.75
O2A APC U . -3.76 17.29 15.60
C3A APC U . -1.31 17.03 14.15
O5' APC U . -2.08 19.17 15.73
C5' APC U . -2.35 19.99 14.61
C4' APC U . -1.12 20.65 14.03
O4' APC U . 0.13 19.92 14.30
C3' APC U . -1.25 20.73 12.55
O3' APC U . -1.17 22.12 12.15
C2' APC U . -0.16 19.93 11.97
O2' APC U . 0.27 20.52 10.72
C1' APC U . 0.90 19.95 13.04
N9 APC U . 1.85 18.88 12.95
C8 APC U . 1.57 17.61 13.02
N7 APC U . 2.69 16.83 12.89
C5 APC U . 3.73 17.83 12.71
C6 APC U . 5.11 17.80 12.54
N6 APC U . 5.82 16.57 12.47
N1 APC U . 5.74 18.97 12.42
C2 APC U . 5.11 20.16 12.46
N3 APC U . 3.80 20.27 12.63
C4 APC U . 3.10 19.14 12.75
H3A1 APC U . -0.39 16.87 14.46
H3A2 APC U . -1.29 17.76 13.50
H5'1 APC U . -2.97 20.69 14.87
H5'2 APC U . -2.76 19.44 13.91
H4' APC U . -1.05 21.56 14.39
H3' APC U . -2.11 20.36 12.27
HO3' APC U . -1.70 22.61 12.68
H2' APC U . -0.46 19.01 11.82
HO2' APC U . -0.20 21.26 10.57
H1' APC U . 1.37 20.79 12.98
H8 APC U . 0.68 17.26 13.14
HN61 APC U . 6.72 16.56 12.43
HN62 APC U . 5.36 15.78 12.47
H2 APC U . 5.64 20.96 12.36
MG MG V . 0.52 12.26 13.79
PG APC W . -46.68 -30.38 -29.67
O1G APC W . -45.30 -30.85 -29.93
O2G APC W . -47.50 -30.75 -30.87
O3G APC W . -47.11 -31.31 -28.59
PB APC W . -47.70 -28.26 -28.14
O1B APC W . -48.86 -29.22 -28.07
O2B APC W . -48.26 -26.91 -28.60
O3B APC W . -46.66 -28.84 -29.23
PA APC W . -48.18 -28.46 -25.19
O1A APC W . -48.02 -29.86 -24.66
O2A APC W . -49.52 -28.27 -25.84
C3A APC W . -46.92 -28.16 -26.47
O5' APC W . -48.14 -27.45 -23.95
C5' APC W . -49.35 -26.91 -23.41
C4' APC W . -49.50 -25.44 -23.71
O4' APC W . -48.21 -24.84 -24.07
C3' APC W . -50.42 -25.16 -24.84
O3' APC W . -51.56 -24.42 -24.35
C2' APC W . -49.70 -24.33 -25.82
O2' APC W . -50.55 -23.22 -26.21
C1' APC W . -48.47 -23.85 -25.11
N9 APC W . -47.32 -23.74 -25.94
C8 APC W . -46.87 -24.72 -26.70
N7 APC W . -45.73 -24.33 -27.39
C5 APC W . -45.54 -22.95 -26.92
C6 APC W . -44.60 -21.94 -27.16
N6 APC W . -43.51 -22.14 -28.06
N1 APC W . -44.76 -20.77 -26.50
C2 APC W . -45.76 -20.54 -25.65
N3 APC W . -46.70 -21.45 -25.36
C4 APC W . -46.60 -22.64 -25.99
H3A1 APC W . -46.23 -28.85 -26.39
H3A2 APC W . -46.53 -27.28 -26.34
H5'1 APC W . -49.34 -27.03 -22.44
H5'2 APC W . -50.11 -27.39 -23.79
H4' APC W . -49.84 -24.99 -22.92
H3' APC W . -50.71 -25.99 -25.26
HO3' APC W . -51.90 -24.83 -23.65
H2' APC W . -49.46 -24.86 -26.60
HO2' APC W . -50.75 -23.28 -27.07
H1' APC W . -48.65 -22.99 -24.71
H8 APC W . -47.29 -25.58 -26.78
HN61 APC W . -42.88 -21.48 -28.16
HN62 APC W . -43.44 -22.92 -28.52
H2 APC W . -45.81 -19.67 -25.22
MG MG X . -45.00 -27.45 -29.51
PG APC Y . 19.74 43.77 -6.89
O1G APC Y . 20.48 43.80 -8.17
O2G APC Y . 18.30 43.61 -7.30
O3G APC Y . 19.83 45.17 -6.36
PB APC Y . 19.27 42.12 -4.73
O1B APC Y . 18.69 40.81 -5.24
O2B APC Y . 18.13 43.13 -4.52
O3B APC Y . 20.25 42.68 -5.86
PA APC Y . 21.57 40.73 -3.51
O1A APC Y . 21.19 39.96 -4.76
O2A APC Y . 22.75 41.61 -3.85
C3A APC Y . 20.23 41.89 -3.17
O5' APC Y . 22.01 39.75 -2.32
C5' APC Y . 21.67 38.36 -2.37
C4' APC Y . 20.53 38.05 -1.43
O4' APC Y . 19.76 39.25 -1.00
C3' APC Y . 19.51 37.14 -2.04
O3' APC Y . 19.32 36.02 -1.14
C2' APC Y . 18.29 37.97 -2.17
O2' APC Y . 17.06 37.21 -2.29
C1' APC Y . 18.37 38.80 -0.94
N9 APC Y . 17.46 39.88 -0.90
C8 APC Y . 17.45 40.83 -1.80
N7 APC Y . 16.48 41.77 -1.55
C5 APC Y . 15.86 41.24 -0.33
C6 APC Y . 14.81 41.66 0.51
N6 APC Y . 14.09 42.85 0.18
N1 APC Y . 14.53 40.91 1.58
C2 APC Y . 15.20 39.79 1.87
N3 APC Y . 16.22 39.31 1.12
C4 APC Y . 16.56 40.01 0.04
H3A1 APC Y . 20.60 42.74 -2.87
H3A2 APC Y . 19.64 41.52 -2.47
H5'1 APC Y . 22.44 37.82 -2.11
H5'2 APC Y . 21.41 38.11 -3.28
H4' APC Y . 20.89 37.61 -0.63
H3' APC Y . 19.80 36.83 -2.92
HO3' APC Y . 20.05 35.52 -1.14
H2' APC Y . 18.38 38.55 -2.95
HO2' APC Y . 16.49 37.65 -2.80
H1' APC Y . 18.24 38.24 -0.16
H8 APC Y . 18.04 40.86 -2.55
HN61 APC Y . 13.41 43.12 0.72
HN62 APC Y . 14.32 43.33 -0.56
H2 APC Y . 14.94 39.29 2.66
MG MG Z . 17.22 45.31 -4.84
PG APC AA . 4.36 46.17 41.55
O1G APC AA . 4.54 47.07 42.71
O2G APC AA . 4.47 47.03 40.35
O3G APC AA . 2.92 45.79 41.55
PB APC AA . 6.17 44.41 40.31
O1B APC AA . 7.64 44.79 40.43
O2B APC AA . 5.64 45.06 39.05
O3B APC AA . 5.31 44.92 41.55
PA APC AA . 4.94 41.84 39.16
O1A APC AA . 3.99 40.83 39.74
O2A APC AA . 4.09 42.92 38.53
C3A APC AA . 6.09 42.58 40.40
O5' APC AA . 5.92 41.08 38.15
C5' APC AA . 6.70 40.03 38.72
C4' APC AA . 8.02 39.93 38.01
O4' APC AA . 8.07 40.94 36.92
C3' APC AA . 9.17 40.19 38.92
O3' APC AA . 10.19 39.19 38.65
C2' APC AA . 9.62 41.55 38.59
O2' APC AA . 11.04 41.74 38.89
C1' APC AA . 9.33 41.68 37.12
N9 APC AA . 9.23 43.04 36.71
C8 APC AA . 8.45 43.92 37.30
N7 APC AA . 8.55 45.16 36.68
C5 APC AA . 9.54 44.89 35.61
C6 APC AA . 10.14 45.65 34.59
N6 APC AA . 9.85 47.03 34.44
N1 APC AA . 11.01 45.02 33.78
C2 APC AA . 11.34 43.74 33.90
N3 APC AA . 10.80 42.95 34.86
C4 APC AA . 9.92 43.50 35.70
H3A1 APC AA . 6.97 42.21 40.25
H3A2 APC AA . 5.78 42.33 41.29
H5'1 APC AA . 6.22 39.18 38.61
H5'2 APC AA . 6.85 40.20 39.68
H4' APC AA . 8.11 39.04 37.63
H3' APC AA . 8.89 40.14 39.86
HO3' APC AA . 9.91 38.41 38.91
H2' APC AA . 9.10 42.20 39.09
HO2' APC AA . 11.48 41.93 38.13
H1' APC AA . 10.03 41.25 36.62
H8 APC AA . 7.88 43.74 38.05
HN61 APC AA . 10.21 47.50 33.73
HN62 APC AA . 9.31 47.46 35.02
H2 APC AA . 11.98 43.35 33.28
MG MG BA . 5.97 47.32 39.17
PG APC CA . 18.31 -44.62 -23.76
O1G APC CA . 18.88 -45.86 -23.16
O2G APC CA . 19.52 -43.91 -24.24
O3G APC CA . 17.60 -45.00 -25.02
PB APC CA . 17.85 -42.52 -21.99
O1B APC CA . 18.75 -41.74 -22.96
O2B APC CA . 16.64 -41.69 -21.65
O3B APC CA . 17.39 -43.86 -22.71
PA APC CA . 17.73 -42.63 -19.05
O1A APC CA . 18.28 -43.23 -17.78
O2A APC CA . 16.39 -43.29 -19.30
C3A APC CA . 18.80 -42.93 -20.48
O5' APC CA . 17.46 -41.07 -18.85
C5' APC CA . 16.57 -40.71 -17.83
C4' APC CA . 16.57 -39.22 -17.66
O4' APC CA . 17.84 -38.69 -18.15
C3' APC CA . 15.52 -38.52 -18.45
O3' APC CA . 15.04 -37.39 -17.67
C2' APC CA . 16.18 -38.07 -19.67
O2' APC CA . 15.46 -36.94 -20.23
C1' APC CA . 17.55 -37.69 -19.19
N9 APC CA . 18.56 -37.69 -20.18
C8 APC CA . 18.78 -38.70 -20.98
N7 APC CA . 19.82 -38.42 -21.84
C5 APC CA . 20.22 -37.08 -21.43
C6 APC CA . 21.21 -36.18 -21.85
N6 APC CA . 22.10 -36.52 -22.91
N1 APC CA . 21.28 -35.01 -21.19
C2 APC CA . 20.46 -34.67 -20.18
N3 APC CA . 19.49 -35.47 -19.72
C4 APC CA . 19.37 -36.67 -20.34
H3A1 APC CA . 19.07 -43.87 -20.50
H3A2 APC CA . 19.60 -42.36 -20.42
H5'1 APC CA . 16.84 -41.12 -16.99
H5'2 APC CA . 15.66 -41.01 -18.06
H4' APC CA . 16.46 -39.00 -16.71
H3' APC CA . 14.79 -39.14 -18.66
HO3' APC CA . 14.49 -37.68 -17.04
H2' APC CA . 16.25 -38.79 -20.31
HO2' APC CA . 16.02 -36.28 -20.39
H1' APC CA . 17.51 -36.81 -18.78
H8 APC CA . 18.26 -39.51 -20.98
HN61 APC CA . 22.73 -35.91 -23.19
HN62 APC CA . 22.04 -37.33 -23.32
H2 APC CA . 20.58 -33.79 -19.78
MG MG DA . 19.43 -41.00 -24.60
PG APC EA . -61.84 8.91 -21.03
O1G APC EA . -62.69 9.11 -19.81
O2G APC EA . -62.63 9.36 -22.19
O3G APC EA . -60.89 10.05 -21.02
PB APC EA . -59.72 7.19 -21.65
O1B APC EA . -59.58 5.81 -22.28
O2B APC EA . -59.56 8.26 -22.70
O3B APC EA . -61.20 7.44 -21.05
PA APC EA . -56.81 7.92 -21.00
O1A APC EA . -56.31 8.98 -20.08
O2A APC EA . -56.87 8.50 -22.38
C3A APC EA . -58.42 7.32 -20.39
O5' APC EA . -55.74 6.74 -21.02
C5' APC EA . -55.40 6.20 -22.29
C4' APC EA . -54.92 4.80 -22.14
O4' APC EA . -55.46 4.17 -20.92
C3' APC EA . -55.43 4.01 -23.29
O3' APC EA . -54.38 3.09 -23.72
C2' APC EA . -56.58 3.31 -22.75
O2' APC EA . -56.83 2.12 -23.54
C1' APC EA . -56.24 3.02 -21.34
N9 APC EA . -57.34 2.86 -20.47
C8 APC EA . -58.31 3.73 -20.36
N7 APC EA . -59.28 3.30 -19.46
C5 APC EA . -58.74 1.99 -19.02
C6 APC EA . -59.12 0.99 -18.11
N6 APC EA . -60.33 1.07 -17.37
N1 APC EA . -58.33 -0.09 -17.97
C2 APC EA . -57.20 -0.23 -18.65
N3 APC EA . -56.75 0.68 -19.53
C4 APC EA . -57.48 1.78 -19.72
H3A1 APC EA . -58.73 7.92 -19.69
H3A2 APC EA . -58.29 6.43 -20.00
H5'1 APC EA . -54.68 6.74 -22.68
H5'2 APC EA . -56.18 6.23 -22.88
H4' APC EA . -53.95 4.77 -22.13
H3' APC EA . -55.68 4.60 -24.02
HO3' APC EA . -53.64 3.56 -23.89
H2' APC EA . -57.36 3.89 -22.80
HO2' APC EA . -56.82 1.41 -23.01
H1' APC EA . -55.68 2.23 -21.29
H8 APC EA . -58.36 4.56 -20.85
HN61 APC EA . -60.53 0.43 -16.74
HN62 APC EA . -60.90 1.76 -17.51
H2 APC EA . -56.67 -1.04 -18.52
MG MG FA . -61.72 6.25 -19.45
PG APC GA . -20.61 6.16 -6.18
O1G APC GA . -19.37 6.23 -5.39
O2G APC GA . -20.33 5.03 -7.11
O3G APC GA . -20.52 7.41 -6.99
PB APC GA . -22.93 4.74 -5.51
O1B APC GA . -22.33 3.52 -4.84
O2B APC GA . -23.06 4.44 -7.00
O3B APC GA . -21.97 6.02 -5.36
PA APC GA . -25.65 5.98 -5.93
O1A APC GA . -25.79 5.40 -7.32
O2A APC GA . -24.99 7.32 -6.14
C3A APC GA . -24.60 5.03 -4.80
O5' APC GA . -27.05 6.10 -5.14
C5' APC GA . -28.21 5.30 -5.30
C4' APC GA . -28.20 3.89 -4.76
O4' APC GA . -27.37 3.05 -5.62
C3' APC GA . -27.69 3.61 -3.39
O3' APC GA . -28.82 3.35 -2.52
C2' APC GA . -26.87 2.38 -3.49
O2' APC GA . -27.25 1.43 -2.46
C1' APC GA . -27.14 1.83 -4.84
N9 APC GA . -26.13 1.12 -5.52
C8 APC GA . -24.95 1.66 -5.79
N7 APC GA . -24.14 0.77 -6.49
C5 APC GA . -25.00 -0.38 -6.63
C6 APC GA . -24.86 -1.63 -7.23
N6 APC GA . -23.64 -1.96 -7.87
N1 APC GA . -25.91 -2.47 -7.19
C2 APC GA . -27.07 -2.15 -6.60
N3 APC GA . -27.30 -0.97 -5.99
C4 APC GA . -26.28 -0.09 -6.00
H3A1 APC GA . -25.02 4.17 -4.62
H3A2 APC GA . -24.50 5.52 -3.96
H5'1 APC GA . -28.40 5.24 -6.26
H5'2 APC GA . -28.96 5.76 -4.87
H4' APC GA . -29.11 3.55 -4.81
H3' APC GA . -27.16 4.36 -3.06
HO3' APC GA . -29.38 4.05 -2.54
H2' APC GA . -25.91 2.61 -3.40
HO2' APC GA . -27.58 1.87 -1.76
H1' APC GA . -27.96 1.29 -4.82
H8 APC GA . -24.67 2.53 -5.51
HN61 APC GA . -23.54 -2.78 -8.27
HN62 APC GA . -22.94 -1.35 -7.88
H2 APC GA . -27.78 -2.81 -6.58
MG MG HA . -20.69 3.23 -7.07
PG APC IA . -43.92 -24.34 11.92
O1G APC IA . -42.92 -24.55 13.00
O2G APC IA . -44.29 -25.69 11.40
O3G APC IA . -45.14 -23.91 12.67
PB APC IA . -42.27 -23.84 9.78
O1B APC IA . -41.99 -25.29 10.12
O2B APC IA . -41.04 -22.95 10.02
O3B APC IA . -43.46 -23.36 10.76
PA APC IA . -42.12 -25.05 7.05
O1A APC IA . -41.01 -25.74 7.78
O2A APC IA . -43.20 -26.05 6.74
C3A APC IA . -42.79 -23.71 8.04
O5' APC IA . -41.55 -24.40 5.68
C5' APC IA . -40.22 -23.90 5.73
C4' APC IA . -40.04 -22.51 5.19
O4' APC IA . -41.25 -21.66 5.25
C3' APC IA . -39.02 -21.82 6.03
O3' APC IA . -38.20 -20.93 5.24
C2' APC IA . -39.81 -21.06 7.00
O2' APC IA . -39.03 -20.00 7.63
C1' APC IA . -40.86 -20.51 6.10
N9 APC IA . -41.95 -19.92 6.80
C8 APC IA . -42.54 -20.40 7.87
N7 APC IA . -43.55 -19.57 8.32
C5 APC IA . -43.47 -18.47 7.34
C6 APC IA . -44.17 -17.27 7.12
N6 APC IA . -45.23 -16.87 7.97
N1 APC IA . -43.79 -16.52 6.08
C2 APC IA . -42.80 -16.83 5.24
N3 APC IA . -42.08 -17.97 5.35
C4 APC IA . -42.41 -18.77 6.39
H3A1 APC IA . -43.77 -23.74 8.00
H3A2 APC IA . -42.49 -22.86 7.68
H5'1 APC IA . -39.65 -24.50 5.23
H5'2 APC IA . -39.93 -23.90 6.67
H4' APC IA . -39.71 -22.57 4.26
H3' APC IA . -38.46 -22.48 6.50
HO3' APC IA . -37.97 -21.32 4.48
H2' APC IA . -40.19 -21.65 7.67
HO2' APC IA . -38.84 -19.38 7.03
H1' APC IA . -40.46 -19.84 5.54
H8 APC IA . -42.31 -21.24 8.30
HN61 APC IA . -45.68 -16.09 7.81
HN62 APC IA . -45.48 -17.40 8.67
H2 APC IA . -42.60 -16.23 4.51
MG MG JA . -45.43 -21.75 11.30
#